data_4GHK
#
_entry.id   4GHK
#
_cell.length_a   85.410
_cell.length_b   142.460
_cell.length_c   154.760
_cell.angle_alpha   90.00
_cell.angle_beta   90.00
_cell.angle_gamma   90.00
#
_symmetry.space_group_name_H-M   'P 21 21 21'
#
loop_
_entity.id
_entity.type
_entity.pdbx_description
1 polymer 'Gamma-glutamyl phosphate reductase'
2 water water
#
_entity_poly.entity_id   1
_entity_poly.type   'polypeptide(L)'
_entity_poly.pdbx_seq_one_letter_code
;MAHHHHHHMGTLEAQTQGPGSMDIDQYMTDVGRRARRASRSIARASTAAKNAALEAVARAIERDAGALKAANARDVARAK
DKGLDAAFVDRLTLSDKALKTMVEGLRQVATLPDPIGEMSNLKYRPSGIQVGQMRVPLGVIGIIYESRPNVTIDAAALCL
KSGNATILRGGSEALESNTALAKLIGEGLAEAGLPQDTVQVVETADRAAVGRLITMTEYVDVIVPRGGKSLIERLINEAR
VPMIKHLDGICHVYVDDRASVTKALTVCDNAKTHRYGTCNTMETLLVARGIAPAVLSPLGRLYREKGVELRVDADARAVL
EAAGVGPLVDATDEDWRTEYLAPVLAIKIVDGIDAAIEHINEYGSHHTDAIVTEDHDRAMRFLREVDSASVMVNASTRFA
DGFEFGLGAEIGISNDKLHARGPVGLEGLTSLKYVVLGHGEGRQ
;
_entity_poly.pdbx_strand_id   A,B,C,D
#
# COMPACT_ATOMS: atom_id res chain seq x y z
N ASP A 23 42.83 -25.23 -2.50
CA ASP A 23 42.96 -23.78 -2.64
C ASP A 23 41.65 -23.17 -3.15
N ILE A 24 41.03 -23.80 -4.13
CA ILE A 24 39.74 -23.35 -4.63
C ILE A 24 38.72 -23.27 -3.51
N ASP A 25 38.77 -24.26 -2.62
CA ASP A 25 37.85 -24.31 -1.48
C ASP A 25 38.13 -23.25 -0.43
N GLN A 26 39.40 -23.07 -0.10
CA GLN A 26 39.78 -22.04 0.86
C GLN A 26 39.43 -20.66 0.28
N TYR A 27 39.61 -20.52 -1.02
CA TYR A 27 39.36 -19.26 -1.70
C TYR A 27 37.88 -18.92 -1.68
N MET A 28 37.04 -19.91 -1.97
CA MET A 28 35.60 -19.70 -1.97
C MET A 28 35.05 -19.37 -0.57
N THR A 29 35.60 -20.00 0.46
CA THR A 29 35.19 -19.70 1.83
C THR A 29 35.55 -18.26 2.18
N ASP A 30 36.80 -17.90 1.90
CA ASP A 30 37.28 -16.53 2.08
C ASP A 30 36.36 -15.52 1.36
N VAL A 31 36.04 -15.80 0.10
CA VAL A 31 35.12 -14.96 -0.67
C VAL A 31 33.80 -14.77 0.08
N GLY A 32 33.24 -15.87 0.58
CA GLY A 32 32.00 -15.79 1.36
C GLY A 32 32.13 -14.92 2.60
N ARG A 33 33.18 -15.15 3.37
CA ARG A 33 33.44 -14.35 4.57
C ARG A 33 33.58 -12.86 4.28
N ARG A 34 34.28 -12.53 3.20
CA ARG A 34 34.45 -11.12 2.78
C ARG A 34 33.13 -10.48 2.40
N ALA A 35 32.30 -11.25 1.68
CA ALA A 35 30.98 -10.77 1.30
C ALA A 35 30.14 -10.45 2.53
N ARG A 36 30.19 -11.34 3.53
CA ARG A 36 29.42 -11.14 4.76
C ARG A 36 29.87 -9.88 5.50
N ARG A 37 31.18 -9.73 5.62
CA ARG A 37 31.77 -8.55 6.26
C ARG A 37 31.38 -7.27 5.52
N ALA A 38 31.48 -7.30 4.19
CA ALA A 38 31.16 -6.13 3.39
C ALA A 38 29.68 -5.79 3.47
N SER A 39 28.85 -6.81 3.60
CA SER A 39 27.40 -6.60 3.55
C SER A 39 26.92 -5.57 4.58
N ARG A 40 27.63 -5.46 5.71
CA ARG A 40 27.25 -4.50 6.75
C ARG A 40 27.41 -3.07 6.27
N SER A 41 28.51 -2.80 5.58
CA SER A 41 28.79 -1.44 5.12
C SER A 41 27.83 -1.03 4.03
N ILE A 42 27.58 -1.93 3.07
CA ILE A 42 26.70 -1.59 1.96
C ILE A 42 25.22 -1.54 2.41
N ALA A 43 24.84 -2.40 3.33
CA ALA A 43 23.46 -2.34 3.85
C ALA A 43 23.19 -0.98 4.49
N ARG A 44 24.24 -0.42 5.11
CA ARG A 44 24.17 0.83 5.87
C ARG A 44 24.26 2.05 4.96
N ALA A 45 24.86 1.85 3.79
CA ALA A 45 25.26 2.96 2.92
C ALA A 45 24.07 3.78 2.48
N SER A 46 24.26 5.10 2.41
CA SER A 46 23.17 6.01 2.03
C SER A 46 22.86 5.90 0.55
N THR A 47 21.71 6.42 0.16
CA THR A 47 21.34 6.53 -1.25
C THR A 47 22.41 7.28 -2.05
N ALA A 48 22.89 8.40 -1.50
CA ALA A 48 23.89 9.20 -2.19
C ALA A 48 25.17 8.40 -2.47
N ALA A 49 25.62 7.64 -1.48
CA ALA A 49 26.89 6.92 -1.60
C ALA A 49 26.74 5.79 -2.60
N LYS A 50 25.59 5.13 -2.58
CA LYS A 50 25.33 4.05 -3.52
C LYS A 50 25.26 4.56 -4.95
N ASN A 51 24.46 5.61 -5.18
CA ASN A 51 24.38 6.21 -6.51
C ASN A 51 25.72 6.77 -6.97
N ALA A 52 26.53 7.25 -6.03
CA ALA A 52 27.85 7.80 -6.39
C ALA A 52 28.81 6.68 -6.82
N ALA A 53 28.71 5.53 -6.15
CA ALA A 53 29.47 4.35 -6.56
C ALA A 53 29.12 3.98 -8.01
N LEU A 54 27.81 3.93 -8.29
CA LEU A 54 27.30 3.64 -9.63
C LEU A 54 27.86 4.60 -10.66
N GLU A 55 27.69 5.90 -10.42
CA GLU A 55 28.21 6.92 -11.33
C GLU A 55 29.75 6.86 -11.47
N ALA A 56 30.44 6.43 -10.42
CA ALA A 56 31.90 6.36 -10.50
C ALA A 56 32.34 5.19 -11.37
N VAL A 57 31.69 4.04 -11.18
CA VAL A 57 31.91 2.89 -12.07
C VAL A 57 31.69 3.29 -13.53
N ALA A 58 30.61 4.02 -13.78
CA ALA A 58 30.25 4.45 -15.13
C ALA A 58 31.29 5.38 -15.75
N ARG A 59 32.05 6.09 -14.93
CA ARG A 59 33.10 6.99 -15.43
C ARG A 59 34.42 6.23 -15.57
N ALA A 60 34.64 5.26 -14.70
CA ALA A 60 35.86 4.45 -14.77
C ALA A 60 35.85 3.55 -16.00
N ILE A 61 34.66 3.16 -16.45
CA ILE A 61 34.52 2.42 -17.69
C ILE A 61 34.85 3.34 -18.87
N GLU A 62 34.40 4.59 -18.78
CA GLU A 62 34.70 5.57 -19.83
C GLU A 62 36.19 5.90 -19.95
N ARG A 63 36.92 5.84 -18.83
CA ARG A 63 38.35 6.18 -18.81
C ARG A 63 39.29 5.02 -19.17
N ASP A 64 39.00 3.82 -18.65
CA ASP A 64 39.85 2.65 -18.88
C ASP A 64 39.34 1.76 -20.00
N ALA A 65 38.50 2.33 -20.86
CA ALA A 65 37.85 1.61 -21.97
C ALA A 65 38.81 0.84 -22.89
N GLY A 66 39.93 1.46 -23.23
CA GLY A 66 40.95 0.81 -24.04
C GLY A 66 41.52 -0.43 -23.39
N ALA A 67 42.01 -0.29 -22.16
CA ALA A 67 42.53 -1.41 -21.40
C ALA A 67 41.48 -2.48 -21.15
N LEU A 68 40.21 -2.09 -21.28
CA LEU A 68 39.08 -3.01 -21.12
C LEU A 68 38.79 -3.73 -22.43
N LYS A 69 38.70 -2.96 -23.51
CA LYS A 69 38.38 -3.51 -24.82
C LYS A 69 39.48 -4.44 -25.29
N ALA A 70 40.66 -4.30 -24.70
CA ALA A 70 41.82 -5.13 -25.06
C ALA A 70 41.69 -6.52 -24.44
N ALA A 71 41.27 -6.55 -23.18
CA ALA A 71 41.02 -7.80 -22.49
C ALA A 71 39.92 -8.59 -23.19
N ASN A 72 38.84 -7.90 -23.58
CA ASN A 72 37.74 -8.51 -24.30
C ASN A 72 38.22 -9.12 -25.61
N ALA A 73 39.07 -8.39 -26.32
CA ALA A 73 39.67 -8.88 -27.57
C ALA A 73 40.45 -10.16 -27.32
N ARG A 74 41.28 -10.16 -26.27
CA ARG A 74 42.07 -11.32 -25.90
C ARG A 74 41.20 -12.44 -25.29
N ASP A 75 39.92 -12.14 -25.11
CA ASP A 75 38.91 -13.13 -24.71
C ASP A 75 38.10 -13.59 -25.92
N VAL A 76 37.65 -12.63 -26.73
CA VAL A 76 36.82 -12.92 -27.91
C VAL A 76 37.60 -13.80 -28.87
N ALA A 77 38.90 -13.58 -28.96
CA ALA A 77 39.76 -14.48 -29.72
C ALA A 77 39.67 -15.89 -29.13
N ARG A 78 40.19 -16.06 -27.92
CA ARG A 78 40.24 -17.38 -27.26
C ARG A 78 38.89 -18.09 -27.22
N ASP A 85 32.37 -20.70 -31.49
CA ASP A 85 31.05 -20.89 -32.08
C ASP A 85 30.43 -19.58 -32.53
N ALA A 86 29.10 -19.49 -32.41
CA ALA A 86 28.32 -18.33 -32.83
C ALA A 86 26.87 -18.53 -32.38
N ALA A 87 26.14 -17.45 -32.12
CA ALA A 87 26.70 -16.11 -32.04
C ALA A 87 27.11 -15.86 -30.59
N PHE A 88 27.87 -16.82 -30.07
CA PHE A 88 28.48 -16.75 -28.76
C PHE A 88 29.47 -15.59 -28.75
N VAL A 89 30.23 -15.48 -29.85
CA VAL A 89 31.27 -14.47 -29.99
C VAL A 89 30.74 -13.03 -30.04
N ASP A 90 29.54 -12.85 -30.59
CA ASP A 90 28.90 -11.55 -30.61
C ASP A 90 28.37 -11.16 -29.22
N ARG A 91 27.71 -12.09 -28.55
CA ARG A 91 27.22 -11.85 -27.19
C ARG A 91 28.39 -11.60 -26.23
N LEU A 92 29.52 -12.25 -26.52
CA LEU A 92 30.75 -12.09 -25.74
C LEU A 92 31.51 -10.78 -26.07
N THR A 93 31.23 -10.22 -27.24
CA THR A 93 31.97 -9.04 -27.74
C THR A 93 31.53 -7.74 -27.08
N LEU A 94 32.44 -7.10 -26.37
CA LEU A 94 32.16 -5.80 -25.77
C LEU A 94 32.27 -4.70 -26.82
N SER A 95 31.24 -4.62 -27.66
CA SER A 95 31.18 -3.64 -28.74
C SER A 95 31.04 -2.22 -28.19
N ASP A 96 31.33 -1.24 -29.04
CA ASP A 96 31.15 0.16 -28.69
C ASP A 96 29.68 0.57 -28.81
N LYS A 97 28.79 -0.36 -28.46
CA LYS A 97 27.36 -0.12 -28.39
C LYS A 97 26.87 -0.81 -27.13
N ALA A 98 27.65 -1.79 -26.69
CA ALA A 98 27.35 -2.53 -25.47
C ALA A 98 28.04 -1.84 -24.28
N LEU A 99 29.15 -1.16 -24.57
CA LEU A 99 29.84 -0.38 -23.55
C LEU A 99 29.04 0.89 -23.24
N LYS A 100 28.39 1.44 -24.26
CA LYS A 100 27.47 2.56 -24.06
C LYS A 100 26.26 2.09 -23.27
N THR A 101 25.64 0.99 -23.72
CA THR A 101 24.47 0.40 -23.05
C THR A 101 24.74 0.03 -21.57
N MET A 102 25.93 -0.51 -21.31
CA MET A 102 26.32 -0.89 -19.95
C MET A 102 26.48 0.36 -19.07
N VAL A 103 27.12 1.38 -19.63
CA VAL A 103 27.34 2.66 -18.94
C VAL A 103 26.03 3.42 -18.69
N GLU A 104 25.16 3.44 -19.68
CA GLU A 104 23.81 4.00 -19.54
C GLU A 104 23.01 3.26 -18.46
N GLY A 105 23.22 1.96 -18.35
CA GLY A 105 22.51 1.15 -17.38
C GLY A 105 22.85 1.51 -15.95
N LEU A 106 24.13 1.74 -15.70
CA LEU A 106 24.60 2.17 -14.38
C LEU A 106 23.87 3.43 -13.93
N ARG A 107 23.83 4.41 -14.82
CA ARG A 107 23.19 5.69 -14.53
C ARG A 107 21.69 5.51 -14.40
N GLN A 108 21.15 4.57 -15.15
CA GLN A 108 19.74 4.24 -15.09
C GLN A 108 19.40 3.64 -13.72
N VAL A 109 20.24 2.72 -13.26
CA VAL A 109 20.05 2.12 -11.94
C VAL A 109 20.16 3.19 -10.86
N ALA A 110 21.02 4.19 -11.09
CA ALA A 110 21.18 5.29 -10.14
C ALA A 110 19.92 6.13 -9.98
N THR A 111 19.17 6.30 -11.07
CA THR A 111 17.94 7.11 -11.04
C THR A 111 16.81 6.44 -10.26
N LEU A 112 16.85 5.10 -10.19
CA LEU A 112 15.83 4.31 -9.50
C LEU A 112 15.76 4.70 -8.04
N PRO A 113 14.56 4.69 -7.44
CA PRO A 113 14.45 5.04 -6.02
C PRO A 113 15.17 4.03 -5.15
N ASP A 114 15.67 4.47 -4.00
CA ASP A 114 16.36 3.57 -3.09
C ASP A 114 15.32 2.85 -2.25
N PRO A 115 15.26 1.51 -2.39
CA PRO A 115 14.20 0.75 -1.71
C PRO A 115 14.54 0.53 -0.27
N ILE A 116 15.81 0.72 0.07
CA ILE A 116 16.34 0.27 1.36
C ILE A 116 16.02 1.19 2.56
N GLY A 117 15.60 0.57 3.67
CA GLY A 117 15.37 1.30 4.90
C GLY A 117 13.98 1.91 5.00
N GLU A 118 13.17 1.73 3.97
CA GLU A 118 11.78 2.20 4.03
C GLU A 118 10.99 1.49 5.14
N MET A 119 10.26 2.27 5.93
CA MET A 119 9.35 1.74 6.93
C MET A 119 7.92 1.99 6.49
N SER A 120 7.06 1.00 6.76
CA SER A 120 5.69 1.05 6.29
C SER A 120 4.74 0.44 7.31
N ASN A 121 3.48 0.87 7.26
CA ASN A 121 2.43 0.33 8.11
C ASN A 121 2.80 0.29 9.58
N LEU A 122 3.42 1.37 10.04
CA LEU A 122 3.77 1.52 11.45
C LEU A 122 2.51 1.91 12.22
N LYS A 123 1.77 0.91 12.70
CA LYS A 123 0.48 1.15 13.37
C LYS A 123 0.59 0.97 14.86
N TYR A 124 -0.22 1.72 15.62
CA TYR A 124 -0.33 1.46 17.06
C TYR A 124 -1.14 0.20 17.35
N ARG A 125 -0.71 -0.52 18.38
CA ARG A 125 -1.45 -1.68 18.87
C ARG A 125 -2.08 -1.31 20.21
N PRO A 126 -3.19 -1.99 20.57
CA PRO A 126 -3.84 -1.73 21.87
C PRO A 126 -2.88 -1.81 23.07
N SER A 127 -1.84 -2.64 22.99
CA SER A 127 -0.82 -2.73 24.04
C SER A 127 -0.03 -1.44 24.16
N GLY A 128 -0.04 -0.62 23.12
CA GLY A 128 0.65 0.66 23.17
C GLY A 128 1.88 0.73 22.30
N ILE A 129 2.41 -0.43 21.88
CA ILE A 129 3.52 -0.46 20.95
C ILE A 129 3.07 -0.05 19.55
N GLN A 130 4.04 0.35 18.74
CA GLN A 130 3.80 0.69 17.34
C GLN A 130 4.64 -0.28 16.49
N VAL A 131 3.98 -1.02 15.61
CA VAL A 131 4.60 -2.10 14.87
C VAL A 131 4.45 -1.88 13.37
N GLY A 132 5.56 -1.93 12.65
CA GLY A 132 5.50 -1.87 11.19
C GLY A 132 6.56 -2.78 10.61
N GLN A 133 6.84 -2.57 9.33
CA GLN A 133 7.90 -3.32 8.66
C GLN A 133 8.97 -2.38 8.09
N MET A 134 10.19 -2.89 7.96
CA MET A 134 11.24 -2.17 7.26
C MET A 134 11.79 -3.04 6.12
N ARG A 135 12.02 -2.41 4.96
CA ARG A 135 12.63 -3.11 3.82
C ARG A 135 14.15 -3.02 3.93
N VAL A 136 14.78 -4.18 3.92
CA VAL A 136 16.23 -4.24 4.08
C VAL A 136 16.84 -5.19 3.03
N PRO A 137 18.17 -5.12 2.84
CA PRO A 137 18.79 -5.98 1.83
C PRO A 137 18.79 -7.43 2.30
N LEU A 138 18.84 -8.36 1.36
CA LEU A 138 19.00 -9.78 1.71
C LEU A 138 20.33 -9.97 2.40
N GLY A 139 21.35 -9.30 1.89
CA GLY A 139 22.67 -9.38 2.48
C GLY A 139 23.78 -9.64 1.47
N VAL A 140 23.83 -10.88 0.99
CA VAL A 140 24.83 -11.30 0.03
C VAL A 140 24.13 -12.04 -1.13
N ILE A 141 24.29 -11.54 -2.34
CA ILE A 141 23.67 -12.15 -3.54
C ILE A 141 24.71 -12.85 -4.42
N GLY A 142 24.49 -14.14 -4.71
CA GLY A 142 25.31 -14.86 -5.66
C GLY A 142 24.74 -14.79 -7.07
N ILE A 143 25.56 -14.36 -8.02
CA ILE A 143 25.16 -14.26 -9.41
C ILE A 143 25.98 -15.23 -10.23
N ILE A 144 25.29 -16.15 -10.89
CA ILE A 144 25.94 -17.13 -11.73
C ILE A 144 25.44 -16.95 -13.15
N TYR A 145 26.34 -16.71 -14.09
CA TYR A 145 25.92 -16.33 -15.43
C TYR A 145 26.82 -16.79 -16.56
N GLU A 146 26.40 -16.54 -17.80
CA GLU A 146 27.11 -17.02 -18.98
C GLU A 146 28.31 -16.14 -19.34
N SER A 147 28.66 -16.14 -20.62
CA SER A 147 29.77 -15.30 -21.09
C SER A 147 29.27 -14.02 -21.75
N ARG A 148 28.35 -13.35 -21.07
CA ARG A 148 27.93 -12.01 -21.46
C ARG A 148 28.45 -11.02 -20.42
N PRO A 149 29.53 -10.31 -20.75
CA PRO A 149 30.27 -9.43 -19.83
C PRO A 149 29.40 -8.32 -19.23
N ASN A 150 28.41 -7.87 -19.98
CA ASN A 150 27.48 -6.85 -19.49
C ASN A 150 26.74 -7.25 -18.20
N VAL A 151 26.46 -8.54 -18.03
CA VAL A 151 25.76 -8.99 -16.82
C VAL A 151 26.59 -8.67 -15.57
N THR A 152 27.90 -8.79 -15.71
CA THR A 152 28.81 -8.43 -14.62
C THR A 152 28.45 -7.08 -14.04
N ILE A 153 28.31 -6.09 -14.90
CA ILE A 153 27.93 -4.75 -14.49
C ILE A 153 26.44 -4.62 -14.11
N ASP A 154 25.56 -5.10 -14.98
CA ASP A 154 24.13 -4.99 -14.75
C ASP A 154 23.71 -5.59 -13.42
N ALA A 155 24.17 -6.81 -13.15
CA ALA A 155 23.74 -7.52 -11.95
C ALA A 155 24.37 -6.90 -10.69
N ALA A 156 25.65 -6.56 -10.77
CA ALA A 156 26.30 -5.89 -9.65
C ALA A 156 25.61 -4.56 -9.36
N ALA A 157 25.28 -3.81 -10.40
CA ALA A 157 24.63 -2.50 -10.21
C ALA A 157 23.34 -2.65 -9.39
N LEU A 158 22.52 -3.63 -9.77
CA LEU A 158 21.24 -3.86 -9.08
C LEU A 158 21.43 -4.31 -7.65
N CYS A 159 22.37 -5.24 -7.42
CA CYS A 159 22.65 -5.72 -6.07
C CYS A 159 23.15 -4.60 -5.16
N LEU A 160 24.05 -3.78 -5.69
CA LEU A 160 24.62 -2.67 -4.93
C LEU A 160 23.54 -1.65 -4.59
N LYS A 161 22.73 -1.28 -5.58
CA LYS A 161 21.68 -0.30 -5.37
C LYS A 161 20.72 -0.75 -4.28
N SER A 162 20.47 -2.04 -4.22
CA SER A 162 19.55 -2.58 -3.23
C SER A 162 20.27 -2.95 -1.93
N GLY A 163 21.47 -2.41 -1.73
CA GLY A 163 22.16 -2.51 -0.46
C GLY A 163 22.83 -3.84 -0.17
N ASN A 164 23.01 -4.64 -1.22
CA ASN A 164 23.58 -5.99 -1.09
C ASN A 164 25.06 -6.07 -1.45
N ALA A 165 25.77 -7.03 -0.86
CA ALA A 165 27.09 -7.41 -1.37
C ALA A 165 26.86 -8.45 -2.44
N THR A 166 27.78 -8.55 -3.40
CA THR A 166 27.60 -9.47 -4.51
C THR A 166 28.82 -10.34 -4.74
N ILE A 167 28.56 -11.59 -5.13
CA ILE A 167 29.58 -12.47 -5.60
C ILE A 167 29.17 -12.89 -7.01
N LEU A 168 30.02 -12.61 -7.99
CA LEU A 168 29.71 -12.93 -9.38
C LEU A 168 30.62 -14.01 -9.93
N ARG A 169 30.01 -15.09 -10.40
CA ARG A 169 30.73 -16.10 -11.15
C ARG A 169 30.16 -16.11 -12.57
N GLY A 170 30.87 -15.45 -13.48
CA GLY A 170 30.48 -15.43 -14.89
C GLY A 170 31.14 -16.53 -15.70
N GLY A 171 30.78 -16.62 -16.97
CA GLY A 171 31.33 -17.62 -17.87
C GLY A 171 32.85 -17.58 -17.93
N SER A 172 33.45 -18.75 -18.13
CA SER A 172 34.89 -18.88 -18.14
C SER A 172 35.49 -18.23 -19.36
N GLU A 173 34.68 -18.11 -20.42
CA GLU A 173 35.14 -17.54 -21.68
C GLU A 173 35.07 -16.01 -21.67
N ALA A 174 34.72 -15.44 -20.51
CA ALA A 174 34.69 -13.99 -20.35
C ALA A 174 35.53 -13.59 -19.15
N LEU A 175 36.37 -14.53 -18.68
CA LEU A 175 37.10 -14.38 -17.42
C LEU A 175 38.06 -13.19 -17.37
N GLU A 176 38.70 -12.89 -18.50
CA GLU A 176 39.60 -11.74 -18.60
C GLU A 176 38.82 -10.43 -18.59
N SER A 177 37.72 -10.38 -19.34
CA SER A 177 36.89 -9.18 -19.43
C SER A 177 36.15 -8.87 -18.12
N ASN A 178 35.73 -9.92 -17.42
CA ASN A 178 35.05 -9.76 -16.15
C ASN A 178 36.04 -9.40 -15.04
N THR A 179 37.28 -9.81 -15.21
CA THR A 179 38.37 -9.42 -14.33
C THR A 179 38.67 -7.94 -14.57
N ALA A 180 38.62 -7.53 -15.85
CA ALA A 180 38.77 -6.12 -16.21
C ALA A 180 37.64 -5.26 -15.61
N LEU A 181 36.40 -5.74 -15.73
CA LEU A 181 35.27 -5.02 -15.14
C LEU A 181 35.35 -4.97 -13.62
N ALA A 182 35.91 -6.02 -13.02
CA ALA A 182 35.98 -6.09 -11.56
C ALA A 182 36.86 -4.98 -11.00
N LYS A 183 37.99 -4.73 -11.66
CA LYS A 183 38.91 -3.70 -11.22
C LYS A 183 38.23 -2.33 -11.24
N LEU A 184 37.40 -2.10 -12.27
CA LEU A 184 36.74 -0.80 -12.45
C LEU A 184 35.57 -0.61 -11.47
N ILE A 185 34.84 -1.68 -11.19
CA ILE A 185 33.84 -1.65 -10.12
C ILE A 185 34.56 -1.28 -8.82
N GLY A 186 35.71 -1.91 -8.60
CA GLY A 186 36.55 -1.59 -7.46
C GLY A 186 36.87 -0.11 -7.36
N GLU A 187 37.23 0.49 -8.48
CA GLU A 187 37.48 1.94 -8.54
C GLU A 187 36.27 2.70 -8.02
N GLY A 188 35.10 2.38 -8.56
CA GLY A 188 33.87 3.09 -8.23
C GLY A 188 33.56 2.98 -6.75
N LEU A 189 33.71 1.78 -6.21
CA LEU A 189 33.46 1.57 -4.79
C LEU A 189 34.38 2.46 -3.93
N ALA A 190 35.67 2.45 -4.24
CA ALA A 190 36.66 3.21 -3.48
C ALA A 190 36.36 4.72 -3.46
N GLU A 191 35.96 5.25 -4.61
CA GLU A 191 35.54 6.65 -4.73
C GLU A 191 34.42 6.98 -3.75
N ALA A 192 33.50 6.04 -3.62
CA ALA A 192 32.29 6.23 -2.84
C ALA A 192 32.56 5.94 -1.37
N GLY A 193 33.79 5.53 -1.05
CA GLY A 193 34.13 5.11 0.30
C GLY A 193 33.51 3.79 0.71
N LEU A 194 33.14 2.96 -0.27
CA LEU A 194 32.56 1.65 0.03
C LEU A 194 33.67 0.60 -0.03
N PRO A 195 33.55 -0.46 0.79
CA PRO A 195 34.57 -1.50 0.79
C PRO A 195 34.70 -2.20 -0.56
N GLN A 196 35.93 -2.52 -0.95
CA GLN A 196 36.20 -3.25 -2.18
C GLN A 196 35.37 -4.52 -2.27
N ASP A 197 35.21 -5.17 -1.13
CA ASP A 197 34.56 -6.48 -1.07
C ASP A 197 33.06 -6.41 -1.23
N THR A 198 32.55 -5.19 -1.46
CA THR A 198 31.13 -5.01 -1.78
C THR A 198 30.78 -5.81 -3.04
N VAL A 199 31.73 -5.88 -3.97
CA VAL A 199 31.57 -6.69 -5.16
C VAL A 199 32.82 -7.53 -5.40
N GLN A 200 32.66 -8.85 -5.38
CA GLN A 200 33.77 -9.75 -5.68
C GLN A 200 33.42 -10.56 -6.92
N VAL A 201 34.31 -10.54 -7.91
CA VAL A 201 34.17 -11.41 -9.07
C VAL A 201 35.10 -12.61 -8.86
N VAL A 202 34.56 -13.82 -9.03
CA VAL A 202 35.38 -15.02 -8.90
C VAL A 202 36.56 -15.03 -9.89
N GLU A 203 37.78 -15.12 -9.37
CA GLU A 203 38.99 -14.99 -10.18
C GLU A 203 39.53 -16.33 -10.66
N THR A 204 38.66 -17.20 -11.16
CA THR A 204 39.08 -18.50 -11.70
C THR A 204 37.95 -19.16 -12.48
N ALA A 205 38.32 -20.01 -13.43
CA ALA A 205 37.35 -20.74 -14.23
C ALA A 205 36.99 -22.09 -13.61
N ASP A 206 37.68 -22.45 -12.53
CA ASP A 206 37.46 -23.72 -11.85
C ASP A 206 35.98 -23.85 -11.48
N ARG A 207 35.30 -24.77 -12.16
CA ARG A 207 33.85 -24.94 -12.02
C ARG A 207 33.42 -25.36 -10.60
N ALA A 208 34.38 -25.83 -9.81
CA ALA A 208 34.11 -26.13 -8.40
C ALA A 208 33.58 -24.90 -7.65
N ALA A 209 33.94 -23.71 -8.12
CA ALA A 209 33.42 -22.46 -7.55
C ALA A 209 31.90 -22.41 -7.56
N VAL A 210 31.30 -22.95 -8.62
CA VAL A 210 29.83 -22.96 -8.74
C VAL A 210 29.21 -23.87 -7.68
N GLY A 211 29.73 -25.08 -7.56
CA GLY A 211 29.28 -26.02 -6.54
C GLY A 211 29.36 -25.44 -5.13
N ARG A 212 30.42 -24.69 -4.85
CA ARG A 212 30.59 -24.10 -3.52
C ARG A 212 29.60 -22.97 -3.29
N LEU A 213 29.52 -22.08 -4.27
CA LEU A 213 28.67 -20.90 -4.20
C LEU A 213 27.20 -21.28 -3.91
N ILE A 214 26.69 -22.30 -4.59
CA ILE A 214 25.29 -22.67 -4.41
C ILE A 214 25.06 -23.49 -3.14
N THR A 215 26.14 -23.73 -2.39
CA THR A 215 26.02 -24.38 -1.08
C THR A 215 26.59 -23.56 0.06
N MET A 216 26.93 -22.30 -0.19
CA MET A 216 27.50 -21.47 0.86
C MET A 216 26.42 -20.79 1.70
N THR A 217 25.64 -21.61 2.41
CA THR A 217 24.48 -21.16 3.17
C THR A 217 24.83 -20.20 4.30
N GLU A 218 26.05 -20.27 4.81
CA GLU A 218 26.48 -19.35 5.87
C GLU A 218 26.66 -17.94 5.30
N TYR A 219 27.15 -17.85 4.07
CA TYR A 219 27.60 -16.57 3.55
C TYR A 219 26.79 -15.95 2.41
N VAL A 220 25.94 -16.74 1.78
CA VAL A 220 25.18 -16.27 0.62
C VAL A 220 23.68 -16.47 0.85
N ASP A 221 22.88 -15.43 0.61
CA ASP A 221 21.48 -15.49 0.99
C ASP A 221 20.57 -15.95 -0.13
N VAL A 222 20.96 -15.65 -1.36
CA VAL A 222 20.21 -16.10 -2.52
C VAL A 222 21.11 -16.17 -3.75
N ILE A 223 20.80 -17.10 -4.66
CA ILE A 223 21.50 -17.18 -5.93
C ILE A 223 20.57 -16.73 -7.05
N VAL A 224 21.05 -15.84 -7.91
CA VAL A 224 20.31 -15.49 -9.13
C VAL A 224 21.06 -16.05 -10.34
N PRO A 225 20.68 -17.27 -10.77
CA PRO A 225 21.33 -17.95 -11.88
C PRO A 225 20.75 -17.46 -13.20
N ARG A 226 21.54 -17.45 -14.26
CA ARG A 226 21.08 -16.93 -15.54
C ARG A 226 21.80 -17.69 -16.64
N GLY A 227 21.05 -18.46 -17.41
CA GLY A 227 21.61 -19.25 -18.49
C GLY A 227 20.59 -20.18 -19.12
N GLY A 228 21.03 -21.36 -19.52
CA GLY A 228 20.18 -22.34 -20.17
C GLY A 228 19.57 -23.35 -19.22
N LYS A 229 18.52 -24.05 -19.68
CA LYS A 229 17.75 -24.94 -18.81
C LYS A 229 18.58 -26.08 -18.21
N SER A 230 19.60 -26.51 -18.95
CA SER A 230 20.49 -27.58 -18.48
C SER A 230 21.23 -27.17 -17.21
N LEU A 231 21.96 -26.06 -17.28
CA LEU A 231 22.66 -25.51 -16.13
C LEU A 231 21.73 -25.27 -14.95
N ILE A 232 20.61 -24.58 -15.21
CA ILE A 232 19.64 -24.27 -14.16
C ILE A 232 19.19 -25.56 -13.47
N GLU A 233 18.89 -26.59 -14.25
CA GLU A 233 18.46 -27.88 -13.71
C GLU A 233 19.49 -28.55 -12.80
N ARG A 234 20.77 -28.43 -13.14
CA ARG A 234 21.84 -28.90 -12.26
C ARG A 234 21.84 -28.14 -10.94
N LEU A 235 21.85 -26.81 -11.01
CA LEU A 235 21.86 -25.98 -9.81
C LEU A 235 20.71 -26.33 -8.87
N ILE A 236 19.51 -26.44 -9.42
CA ILE A 236 18.33 -26.78 -8.63
C ILE A 236 18.55 -28.01 -7.75
N ASN A 237 18.97 -29.11 -8.37
CA ASN A 237 19.16 -30.37 -7.65
C ASN A 237 20.38 -30.38 -6.72
N GLU A 238 21.26 -29.40 -6.87
CA GLU A 238 22.49 -29.34 -6.07
C GLU A 238 22.54 -28.18 -5.08
N ALA A 239 21.82 -27.10 -5.36
CA ALA A 239 21.87 -25.90 -4.51
C ALA A 239 21.14 -26.05 -3.17
N ARG A 240 21.79 -25.57 -2.11
CA ARG A 240 21.16 -25.51 -0.79
C ARG A 240 20.81 -24.06 -0.45
N VAL A 241 21.51 -23.12 -1.08
CA VAL A 241 21.17 -21.72 -1.01
C VAL A 241 19.94 -21.50 -1.88
N PRO A 242 18.95 -20.73 -1.38
CA PRO A 242 17.75 -20.48 -2.18
C PRO A 242 18.06 -19.72 -3.47
N MET A 243 17.20 -19.83 -4.47
CA MET A 243 17.43 -19.22 -5.77
C MET A 243 16.22 -18.47 -6.27
N ILE A 244 16.48 -17.35 -6.95
CA ILE A 244 15.45 -16.69 -7.74
C ILE A 244 15.77 -17.05 -9.19
N LYS A 245 14.94 -17.91 -9.77
CA LYS A 245 15.28 -18.54 -11.03
C LYS A 245 14.02 -18.84 -11.79
N HIS A 246 14.17 -19.04 -13.10
CA HIS A 246 13.07 -19.62 -13.82
C HIS A 246 13.50 -20.79 -14.70
N LEU A 247 12.90 -21.94 -14.42
CA LEU A 247 13.12 -23.13 -15.21
C LEU A 247 12.25 -22.93 -16.44
N ASP A 248 12.89 -22.69 -17.58
CA ASP A 248 12.20 -22.29 -18.79
C ASP A 248 11.26 -23.37 -19.33
N GLY A 249 10.25 -22.92 -20.08
CA GLY A 249 9.31 -23.83 -20.70
C GLY A 249 8.17 -23.16 -21.45
N ILE A 250 7.08 -23.90 -21.64
CA ILE A 250 5.98 -23.44 -22.46
C ILE A 250 5.19 -22.25 -21.87
N CYS A 251 5.06 -21.20 -22.68
CA CYS A 251 4.11 -20.13 -22.41
C CYS A 251 2.99 -20.27 -23.44
N HIS A 252 1.75 -19.94 -23.06
CA HIS A 252 0.60 -20.17 -23.92
C HIS A 252 -0.17 -18.89 -24.21
N VAL A 253 -0.80 -18.85 -25.37
CA VAL A 253 -1.89 -17.92 -25.60
C VAL A 253 -3.13 -18.75 -25.88
N TYR A 254 -4.19 -18.53 -25.11
CA TYR A 254 -5.46 -19.20 -25.39
C TYR A 254 -6.39 -18.22 -26.09
N VAL A 255 -6.81 -18.58 -27.29
CA VAL A 255 -7.81 -17.79 -27.99
C VAL A 255 -9.20 -18.40 -27.76
N ASP A 256 -9.99 -17.72 -26.95
CA ASP A 256 -11.31 -18.21 -26.53
C ASP A 256 -12.33 -18.04 -27.67
N ASP A 257 -13.42 -18.78 -27.63
CA ASP A 257 -14.41 -18.69 -28.72
C ASP A 257 -15.15 -17.33 -28.73
N ARG A 258 -14.95 -16.52 -27.70
CA ARG A 258 -15.50 -15.16 -27.67
C ARG A 258 -14.41 -14.10 -27.79
N ALA A 259 -13.30 -14.51 -28.40
CA ALA A 259 -12.20 -13.59 -28.70
C ALA A 259 -12.58 -12.65 -29.83
N SER A 260 -12.06 -11.44 -29.77
CA SER A 260 -12.04 -10.58 -30.95
C SER A 260 -10.98 -11.15 -31.89
N VAL A 261 -11.33 -11.40 -33.14
CA VAL A 261 -10.37 -11.88 -34.12
C VAL A 261 -9.26 -10.85 -34.26
N THR A 262 -9.65 -9.58 -34.32
CA THR A 262 -8.73 -8.47 -34.39
C THR A 262 -7.69 -8.52 -33.25
N LYS A 263 -8.15 -8.60 -32.00
CA LYS A 263 -7.23 -8.69 -30.87
C LYS A 263 -6.37 -9.96 -30.92
N ALA A 264 -6.96 -11.06 -31.38
CA ALA A 264 -6.21 -12.32 -31.48
C ALA A 264 -5.01 -12.17 -32.42
N LEU A 265 -5.20 -11.43 -33.50
CA LEU A 265 -4.17 -11.27 -34.51
C LEU A 265 -3.03 -10.40 -33.98
N THR A 266 -3.35 -9.35 -33.24
CA THR A 266 -2.29 -8.49 -32.71
C THR A 266 -1.63 -9.13 -31.50
N VAL A 267 -2.41 -9.83 -30.70
CA VAL A 267 -1.86 -10.46 -29.50
C VAL A 267 -0.98 -11.65 -29.87
N CYS A 268 -1.44 -12.51 -30.77
CA CYS A 268 -0.70 -13.74 -31.09
C CYS A 268 0.46 -13.53 -32.06
N ASP A 269 0.65 -12.32 -32.54
CA ASP A 269 1.80 -12.02 -33.38
C ASP A 269 3.06 -11.78 -32.56
N CYS A 279 12.23 -14.99 -20.81
CA CYS A 279 11.90 -15.44 -22.16
C CYS A 279 10.44 -15.83 -22.25
N ASN A 280 9.66 -14.89 -22.77
CA ASN A 280 8.21 -14.91 -22.68
C ASN A 280 7.54 -15.09 -24.03
N THR A 281 8.25 -15.74 -24.96
CA THR A 281 7.71 -16.03 -26.30
C THR A 281 6.63 -17.12 -26.24
N MET A 282 5.55 -16.97 -27.01
CA MET A 282 4.48 -17.96 -27.09
C MET A 282 4.91 -19.25 -27.79
N GLU A 283 4.99 -20.35 -27.05
CA GLU A 283 5.43 -21.62 -27.60
C GLU A 283 4.25 -22.49 -28.02
N THR A 284 3.10 -22.30 -27.39
CA THR A 284 1.92 -23.08 -27.73
C THR A 284 0.71 -22.16 -27.89
N LEU A 285 -0.06 -22.39 -28.95
CA LEU A 285 -1.28 -21.62 -29.17
C LEU A 285 -2.48 -22.54 -28.93
N LEU A 286 -3.32 -22.18 -27.96
CA LEU A 286 -4.53 -22.95 -27.69
C LEU A 286 -5.73 -22.23 -28.31
N VAL A 287 -6.49 -22.92 -29.15
CA VAL A 287 -7.59 -22.27 -29.83
C VAL A 287 -8.91 -22.98 -29.56
N ALA A 288 -9.90 -22.22 -29.13
CA ALA A 288 -11.21 -22.81 -28.87
C ALA A 288 -11.78 -23.32 -30.19
N ARG A 289 -12.38 -24.49 -30.14
CA ARG A 289 -12.91 -25.19 -31.29
C ARG A 289 -13.87 -24.32 -32.10
N GLY A 290 -14.73 -23.58 -31.42
CA GLY A 290 -15.75 -22.76 -32.07
C GLY A 290 -15.24 -21.59 -32.90
N ILE A 291 -14.04 -21.10 -32.60
CA ILE A 291 -13.52 -19.93 -33.31
C ILE A 291 -12.33 -20.29 -34.22
N ALA A 292 -11.95 -21.56 -34.21
CA ALA A 292 -10.72 -21.99 -34.87
C ALA A 292 -10.58 -21.63 -36.36
N PRO A 293 -11.64 -21.81 -37.17
CA PRO A 293 -11.44 -21.42 -38.57
C PRO A 293 -11.30 -19.91 -38.77
N ALA A 294 -12.01 -19.12 -37.97
CA ALA A 294 -11.93 -17.65 -38.09
C ALA A 294 -10.57 -17.12 -37.67
N VAL A 295 -9.96 -17.77 -36.69
CA VAL A 295 -8.67 -17.30 -36.16
C VAL A 295 -7.47 -18.00 -36.79
N LEU A 296 -7.51 -19.33 -36.88
CA LEU A 296 -6.33 -20.07 -37.38
C LEU A 296 -5.97 -19.76 -38.82
N SER A 297 -6.96 -19.40 -39.62
CA SER A 297 -6.68 -19.15 -41.03
C SER A 297 -5.83 -17.87 -41.24
N PRO A 298 -6.30 -16.73 -40.71
CA PRO A 298 -5.39 -15.57 -40.88
C PRO A 298 -4.11 -15.74 -40.07
N LEU A 299 -4.20 -16.33 -38.88
CA LEU A 299 -3.02 -16.52 -38.02
C LEU A 299 -1.99 -17.45 -38.68
N GLY A 300 -2.44 -18.61 -39.14
CA GLY A 300 -1.56 -19.57 -39.78
C GLY A 300 -0.79 -18.95 -40.94
N ARG A 301 -1.50 -18.15 -41.73
CA ARG A 301 -0.87 -17.49 -42.86
C ARG A 301 0.23 -16.55 -42.39
N LEU A 302 -0.07 -15.78 -41.35
CA LEU A 302 0.90 -14.87 -40.75
C LEU A 302 2.17 -15.60 -40.33
N TYR A 303 2.02 -16.68 -39.56
CA TYR A 303 3.15 -17.48 -39.11
C TYR A 303 3.99 -18.07 -40.24
N ARG A 304 3.32 -18.65 -41.24
CA ARG A 304 4.03 -19.27 -42.36
C ARG A 304 4.80 -18.24 -43.16
N GLU A 305 4.30 -17.01 -43.18
CA GLU A 305 4.97 -15.94 -43.89
C GLU A 305 6.23 -15.58 -43.11
N LYS A 306 6.15 -15.68 -41.78
CA LYS A 306 7.25 -15.32 -40.90
C LYS A 306 8.22 -16.49 -40.67
N GLY A 307 7.93 -17.64 -41.27
CA GLY A 307 8.86 -18.77 -41.24
C GLY A 307 8.76 -19.70 -40.03
N VAL A 308 7.61 -19.72 -39.37
CA VAL A 308 7.42 -20.56 -38.18
C VAL A 308 6.97 -21.97 -38.53
N GLU A 309 7.66 -22.98 -38.00
CA GLU A 309 7.20 -24.36 -38.18
C GLU A 309 5.90 -24.53 -37.36
N LEU A 310 4.87 -25.09 -37.98
CA LEU A 310 3.61 -25.29 -37.27
C LEU A 310 3.45 -26.76 -36.91
N ARG A 311 3.50 -27.04 -35.61
CA ARG A 311 3.27 -28.40 -35.13
C ARG A 311 1.87 -28.43 -34.54
N VAL A 312 0.99 -29.18 -35.21
CA VAL A 312 -0.43 -29.10 -34.95
C VAL A 312 -0.97 -30.44 -34.47
N ASP A 313 -2.05 -30.39 -33.68
CA ASP A 313 -2.80 -31.59 -33.35
C ASP A 313 -3.72 -31.92 -34.54
N ALA A 314 -4.43 -33.04 -34.46
CA ALA A 314 -5.32 -33.49 -35.52
C ALA A 314 -6.37 -32.44 -35.93
N ASP A 315 -7.05 -31.85 -34.95
CA ASP A 315 -8.11 -30.89 -35.23
C ASP A 315 -7.60 -29.60 -35.91
N ALA A 316 -6.42 -29.13 -35.50
CA ALA A 316 -5.88 -27.90 -36.07
C ALA A 316 -5.39 -28.17 -37.48
N ARG A 317 -4.89 -29.39 -37.67
CA ARG A 317 -4.50 -29.88 -38.98
C ARG A 317 -5.67 -29.71 -39.96
N ALA A 318 -6.84 -30.17 -39.56
CA ALA A 318 -7.99 -30.13 -40.46
C ALA A 318 -8.37 -28.70 -40.80
N VAL A 319 -8.35 -27.82 -39.79
CA VAL A 319 -8.71 -26.42 -40.00
C VAL A 319 -7.68 -25.67 -40.86
N LEU A 320 -6.40 -25.85 -40.54
CA LEU A 320 -5.35 -25.21 -41.31
C LEU A 320 -5.31 -25.71 -42.77
N GLU A 321 -5.44 -27.02 -42.98
CA GLU A 321 -5.48 -27.58 -44.33
C GLU A 321 -6.69 -27.10 -45.11
N ALA A 322 -7.84 -26.97 -44.44
CA ALA A 322 -9.02 -26.46 -45.14
C ALA A 322 -8.81 -25.00 -45.54
N ALA A 323 -7.93 -24.31 -44.84
CA ALA A 323 -7.65 -22.91 -45.13
C ALA A 323 -6.45 -22.71 -46.04
N GLY A 324 -5.86 -23.80 -46.54
CA GLY A 324 -4.71 -23.70 -47.42
C GLY A 324 -3.41 -23.26 -46.77
N VAL A 325 -3.28 -23.47 -45.45
CA VAL A 325 -2.07 -23.11 -44.74
C VAL A 325 -1.17 -24.34 -44.49
N GLY A 326 0.05 -24.28 -44.99
CA GLY A 326 1.01 -25.34 -44.76
C GLY A 326 2.45 -24.97 -45.11
N PRO A 327 3.37 -25.93 -44.98
CA PRO A 327 3.08 -27.28 -44.47
C PRO A 327 2.92 -27.34 -42.95
N LEU A 328 2.41 -28.47 -42.47
CA LEU A 328 2.15 -28.67 -41.06
C LEU A 328 2.86 -29.93 -40.61
N VAL A 329 3.27 -29.96 -39.35
CA VAL A 329 3.87 -31.14 -38.75
C VAL A 329 2.96 -31.66 -37.64
N ASP A 330 2.83 -32.97 -37.54
CA ASP A 330 2.03 -33.58 -36.47
C ASP A 330 2.65 -33.29 -35.10
N ALA A 331 1.88 -32.63 -34.24
CA ALA A 331 2.35 -32.37 -32.88
C ALA A 331 2.44 -33.70 -32.14
N THR A 332 3.51 -33.88 -31.37
CA THR A 332 3.60 -35.03 -30.47
C THR A 332 3.04 -34.63 -29.09
N ASP A 333 2.92 -35.59 -28.20
CA ASP A 333 2.51 -35.30 -26.82
C ASP A 333 3.62 -34.53 -26.12
N GLU A 334 4.87 -34.82 -26.52
CA GLU A 334 6.04 -34.14 -26.00
C GLU A 334 6.07 -32.65 -26.41
N ASP A 335 5.45 -32.32 -27.54
CA ASP A 335 5.46 -30.95 -28.05
C ASP A 335 4.77 -29.93 -27.14
N TRP A 336 3.85 -30.40 -26.28
CA TRP A 336 3.14 -29.53 -25.33
C TRP A 336 4.00 -29.20 -24.11
N ARG A 337 5.12 -29.89 -23.96
CA ARG A 337 6.01 -29.68 -22.83
C ARG A 337 7.40 -29.16 -23.23
N THR A 338 7.70 -29.22 -24.53
CA THR A 338 9.06 -28.93 -24.97
C THR A 338 9.18 -27.64 -25.80
N GLU A 339 10.16 -26.83 -25.43
CA GLU A 339 10.35 -25.50 -26.00
C GLU A 339 11.36 -25.47 -27.15
N PRO A 343 12.43 -22.00 -34.38
CA PRO A 343 11.12 -21.34 -34.34
C PRO A 343 9.98 -22.28 -34.69
N VAL A 344 9.38 -22.91 -33.67
CA VAL A 344 8.22 -23.75 -33.85
C VAL A 344 7.04 -23.15 -33.08
N LEU A 345 5.84 -23.33 -33.59
CA LEU A 345 4.67 -23.04 -32.78
C LEU A 345 3.85 -24.32 -32.68
N ALA A 346 3.43 -24.65 -31.46
CA ALA A 346 2.55 -25.80 -31.26
C ALA A 346 1.13 -25.25 -31.23
N ILE A 347 0.22 -25.89 -31.95
CA ILE A 347 -1.15 -25.41 -31.98
C ILE A 347 -2.09 -26.53 -31.60
N LYS A 348 -2.90 -26.27 -30.58
CA LYS A 348 -3.89 -27.25 -30.13
C LYS A 348 -5.30 -26.66 -30.11
N ILE A 349 -6.27 -27.47 -30.55
CA ILE A 349 -7.67 -27.11 -30.44
C ILE A 349 -8.18 -27.61 -29.11
N VAL A 350 -8.82 -26.73 -28.33
CA VAL A 350 -9.52 -27.15 -27.11
C VAL A 350 -11.00 -26.78 -27.18
N ASP A 351 -11.80 -27.41 -26.32
CA ASP A 351 -13.23 -27.16 -26.25
C ASP A 351 -13.52 -25.74 -25.83
N GLY A 352 -12.84 -25.31 -24.78
CA GLY A 352 -13.11 -24.00 -24.21
C GLY A 352 -12.17 -23.66 -23.08
N ILE A 353 -12.62 -22.74 -22.24
CA ILE A 353 -11.73 -22.16 -21.26
C ILE A 353 -11.28 -23.16 -20.19
N ASP A 354 -12.21 -24.01 -19.74
CA ASP A 354 -11.85 -25.02 -18.71
C ASP A 354 -10.72 -25.93 -19.16
N ALA A 355 -10.81 -26.39 -20.40
CA ALA A 355 -9.77 -27.25 -20.95
C ALA A 355 -8.47 -26.49 -21.15
N ALA A 356 -8.56 -25.20 -21.46
CA ALA A 356 -7.36 -24.38 -21.70
C ALA A 356 -6.60 -24.16 -20.40
N ILE A 357 -7.33 -23.70 -19.39
CA ILE A 357 -6.78 -23.46 -18.06
C ILE A 357 -6.10 -24.73 -17.56
N GLU A 358 -6.80 -25.86 -17.68
CA GLU A 358 -6.25 -27.13 -17.27
C GLU A 358 -4.96 -27.50 -18.02
N HIS A 359 -4.95 -27.30 -19.34
CA HIS A 359 -3.78 -27.62 -20.15
C HIS A 359 -2.60 -26.74 -19.73
N ILE A 360 -2.87 -25.46 -19.56
CA ILE A 360 -1.83 -24.50 -19.17
C ILE A 360 -1.24 -24.83 -17.81
N ASN A 361 -2.08 -25.05 -16.80
CA ASN A 361 -1.62 -25.41 -15.46
C ASN A 361 -0.91 -26.75 -15.42
N GLU A 362 -1.25 -27.63 -16.35
CA GLU A 362 -0.64 -28.95 -16.42
C GLU A 362 0.69 -28.97 -17.16
N TYR A 363 0.74 -28.28 -18.31
CA TYR A 363 1.87 -28.42 -19.22
C TYR A 363 2.80 -27.21 -19.23
N GLY A 364 2.28 -26.07 -18.80
CA GLY A 364 3.06 -24.84 -18.86
C GLY A 364 4.20 -24.77 -17.86
N SER A 365 5.05 -23.76 -18.03
CA SER A 365 6.16 -23.54 -17.11
C SER A 365 5.76 -22.56 -16.02
N HIS A 366 4.50 -22.10 -16.06
CA HIS A 366 3.94 -21.17 -15.06
C HIS A 366 4.66 -19.82 -15.09
N HIS A 367 5.07 -19.43 -16.29
CA HIS A 367 5.86 -18.23 -16.50
C HIS A 367 4.92 -17.09 -16.92
N THR A 368 4.43 -17.18 -18.15
CA THR A 368 3.51 -16.19 -18.71
C THR A 368 2.50 -16.89 -19.60
N ASP A 369 1.24 -16.53 -19.45
CA ASP A 369 0.19 -17.13 -20.26
C ASP A 369 -0.93 -16.12 -20.41
N ALA A 370 -1.59 -16.14 -21.57
CA ALA A 370 -2.58 -15.11 -21.88
C ALA A 370 -3.89 -15.67 -22.40
N ILE A 371 -4.99 -14.96 -22.15
CA ILE A 371 -6.25 -15.26 -22.80
C ILE A 371 -6.64 -14.15 -23.75
N VAL A 372 -7.19 -14.53 -24.90
CA VAL A 372 -7.85 -13.55 -25.75
C VAL A 372 -9.32 -13.82 -25.68
N THR A 373 -10.05 -12.88 -25.09
CA THR A 373 -11.50 -13.01 -24.98
C THR A 373 -12.16 -11.67 -24.69
N GLU A 374 -13.40 -11.52 -25.17
CA GLU A 374 -14.20 -10.34 -24.92
C GLU A 374 -15.15 -10.57 -23.76
N ASP A 375 -15.23 -11.81 -23.30
CA ASP A 375 -16.15 -12.17 -22.21
C ASP A 375 -15.55 -11.85 -20.83
N HIS A 376 -16.24 -10.98 -20.10
CA HIS A 376 -15.73 -10.44 -18.84
C HIS A 376 -15.43 -11.51 -17.80
N ASP A 377 -16.42 -12.37 -17.51
CA ASP A 377 -16.25 -13.39 -16.48
C ASP A 377 -15.11 -14.34 -16.85
N ARG A 378 -15.03 -14.71 -18.12
CA ARG A 378 -13.95 -15.59 -18.59
C ARG A 378 -12.58 -14.96 -18.45
N ALA A 379 -12.50 -13.67 -18.79
CA ALA A 379 -11.25 -12.91 -18.59
C ALA A 379 -10.81 -12.94 -17.12
N MET A 380 -11.73 -12.63 -16.22
CA MET A 380 -11.43 -12.59 -14.78
CA MET A 380 -11.38 -12.57 -14.80
C MET A 380 -11.06 -13.96 -14.23
N ARG A 381 -11.80 -14.98 -14.68
CA ARG A 381 -11.55 -16.37 -14.30
C ARG A 381 -10.12 -16.80 -14.65
N PHE A 382 -9.73 -16.49 -15.88
CA PHE A 382 -8.43 -16.87 -16.39
C PHE A 382 -7.35 -16.23 -15.53
N LEU A 383 -7.49 -14.92 -15.25
CA LEU A 383 -6.54 -14.22 -14.39
C LEU A 383 -6.42 -14.93 -13.05
N ARG A 384 -7.55 -15.34 -12.51
CA ARG A 384 -7.58 -15.95 -11.18
C ARG A 384 -7.03 -17.38 -11.16
N GLU A 385 -7.41 -18.19 -12.16
CA GLU A 385 -7.18 -19.63 -12.08
C GLU A 385 -5.89 -20.12 -12.73
N VAL A 386 -5.34 -19.35 -13.65
CA VAL A 386 -4.12 -19.75 -14.33
C VAL A 386 -2.94 -19.43 -13.42
N ASP A 387 -2.26 -20.48 -12.96
CA ASP A 387 -1.32 -20.31 -11.86
C ASP A 387 0.11 -20.02 -12.38
N SER A 388 0.22 -18.96 -13.17
CA SER A 388 1.48 -18.54 -13.77
C SER A 388 1.96 -17.24 -13.14
N ALA A 389 3.25 -16.93 -13.30
CA ALA A 389 3.86 -15.75 -12.67
C ALA A 389 3.25 -14.47 -13.23
N SER A 390 2.93 -14.49 -14.51
CA SER A 390 2.22 -13.38 -15.14
C SER A 390 1.07 -13.95 -15.96
N VAL A 391 -0.13 -13.43 -15.76
CA VAL A 391 -1.30 -13.90 -16.49
C VAL A 391 -1.88 -12.68 -17.17
N MET A 392 -2.19 -12.81 -18.46
CA MET A 392 -2.64 -11.66 -19.22
C MET A 392 -4.04 -11.85 -19.87
N VAL A 393 -4.79 -10.74 -19.93
CA VAL A 393 -6.01 -10.69 -20.70
C VAL A 393 -5.82 -9.74 -21.88
N ASN A 394 -5.92 -10.28 -23.10
CA ASN A 394 -5.82 -9.48 -24.32
C ASN A 394 -4.54 -8.67 -24.44
N ALA A 395 -3.42 -9.32 -24.15
CA ALA A 395 -2.10 -8.71 -24.32
C ALA A 395 -1.08 -9.82 -24.58
N SER A 396 -0.12 -9.55 -25.45
CA SER A 396 0.94 -10.49 -25.74
C SER A 396 1.72 -10.89 -24.50
N THR A 397 2.09 -12.18 -24.43
CA THR A 397 2.94 -12.67 -23.36
C THR A 397 4.29 -11.94 -23.32
N ARG A 398 4.70 -11.38 -24.46
CA ARG A 398 5.97 -10.66 -24.55
C ARG A 398 6.06 -9.44 -23.61
N PHE A 399 4.93 -9.01 -23.07
CA PHE A 399 4.95 -7.92 -22.10
C PHE A 399 5.45 -8.37 -20.72
N ALA A 400 5.63 -9.67 -20.52
CA ALA A 400 6.05 -10.18 -19.20
C ALA A 400 7.52 -9.84 -19.00
N ASP A 401 7.77 -8.62 -18.53
CA ASP A 401 9.11 -8.10 -18.56
C ASP A 401 9.24 -6.96 -17.54
N GLY A 402 10.39 -6.88 -16.89
CA GLY A 402 10.57 -5.91 -15.81
C GLY A 402 10.34 -4.46 -16.20
N PHE A 403 10.86 -4.05 -17.34
CA PHE A 403 10.68 -2.69 -17.83
C PHE A 403 9.24 -2.41 -18.25
N GLU A 404 8.62 -3.35 -18.97
CA GLU A 404 7.22 -3.24 -19.38
C GLU A 404 6.29 -3.14 -18.20
N PHE A 405 6.61 -3.86 -17.12
CA PHE A 405 5.79 -3.86 -15.91
C PHE A 405 6.06 -2.67 -14.99
N GLY A 406 7.04 -1.83 -15.34
CA GLY A 406 7.30 -0.63 -14.56
C GLY A 406 8.26 -0.81 -13.40
N LEU A 407 9.04 -1.89 -13.42
CA LEU A 407 9.98 -2.14 -12.32
C LEU A 407 11.26 -1.34 -12.52
N GLY A 408 11.50 -0.87 -13.74
CA GLY A 408 12.70 -0.10 -14.04
C GLY A 408 13.97 -0.93 -13.97
N ALA A 409 13.82 -2.24 -13.82
CA ALA A 409 14.94 -3.15 -13.71
C ALA A 409 14.46 -4.59 -13.93
N GLU A 410 15.41 -5.48 -14.18
CA GLU A 410 15.11 -6.90 -14.22
C GLU A 410 16.37 -7.64 -13.83
N ILE A 411 16.44 -8.08 -12.58
CA ILE A 411 17.59 -8.88 -12.14
C ILE A 411 17.44 -10.27 -12.75
N GLY A 412 16.20 -10.68 -12.96
CA GLY A 412 15.91 -11.97 -13.56
C GLY A 412 14.42 -12.17 -13.56
N ILE A 413 13.99 -13.30 -14.12
CA ILE A 413 12.58 -13.66 -14.09
C ILE A 413 12.41 -14.87 -13.16
N SER A 414 11.32 -14.88 -12.39
CA SER A 414 11.05 -16.00 -11.50
C SER A 414 9.71 -16.64 -11.84
N ASN A 415 9.69 -17.97 -11.87
CA ASN A 415 8.41 -18.67 -12.00
C ASN A 415 8.14 -19.56 -10.79
N ASP A 416 8.75 -19.19 -9.66
CA ASP A 416 8.47 -19.81 -8.37
C ASP A 416 7.37 -19.04 -7.65
N LYS A 417 6.82 -19.67 -6.62
CA LYS A 417 5.71 -19.09 -5.88
C LYS A 417 6.17 -18.21 -4.71
N LEU A 418 7.23 -18.64 -4.02
CA LEU A 418 7.67 -17.93 -2.83
C LEU A 418 8.54 -16.71 -3.15
N HIS A 419 8.43 -15.70 -2.29
CA HIS A 419 9.34 -14.53 -2.30
C HIS A 419 9.25 -13.57 -3.49
N ALA A 420 9.48 -14.08 -4.68
CA ALA A 420 9.50 -13.22 -5.86
C ALA A 420 8.98 -14.03 -7.05
N ARG A 421 8.14 -13.41 -7.87
CA ARG A 421 7.45 -14.15 -8.93
C ARG A 421 7.16 -13.22 -10.09
N GLY A 422 7.47 -13.68 -11.31
CA GLY A 422 7.40 -12.81 -12.48
C GLY A 422 8.75 -12.13 -12.65
N PRO A 423 8.79 -11.06 -13.47
CA PRO A 423 10.02 -10.27 -13.57
C PRO A 423 10.39 -9.78 -12.18
N VAL A 424 11.66 -9.88 -11.83
CA VAL A 424 12.10 -9.48 -10.51
C VAL A 424 12.93 -8.22 -10.59
N GLY A 425 12.54 -7.18 -9.84
CA GLY A 425 13.29 -5.94 -9.80
C GLY A 425 14.08 -5.81 -8.51
N LEU A 426 14.43 -4.59 -8.13
CA LEU A 426 15.16 -4.34 -6.87
C LEU A 426 14.53 -5.01 -5.65
N GLU A 427 13.21 -4.97 -5.56
CA GLU A 427 12.55 -5.48 -4.35
C GLU A 427 12.82 -6.96 -4.13
N GLY A 428 13.06 -7.70 -5.21
CA GLY A 428 13.33 -9.13 -5.08
C GLY A 428 14.64 -9.39 -4.38
N LEU A 429 15.49 -8.38 -4.34
CA LEU A 429 16.80 -8.54 -3.70
C LEU A 429 16.73 -7.97 -2.28
N THR A 430 15.52 -7.87 -1.73
CA THR A 430 15.31 -7.32 -0.39
C THR A 430 14.39 -8.18 0.46
N SER A 431 14.36 -7.87 1.75
CA SER A 431 13.53 -8.57 2.71
C SER A 431 12.70 -7.56 3.49
N LEU A 432 11.54 -7.98 4.00
CA LEU A 432 10.80 -7.18 4.97
C LEU A 432 10.96 -7.76 6.38
N LYS A 433 11.40 -6.94 7.32
CA LYS A 433 11.42 -7.37 8.72
C LYS A 433 10.51 -6.47 9.54
N TYR A 434 10.10 -6.95 10.71
CA TYR A 434 9.26 -6.15 11.61
C TYR A 434 10.10 -5.20 12.46
N VAL A 435 9.57 -4.00 12.66
CA VAL A 435 10.20 -3.05 13.56
C VAL A 435 9.16 -2.53 14.55
N VAL A 436 9.59 -2.37 15.79
CA VAL A 436 8.67 -1.95 16.82
C VAL A 436 9.18 -0.65 17.45
N LEU A 437 8.35 0.38 17.42
CA LEU A 437 8.64 1.61 18.13
C LEU A 437 7.87 1.58 19.46
N GLY A 438 8.58 1.28 20.54
CA GLY A 438 7.95 1.09 21.84
C GLY A 438 8.21 2.24 22.79
N HIS A 439 7.61 2.15 23.98
CA HIS A 439 7.68 3.24 24.93
C HIS A 439 8.10 2.74 26.30
N GLY A 440 8.69 1.54 26.33
CA GLY A 440 9.05 0.90 27.57
C GLY A 440 8.06 -0.17 27.98
N GLU A 441 7.21 -0.61 27.06
CA GLU A 441 6.19 -1.60 27.41
C GLU A 441 6.81 -2.95 27.72
N GLY A 442 6.34 -3.55 28.80
CA GLY A 442 6.70 -4.90 29.14
C GLY A 442 5.61 -5.91 28.78
N ARG A 443 6.05 -7.15 28.65
CA ARG A 443 5.19 -8.32 28.48
C ARG A 443 6.06 -9.50 28.87
N GLN A 444 5.59 -10.31 29.82
CA GLN A 444 6.37 -11.47 30.27
C GLN A 444 6.19 -12.64 29.31
N ASP B 23 5.57 -48.84 -2.40
CA ASP B 23 4.19 -48.45 -2.17
C ASP B 23 4.05 -47.22 -1.27
N ILE B 24 5.07 -46.91 -0.48
CA ILE B 24 5.07 -45.62 0.22
C ILE B 24 5.23 -44.54 -0.84
N ASP B 25 5.97 -44.86 -1.89
CA ASP B 25 6.16 -43.94 -3.01
C ASP B 25 4.86 -43.79 -3.81
N GLN B 26 4.22 -44.92 -4.10
CA GLN B 26 2.92 -44.90 -4.75
C GLN B 26 1.89 -44.17 -3.90
N TYR B 27 1.84 -44.51 -2.63
CA TYR B 27 0.91 -43.85 -1.70
C TYR B 27 1.14 -42.34 -1.65
N MET B 28 2.36 -41.92 -1.34
CA MET B 28 2.64 -40.50 -1.12
C MET B 28 2.47 -39.66 -2.38
N THR B 29 2.81 -40.26 -3.53
CA THR B 29 2.61 -39.60 -4.82
C THR B 29 1.13 -39.42 -5.09
N ASP B 30 0.33 -40.41 -4.72
CA ASP B 30 -1.13 -40.31 -4.85
C ASP B 30 -1.67 -39.17 -3.99
N VAL B 31 -1.20 -39.06 -2.75
CA VAL B 31 -1.55 -37.95 -1.86
C VAL B 31 -1.20 -36.59 -2.50
N GLY B 32 0.00 -36.51 -3.09
CA GLY B 32 0.41 -35.30 -3.76
C GLY B 32 -0.50 -34.91 -4.92
N ARG B 33 -0.79 -35.86 -5.81
CA ARG B 33 -1.68 -35.59 -6.94
C ARG B 33 -3.10 -35.23 -6.50
N ARG B 34 -3.57 -35.89 -5.46
CA ARG B 34 -4.87 -35.56 -4.87
C ARG B 34 -4.85 -34.14 -4.30
N ALA B 35 -3.73 -33.77 -3.68
CA ALA B 35 -3.61 -32.43 -3.12
C ALA B 35 -3.62 -31.38 -4.23
N ARG B 36 -2.85 -31.60 -5.29
CA ARG B 36 -2.84 -30.69 -6.45
C ARG B 36 -4.23 -30.54 -7.05
N ARG B 37 -4.93 -31.67 -7.24
CA ARG B 37 -6.27 -31.62 -7.80
C ARG B 37 -7.23 -30.84 -6.92
N ALA B 38 -7.16 -31.07 -5.61
CA ALA B 38 -8.06 -30.40 -4.68
C ALA B 38 -7.74 -28.90 -4.53
N SER B 39 -6.46 -28.53 -4.64
CA SER B 39 -6.06 -27.12 -4.51
C SER B 39 -6.81 -26.27 -5.54
N ARG B 40 -7.10 -26.85 -6.71
CA ARG B 40 -7.81 -26.13 -7.75
C ARG B 40 -9.18 -25.66 -7.25
N SER B 41 -9.87 -26.55 -6.52
CA SER B 41 -11.19 -26.24 -5.99
C SER B 41 -11.14 -25.22 -4.87
N ILE B 42 -10.31 -25.46 -3.86
CA ILE B 42 -10.19 -24.55 -2.72
C ILE B 42 -9.66 -23.17 -3.13
N ALA B 43 -8.81 -23.11 -4.16
CA ALA B 43 -8.34 -21.80 -4.65
C ALA B 43 -9.48 -20.98 -5.25
N ARG B 44 -10.51 -21.67 -5.77
CA ARG B 44 -11.68 -21.05 -6.38
C ARG B 44 -12.76 -20.74 -5.35
N ALA B 45 -12.66 -21.40 -4.21
CA ALA B 45 -13.73 -21.38 -3.21
C ALA B 45 -13.98 -19.94 -2.79
N SER B 46 -15.26 -19.57 -2.72
CA SER B 46 -15.62 -18.22 -2.28
C SER B 46 -15.32 -18.06 -0.81
N THR B 47 -15.26 -16.81 -0.36
CA THR B 47 -15.05 -16.51 1.05
C THR B 47 -16.11 -17.20 1.89
N ALA B 48 -17.35 -17.11 1.45
CA ALA B 48 -18.48 -17.70 2.19
C ALA B 48 -18.32 -19.20 2.39
N ALA B 49 -17.93 -19.90 1.34
CA ALA B 49 -17.74 -21.34 1.44
C ALA B 49 -16.62 -21.69 2.41
N LYS B 50 -15.54 -20.93 2.36
CA LYS B 50 -14.41 -21.18 3.24
C LYS B 50 -14.80 -20.92 4.70
N ASN B 51 -15.48 -19.82 4.96
CA ASN B 51 -15.92 -19.52 6.32
C ASN B 51 -16.97 -20.49 6.82
N ALA B 52 -17.83 -20.97 5.93
CA ALA B 52 -18.84 -21.95 6.34
C ALA B 52 -18.17 -23.27 6.73
N ALA B 53 -17.06 -23.60 6.04
CA ALA B 53 -16.33 -24.82 6.37
C ALA B 53 -15.72 -24.72 7.76
N LEU B 54 -15.14 -23.56 8.06
CA LEU B 54 -14.54 -23.33 9.36
C LEU B 54 -15.59 -23.33 10.48
N GLU B 55 -16.72 -22.67 10.26
CA GLU B 55 -17.76 -22.64 11.28
C GLU B 55 -18.34 -24.03 11.50
N ALA B 56 -18.45 -24.83 10.45
CA ALA B 56 -18.98 -26.19 10.59
C ALA B 56 -18.08 -27.03 11.49
N VAL B 57 -16.78 -27.03 11.20
CA VAL B 57 -15.80 -27.74 12.02
C VAL B 57 -15.86 -27.28 13.47
N ALA B 58 -16.04 -25.97 13.68
CA ALA B 58 -16.08 -25.43 15.03
C ALA B 58 -17.28 -25.97 15.80
N ARG B 59 -18.45 -25.99 15.16
CA ARG B 59 -19.64 -26.53 15.82
C ARG B 59 -19.50 -28.02 16.05
N ALA B 60 -18.88 -28.71 15.09
CA ALA B 60 -18.62 -30.13 15.20
C ALA B 60 -17.76 -30.45 16.43
N ILE B 61 -16.70 -29.67 16.65
CA ILE B 61 -15.89 -29.82 17.85
C ILE B 61 -16.70 -29.55 19.12
N GLU B 62 -17.51 -28.50 19.09
CA GLU B 62 -18.40 -28.20 20.22
C GLU B 62 -19.30 -29.40 20.49
N ARG B 63 -19.72 -30.05 19.41
CA ARG B 63 -20.61 -31.20 19.52
C ARG B 63 -19.91 -32.42 20.14
N ASP B 64 -18.76 -32.78 19.60
CA ASP B 64 -18.06 -34.00 20.01
C ASP B 64 -16.99 -33.77 21.07
N ALA B 65 -17.15 -32.71 21.87
CA ALA B 65 -16.15 -32.31 22.86
C ALA B 65 -15.83 -33.41 23.88
N GLY B 66 -16.87 -34.08 24.37
CA GLY B 66 -16.70 -35.19 25.27
C GLY B 66 -15.96 -36.34 24.61
N ALA B 67 -16.43 -36.72 23.42
CA ALA B 67 -15.84 -37.84 22.69
C ALA B 67 -14.38 -37.56 22.29
N LEU B 68 -14.08 -36.32 21.95
CA LEU B 68 -12.71 -35.93 21.58
C LEU B 68 -11.79 -36.00 22.78
N LYS B 69 -12.32 -35.62 23.93
CA LYS B 69 -11.53 -35.64 25.16
C LYS B 69 -11.32 -37.08 25.58
N ALA B 70 -12.29 -37.93 25.26
CA ALA B 70 -12.16 -39.34 25.59
C ALA B 70 -11.10 -40.00 24.71
N ALA B 71 -11.08 -39.62 23.44
CA ALA B 71 -10.06 -40.12 22.52
C ALA B 71 -8.68 -39.66 22.96
N ASN B 72 -8.57 -38.38 23.32
CA ASN B 72 -7.30 -37.80 23.77
C ASN B 72 -6.75 -38.45 25.05
N ALA B 73 -7.63 -38.88 25.94
CA ALA B 73 -7.21 -39.52 27.18
C ALA B 73 -6.62 -40.90 26.89
N ARG B 74 -7.09 -41.53 25.83
CA ARG B 74 -6.52 -42.82 25.44
C ARG B 74 -5.10 -42.62 24.90
N ASP B 75 -4.91 -41.54 24.13
CA ASP B 75 -3.58 -41.17 23.66
C ASP B 75 -2.62 -40.84 24.82
N VAL B 76 -3.09 -40.03 25.77
CA VAL B 76 -2.28 -39.60 26.93
C VAL B 76 -1.90 -40.79 27.80
N ALA B 77 -2.87 -41.66 28.06
CA ALA B 77 -2.62 -42.85 28.87
C ALA B 77 -1.56 -43.71 28.21
N ARG B 78 -1.74 -43.98 26.92
CA ARG B 78 -0.75 -44.74 26.16
C ARG B 78 0.61 -44.06 26.21
N ALA B 79 0.60 -42.73 26.21
CA ALA B 79 1.84 -41.93 26.27
C ALA B 79 2.54 -41.99 27.63
N LYS B 80 1.81 -41.72 28.70
CA LYS B 80 2.39 -41.74 30.04
C LYS B 80 2.85 -43.15 30.43
N ASP B 81 2.34 -44.15 29.70
CA ASP B 81 2.76 -45.54 29.84
C ASP B 81 4.18 -45.76 29.33
N LYS B 82 4.48 -45.17 28.17
CA LYS B 82 5.83 -45.23 27.60
C LYS B 82 6.79 -44.37 28.40
N GLY B 83 6.25 -43.56 29.31
CA GLY B 83 7.05 -42.61 30.04
C GLY B 83 7.67 -41.58 29.14
N LEU B 84 6.82 -40.82 28.45
CA LEU B 84 7.30 -39.75 27.59
C LEU B 84 7.55 -38.50 28.41
N ASP B 85 8.40 -37.62 27.87
CA ASP B 85 8.66 -36.29 28.42
C ASP B 85 7.34 -35.61 28.84
N ALA B 86 7.26 -35.24 30.11
CA ALA B 86 6.06 -34.60 30.66
C ALA B 86 5.58 -33.42 29.82
N ALA B 87 6.52 -32.68 29.24
CA ALA B 87 6.19 -31.54 28.39
C ALA B 87 5.59 -32.00 27.07
N PHE B 88 6.11 -33.10 26.52
CA PHE B 88 5.55 -33.72 25.32
C PHE B 88 4.11 -34.15 25.63
N VAL B 89 3.92 -34.74 26.80
CA VAL B 89 2.61 -35.24 27.23
C VAL B 89 1.64 -34.10 27.55
N ASP B 90 2.15 -33.03 28.15
CA ASP B 90 1.34 -31.84 28.42
C ASP B 90 0.91 -31.14 27.12
N ARG B 91 1.72 -31.29 26.07
CA ARG B 91 1.37 -30.74 24.76
C ARG B 91 0.41 -31.66 24.04
N LEU B 92 0.40 -32.92 24.43
CA LEU B 92 -0.47 -33.93 23.84
C LEU B 92 -1.89 -33.77 24.37
N THR B 93 -2.00 -33.14 25.53
CA THR B 93 -3.25 -33.11 26.28
C THR B 93 -4.29 -32.12 25.74
N LEU B 94 -5.47 -32.63 25.38
CA LEU B 94 -6.57 -31.77 24.96
C LEU B 94 -7.59 -31.61 26.08
N SER B 95 -7.36 -30.62 26.93
CA SER B 95 -8.34 -30.28 27.97
C SER B 95 -9.49 -29.47 27.37
N ASP B 96 -10.50 -29.20 28.18
CA ASP B 96 -11.61 -28.35 27.76
C ASP B 96 -11.07 -27.01 27.30
N LYS B 97 -10.09 -26.48 28.02
CA LYS B 97 -9.48 -25.19 27.68
C LYS B 97 -8.86 -25.23 26.28
N ALA B 98 -8.08 -26.27 26.03
CA ALA B 98 -7.49 -26.46 24.70
C ALA B 98 -8.57 -26.55 23.63
N LEU B 99 -9.60 -27.36 23.87
CA LEU B 99 -10.71 -27.51 22.93
C LEU B 99 -11.42 -26.19 22.65
N LYS B 100 -11.83 -25.49 23.71
CA LYS B 100 -12.46 -24.18 23.56
C LYS B 100 -11.53 -23.26 22.76
N THR B 101 -10.24 -23.35 23.07
CA THR B 101 -9.24 -22.56 22.36
C THR B 101 -9.16 -22.88 20.86
N MET B 102 -9.22 -24.16 20.48
CA MET B 102 -9.29 -24.53 19.06
C MET B 102 -10.52 -23.91 18.39
N VAL B 103 -11.66 -23.98 19.08
CA VAL B 103 -12.93 -23.46 18.56
C VAL B 103 -12.85 -21.96 18.34
N GLU B 104 -12.30 -21.25 19.32
CA GLU B 104 -12.06 -19.81 19.19
C GLU B 104 -11.21 -19.52 17.97
N GLY B 105 -10.18 -20.34 17.78
CA GLY B 105 -9.26 -20.17 16.66
C GLY B 105 -9.98 -20.30 15.33
N LEU B 106 -10.87 -21.29 15.25
CA LEU B 106 -11.65 -21.50 14.03
C LEU B 106 -12.48 -20.27 13.68
N ARG B 107 -13.17 -19.72 14.69
CA ARG B 107 -14.01 -18.57 14.42
C ARG B 107 -13.19 -17.31 14.20
N GLN B 108 -12.01 -17.23 14.82
CA GLN B 108 -11.08 -16.14 14.56
C GLN B 108 -10.67 -16.14 13.09
N VAL B 109 -10.32 -17.32 12.60
CA VAL B 109 -9.86 -17.44 11.22
C VAL B 109 -10.99 -17.13 10.23
N ALA B 110 -12.19 -17.66 10.51
CA ALA B 110 -13.37 -17.31 9.74
C ALA B 110 -13.56 -15.79 9.68
N THR B 111 -13.36 -15.12 10.82
CA THR B 111 -13.47 -13.66 10.92
C THR B 111 -12.42 -12.89 10.10
N LEU B 112 -11.21 -13.42 10.00
CA LEU B 112 -10.15 -12.75 9.24
C LEU B 112 -10.58 -12.45 7.80
N PRO B 113 -10.10 -11.32 7.24
CA PRO B 113 -10.42 -11.02 5.84
C PRO B 113 -9.87 -12.10 4.92
N ASP B 114 -10.58 -12.40 3.83
CA ASP B 114 -10.12 -13.39 2.89
C ASP B 114 -9.05 -12.77 2.00
N PRO B 115 -7.83 -13.32 2.04
CA PRO B 115 -6.75 -12.67 1.27
C PRO B 115 -6.75 -13.02 -0.21
N ILE B 116 -7.45 -14.09 -0.56
CA ILE B 116 -7.29 -14.65 -1.89
C ILE B 116 -8.03 -13.84 -2.98
N GLY B 117 -7.38 -13.70 -4.12
CA GLY B 117 -8.01 -13.07 -5.27
C GLY B 117 -7.93 -11.56 -5.26
N GLU B 118 -7.29 -11.02 -4.24
CA GLU B 118 -7.15 -9.57 -4.15
C GLU B 118 -6.20 -9.02 -5.24
N MET B 119 -6.62 -7.95 -5.89
CA MET B 119 -5.80 -7.29 -6.91
C MET B 119 -5.38 -5.91 -6.43
N SER B 120 -4.12 -5.58 -6.69
CA SER B 120 -3.54 -4.37 -6.14
C SER B 120 -2.68 -3.71 -7.20
N ASN B 121 -2.48 -2.40 -7.07
CA ASN B 121 -1.55 -1.67 -7.95
C ASN B 121 -1.74 -1.93 -9.45
N LEU B 122 -3.00 -2.02 -9.90
CA LEU B 122 -3.28 -2.20 -11.33
C LEU B 122 -3.05 -0.86 -12.04
N LYS B 123 -1.85 -0.68 -12.60
CA LYS B 123 -1.46 0.63 -13.14
C LYS B 123 -1.37 0.59 -14.65
N TYR B 124 -1.74 1.68 -15.30
CA TYR B 124 -1.52 1.78 -16.74
C TYR B 124 -0.03 2.02 -17.05
N ARG B 125 0.45 1.38 -18.11
CA ARG B 125 1.82 1.58 -18.62
C ARG B 125 1.74 2.38 -19.92
N PRO B 126 2.84 3.05 -20.31
CA PRO B 126 2.87 3.79 -21.59
C PRO B 126 2.43 2.96 -22.79
N SER B 127 2.73 1.66 -22.80
CA SER B 127 2.34 0.74 -23.87
C SER B 127 0.82 0.62 -23.99
N GLY B 128 0.08 0.92 -22.93
CA GLY B 128 -1.37 0.76 -22.97
C GLY B 128 -1.94 -0.35 -22.09
N ILE B 129 -1.13 -1.34 -21.74
CA ILE B 129 -1.59 -2.35 -20.80
C ILE B 129 -1.73 -1.75 -19.39
N GLN B 130 -2.53 -2.43 -18.56
CA GLN B 130 -2.67 -2.11 -17.15
C GLN B 130 -2.14 -3.33 -16.37
N VAL B 131 -1.12 -3.13 -15.55
CA VAL B 131 -0.46 -4.24 -14.87
C VAL B 131 -0.58 -4.07 -13.38
N GLY B 132 -0.95 -5.15 -12.69
CA GLY B 132 -1.00 -5.14 -11.23
C GLY B 132 -0.60 -6.52 -10.71
N GLN B 133 -0.91 -6.79 -9.46
CA GLN B 133 -0.67 -8.11 -8.89
C GLN B 133 -1.92 -8.69 -8.28
N MET B 134 -2.02 -10.01 -8.34
CA MET B 134 -3.08 -10.70 -7.64
C MET B 134 -2.49 -11.59 -6.56
N ARG B 135 -3.10 -11.58 -5.38
CA ARG B 135 -2.70 -12.49 -4.31
C ARG B 135 -3.48 -13.80 -4.44
N VAL B 136 -2.75 -14.91 -4.48
CA VAL B 136 -3.34 -16.23 -4.72
C VAL B 136 -2.74 -17.23 -3.74
N PRO B 137 -3.36 -18.42 -3.61
CA PRO B 137 -2.81 -19.40 -2.67
C PRO B 137 -1.49 -19.98 -3.19
N LEU B 138 -0.63 -20.44 -2.29
CA LEU B 138 0.56 -21.20 -2.72
C LEU B 138 0.13 -22.47 -3.47
N GLY B 139 -0.89 -23.14 -2.96
CA GLY B 139 -1.39 -24.35 -3.60
C GLY B 139 -1.58 -25.45 -2.59
N VAL B 140 -0.47 -26.08 -2.22
CA VAL B 140 -0.50 -27.21 -1.31
C VAL B 140 0.49 -26.99 -0.17
N ILE B 141 0.03 -27.10 1.07
CA ILE B 141 0.89 -26.90 2.25
C ILE B 141 1.06 -28.21 3.00
N GLY B 142 2.30 -28.61 3.26
CA GLY B 142 2.56 -29.77 4.10
C GLY B 142 2.79 -29.37 5.56
N ILE B 143 2.01 -29.94 6.48
CA ILE B 143 2.17 -29.67 7.91
C ILE B 143 2.72 -30.91 8.62
N ILE B 144 3.86 -30.77 9.28
CA ILE B 144 4.48 -31.89 9.96
C ILE B 144 4.63 -31.54 11.42
N TYR B 145 4.02 -32.35 12.29
CA TYR B 145 3.94 -32.01 13.70
C TYR B 145 4.03 -33.23 14.63
N GLU B 146 4.60 -32.98 15.80
CA GLU B 146 4.84 -34.01 16.80
C GLU B 146 3.99 -33.58 17.97
N SER B 147 3.37 -34.53 18.67
CA SER B 147 2.44 -34.21 19.73
C SER B 147 1.40 -33.23 19.16
N ARG B 148 0.94 -32.31 20.01
CA ARG B 148 0.13 -31.17 19.58
C ARG B 148 -1.02 -31.52 18.62
N PRO B 149 -2.00 -32.31 19.08
CA PRO B 149 -3.09 -32.71 18.16
C PRO B 149 -3.96 -31.55 17.72
N ASN B 150 -3.98 -30.48 18.51
CA ASN B 150 -4.68 -29.26 18.15
C ASN B 150 -4.18 -28.64 16.83
N VAL B 151 -2.93 -28.95 16.46
CA VAL B 151 -2.37 -28.49 15.18
C VAL B 151 -3.17 -29.02 14.00
N THR B 152 -3.77 -30.20 14.18
CA THR B 152 -4.61 -30.80 13.14
C THR B 152 -5.67 -29.81 12.67
N ILE B 153 -6.30 -29.14 13.63
CA ILE B 153 -7.33 -28.13 13.37
C ILE B 153 -6.72 -26.77 13.02
N ASP B 154 -5.82 -26.28 13.89
CA ASP B 154 -5.31 -24.92 13.78
C ASP B 154 -4.56 -24.66 12.47
N ALA B 155 -3.77 -25.62 12.02
CA ALA B 155 -2.99 -25.41 10.82
C ALA B 155 -3.87 -25.55 9.60
N ALA B 156 -4.71 -26.59 9.60
CA ALA B 156 -5.65 -26.81 8.49
C ALA B 156 -6.51 -25.58 8.26
N ALA B 157 -7.02 -25.02 9.35
CA ALA B 157 -7.83 -23.81 9.26
C ALA B 157 -7.11 -22.69 8.49
N LEU B 158 -5.87 -22.39 8.86
CA LEU B 158 -5.15 -21.28 8.26
C LEU B 158 -4.91 -21.56 6.79
N CYS B 159 -4.49 -22.79 6.48
CA CYS B 159 -4.27 -23.20 5.10
C CYS B 159 -5.53 -23.05 4.27
N LEU B 160 -6.65 -23.52 4.84
CA LEU B 160 -7.92 -23.54 4.15
C LEU B 160 -8.42 -22.13 3.85
N LYS B 161 -8.34 -21.26 4.85
CA LYS B 161 -8.85 -19.89 4.70
C LYS B 161 -8.03 -19.16 3.63
N SER B 162 -6.75 -19.52 3.52
CA SER B 162 -5.89 -18.92 2.51
C SER B 162 -5.91 -19.72 1.20
N GLY B 163 -6.95 -20.54 1.03
CA GLY B 163 -7.19 -21.18 -0.24
C GLY B 163 -6.25 -22.30 -0.63
N ASN B 164 -5.55 -22.87 0.34
CA ASN B 164 -4.66 -23.99 0.10
C ASN B 164 -5.26 -25.37 0.38
N ALA B 165 -4.74 -26.38 -0.31
CA ALA B 165 -4.92 -27.77 0.08
C ALA B 165 -3.91 -28.05 1.17
N THR B 166 -4.22 -28.98 2.08
CA THR B 166 -3.30 -29.28 3.17
C THR B 166 -2.97 -30.76 3.17
N ILE B 167 -1.71 -31.08 3.43
CA ILE B 167 -1.35 -32.46 3.74
C ILE B 167 -0.84 -32.48 5.17
N LEU B 168 -1.53 -33.22 6.04
CA LEU B 168 -1.18 -33.29 7.46
C LEU B 168 -0.41 -34.57 7.80
N ARG B 169 0.75 -34.42 8.42
CA ARG B 169 1.46 -35.58 8.95
C ARG B 169 1.74 -35.37 10.43
N GLY B 170 0.86 -35.91 11.28
CA GLY B 170 1.02 -35.82 12.71
C GLY B 170 1.79 -37.00 13.29
N GLY B 171 2.21 -36.86 14.55
CA GLY B 171 2.99 -37.89 15.20
C GLY B 171 2.19 -39.10 15.62
N SER B 172 2.90 -40.18 15.92
CA SER B 172 2.26 -41.45 16.24
C SER B 172 1.53 -41.43 17.58
N GLU B 173 2.02 -40.61 18.51
CA GLU B 173 1.49 -40.61 19.87
C GLU B 173 0.14 -39.88 19.98
N ALA B 174 -0.26 -39.18 18.91
CA ALA B 174 -1.54 -38.50 18.92
C ALA B 174 -2.52 -39.14 17.94
N LEU B 175 -2.29 -40.41 17.60
CA LEU B 175 -3.06 -41.11 16.56
C LEU B 175 -4.57 -40.97 16.71
N GLU B 176 -5.11 -41.32 17.89
CA GLU B 176 -6.56 -41.26 18.08
C GLU B 176 -7.12 -39.85 18.03
N SER B 177 -6.38 -38.90 18.60
CA SER B 177 -6.82 -37.51 18.58
C SER B 177 -6.80 -36.93 17.17
N ASN B 178 -5.68 -37.08 16.48
CA ASN B 178 -5.55 -36.51 15.13
C ASN B 178 -6.58 -37.09 14.18
N THR B 179 -6.82 -38.40 14.31
CA THR B 179 -7.81 -39.10 13.50
C THR B 179 -9.22 -38.55 13.71
N ALA B 180 -9.61 -38.45 14.98
CA ALA B 180 -10.91 -37.90 15.35
C ALA B 180 -11.07 -36.48 14.83
N LEU B 181 -10.06 -35.64 15.06
CA LEU B 181 -10.12 -34.25 14.63
C LEU B 181 -10.20 -34.10 13.11
N ALA B 182 -9.42 -34.93 12.39
CA ALA B 182 -9.42 -34.85 10.93
C ALA B 182 -10.78 -35.28 10.36
N LYS B 183 -11.43 -36.26 10.98
CA LYS B 183 -12.74 -36.71 10.50
C LYS B 183 -13.73 -35.56 10.62
N LEU B 184 -13.58 -34.75 11.66
CA LEU B 184 -14.43 -33.56 11.82
C LEU B 184 -14.13 -32.51 10.73
N ILE B 185 -12.86 -32.36 10.37
CA ILE B 185 -12.52 -31.47 9.25
C ILE B 185 -13.26 -31.90 7.98
N GLY B 186 -13.23 -33.20 7.69
CA GLY B 186 -13.92 -33.74 6.54
C GLY B 186 -15.40 -33.41 6.58
N GLU B 187 -15.98 -33.49 7.78
CA GLU B 187 -17.39 -33.17 7.99
C GLU B 187 -17.65 -31.71 7.57
N GLY B 188 -16.75 -30.82 7.97
CA GLY B 188 -16.87 -29.42 7.61
C GLY B 188 -16.70 -29.14 6.13
N LEU B 189 -15.74 -29.82 5.50
CA LEU B 189 -15.54 -29.69 4.05
C LEU B 189 -16.83 -30.05 3.29
N ALA B 190 -17.38 -31.22 3.60
CA ALA B 190 -18.59 -31.69 2.95
C ALA B 190 -19.76 -30.72 3.18
N GLU B 191 -19.87 -30.21 4.40
CA GLU B 191 -20.94 -29.27 4.74
C GLU B 191 -20.87 -27.99 3.90
N ALA B 192 -19.69 -27.66 3.39
CA ALA B 192 -19.50 -26.43 2.64
C ALA B 192 -19.35 -26.67 1.14
N GLY B 193 -19.45 -27.93 0.72
CA GLY B 193 -19.32 -28.28 -0.69
C GLY B 193 -17.89 -28.34 -1.21
N LEU B 194 -16.92 -28.47 -0.30
CA LEU B 194 -15.52 -28.56 -0.70
C LEU B 194 -15.09 -30.02 -0.83
N PRO B 195 -14.19 -30.33 -1.78
CA PRO B 195 -13.70 -31.71 -1.93
C PRO B 195 -13.05 -32.21 -0.65
N GLN B 196 -13.26 -33.48 -0.32
CA GLN B 196 -12.70 -34.07 0.88
C GLN B 196 -11.18 -34.00 0.87
N ASP B 197 -10.59 -34.01 -0.31
CA ASP B 197 -9.13 -33.98 -0.42
C ASP B 197 -8.53 -32.60 -0.21
N THR B 198 -9.36 -31.61 0.10
CA THR B 198 -8.87 -30.28 0.47
C THR B 198 -7.94 -30.39 1.68
N VAL B 199 -8.27 -31.31 2.59
CA VAL B 199 -7.40 -31.69 3.69
C VAL B 199 -7.20 -33.21 3.70
N GLN B 200 -5.96 -33.64 3.48
CA GLN B 200 -5.62 -35.06 3.61
C GLN B 200 -4.73 -35.30 4.81
N VAL B 201 -4.90 -36.47 5.42
CA VAL B 201 -3.99 -36.93 6.47
C VAL B 201 -3.12 -38.06 5.93
N VAL B 202 -1.81 -37.98 6.16
CA VAL B 202 -0.94 -39.11 5.90
C VAL B 202 -1.24 -40.14 6.97
N GLU B 203 -1.76 -41.30 6.55
CA GLU B 203 -2.33 -42.28 7.47
C GLU B 203 -1.33 -43.28 8.05
N THR B 204 -0.45 -43.81 7.19
CA THR B 204 0.58 -44.72 7.65
C THR B 204 1.52 -44.03 8.64
N ALA B 205 2.03 -44.78 9.61
CA ALA B 205 2.98 -44.24 10.57
C ALA B 205 4.41 -44.39 10.06
N ASP B 206 4.56 -45.15 8.98
CA ASP B 206 5.83 -45.36 8.30
C ASP B 206 6.69 -44.09 8.24
N ARG B 207 7.85 -44.13 8.88
CA ARG B 207 8.73 -42.96 8.97
C ARG B 207 9.23 -42.48 7.61
N ALA B 208 9.13 -43.36 6.61
CA ALA B 208 9.57 -43.02 5.25
C ALA B 208 8.67 -41.99 4.59
N ALA B 209 7.44 -41.86 5.08
CA ALA B 209 6.47 -40.92 4.52
C ALA B 209 6.90 -39.47 4.68
N VAL B 210 7.55 -39.16 5.79
CA VAL B 210 8.03 -37.80 6.07
C VAL B 210 9.09 -37.40 5.04
N GLY B 211 10.04 -38.32 4.80
CA GLY B 211 11.12 -38.07 3.85
C GLY B 211 10.58 -37.80 2.46
N ARG B 212 9.55 -38.54 2.07
CA ARG B 212 8.92 -38.34 0.76
C ARG B 212 8.26 -36.98 0.72
N LEU B 213 7.43 -36.71 1.73
CA LEU B 213 6.70 -35.43 1.83
C LEU B 213 7.59 -34.20 1.67
N ILE B 214 8.76 -34.21 2.32
CA ILE B 214 9.66 -33.05 2.27
C ILE B 214 10.50 -33.01 1.00
N THR B 215 10.34 -34.02 0.15
CA THR B 215 11.01 -34.06 -1.15
C THR B 215 10.00 -34.08 -2.31
N MET B 216 8.71 -34.07 -1.99
CA MET B 216 7.67 -34.11 -3.02
C MET B 216 7.50 -32.74 -3.64
N THR B 217 8.55 -32.29 -4.31
CA THR B 217 8.66 -30.91 -4.74
C THR B 217 7.67 -30.58 -5.87
N GLU B 218 7.22 -31.60 -6.59
CA GLU B 218 6.22 -31.42 -7.63
C GLU B 218 4.84 -31.04 -7.05
N TYR B 219 4.50 -31.61 -5.90
CA TYR B 219 3.14 -31.52 -5.39
C TYR B 219 2.91 -30.65 -4.16
N VAL B 220 3.97 -30.31 -3.45
CA VAL B 220 3.85 -29.60 -2.17
C VAL B 220 4.68 -28.33 -2.25
N ASP B 221 4.08 -27.18 -1.95
CA ASP B 221 4.74 -25.90 -2.24
C ASP B 221 5.54 -25.31 -1.10
N VAL B 222 5.14 -25.61 0.13
CA VAL B 222 5.90 -25.20 1.30
C VAL B 222 5.55 -26.16 2.44
N ILE B 223 6.48 -26.31 3.38
CA ILE B 223 6.21 -27.14 4.53
C ILE B 223 6.34 -26.33 5.82
N VAL B 224 5.40 -26.55 6.73
CA VAL B 224 5.42 -25.90 8.04
C VAL B 224 5.56 -26.96 9.11
N PRO B 225 6.78 -27.12 9.65
CA PRO B 225 6.99 -28.09 10.71
C PRO B 225 6.70 -27.45 12.06
N ARG B 226 6.06 -28.20 12.95
CA ARG B 226 5.95 -27.76 14.33
C ARG B 226 6.26 -28.89 15.28
N GLY B 227 7.47 -28.84 15.83
CA GLY B 227 7.93 -29.77 16.82
C GLY B 227 9.08 -29.08 17.53
N GLY B 228 10.06 -29.85 17.99
CA GLY B 228 11.21 -29.27 18.68
C GLY B 228 12.38 -29.04 17.73
N LYS B 229 13.56 -28.78 18.30
CA LYS B 229 14.78 -28.58 17.51
C LYS B 229 15.32 -29.91 17.00
N SER B 230 14.76 -31.01 17.50
CA SER B 230 15.17 -32.34 17.09
C SER B 230 14.61 -32.69 15.71
N LEU B 231 13.33 -32.43 15.51
CA LEU B 231 12.67 -32.68 14.24
C LEU B 231 13.10 -31.66 13.20
N ILE B 232 13.20 -30.40 13.63
CA ILE B 232 13.54 -29.31 12.72
C ILE B 232 14.89 -29.59 12.09
N GLU B 233 15.83 -30.09 12.89
CA GLU B 233 17.18 -30.38 12.42
C GLU B 233 17.20 -31.37 11.26
N ARG B 234 16.43 -32.46 11.38
CA ARG B 234 16.32 -33.43 10.29
C ARG B 234 15.75 -32.81 9.01
N LEU B 235 14.66 -32.06 9.15
CA LEU B 235 14.00 -31.47 8.00
C LEU B 235 14.92 -30.47 7.29
N ILE B 236 15.53 -29.59 8.07
CA ILE B 236 16.48 -28.61 7.55
C ILE B 236 17.54 -29.26 6.66
N ASN B 237 18.06 -30.41 7.07
CA ASN B 237 19.13 -31.07 6.33
C ASN B 237 18.66 -31.99 5.22
N GLU B 238 17.37 -32.30 5.22
CA GLU B 238 16.83 -33.28 4.27
C GLU B 238 15.81 -32.72 3.27
N ALA B 239 15.18 -31.60 3.62
CA ALA B 239 14.06 -31.11 2.82
C ALA B 239 14.50 -30.44 1.53
N ARG B 240 13.75 -30.65 0.46
CA ARG B 240 13.99 -29.94 -0.81
C ARG B 240 12.82 -29.00 -1.09
N VAL B 241 11.68 -29.31 -0.48
CA VAL B 241 10.53 -28.43 -0.46
C VAL B 241 10.82 -27.31 0.53
N PRO B 242 10.57 -26.05 0.12
CA PRO B 242 10.80 -24.89 1.01
C PRO B 242 10.07 -25.02 2.33
N MET B 243 10.62 -24.44 3.39
CA MET B 243 9.98 -24.51 4.70
C MET B 243 9.73 -23.15 5.33
N ILE B 244 8.66 -23.04 6.10
CA ILE B 244 8.47 -21.87 6.96
C ILE B 244 8.72 -22.31 8.39
N LYS B 245 9.80 -21.81 8.98
CA LYS B 245 10.25 -22.24 10.30
C LYS B 245 11.35 -21.36 10.89
N HIS B 246 11.79 -21.77 12.08
CA HIS B 246 12.81 -21.08 12.81
C HIS B 246 13.52 -22.10 13.69
N LEU B 247 14.82 -22.26 13.47
CA LEU B 247 15.63 -23.08 14.34
C LEU B 247 16.14 -22.24 15.49
N ASP B 248 15.61 -22.49 16.70
CA ASP B 248 16.08 -21.85 17.93
C ASP B 248 15.86 -20.35 18.00
N GLY B 249 15.61 -19.85 19.20
CA GLY B 249 15.48 -18.43 19.42
C GLY B 249 16.48 -17.92 20.44
N ILE B 250 17.64 -17.48 19.96
CA ILE B 250 18.62 -16.79 20.79
C ILE B 250 18.43 -15.28 20.63
N CYS B 251 17.70 -14.69 21.57
CA CYS B 251 17.22 -13.32 21.43
C CYS B 251 17.90 -12.43 22.44
N HIS B 252 18.14 -11.17 22.06
CA HIS B 252 18.91 -10.25 22.89
C HIS B 252 18.10 -9.02 23.26
N VAL B 253 18.39 -8.48 24.44
CA VAL B 253 18.06 -7.10 24.74
C VAL B 253 19.39 -6.39 25.02
N TYR B 254 19.65 -5.31 24.30
CA TYR B 254 20.84 -4.50 24.52
C TYR B 254 20.42 -3.24 25.26
N VAL B 255 20.99 -3.04 26.43
CA VAL B 255 20.71 -1.87 27.22
C VAL B 255 21.81 -0.83 26.98
N ASP B 256 21.47 0.19 26.20
CA ASP B 256 22.41 1.23 25.81
C ASP B 256 22.76 2.08 27.03
N ASP B 257 23.91 2.75 27.00
CA ASP B 257 24.30 3.62 28.12
C ASP B 257 23.43 4.87 28.20
N ARG B 258 22.59 5.10 27.19
CA ARG B 258 21.63 6.20 27.23
C ARG B 258 20.19 5.68 27.44
N ALA B 259 20.09 4.46 27.98
CA ALA B 259 18.82 3.87 28.33
C ALA B 259 18.15 4.60 29.49
N SER B 260 16.82 4.65 29.47
CA SER B 260 16.11 4.96 30.70
C SER B 260 16.16 3.72 31.58
N VAL B 261 16.69 3.85 32.78
CA VAL B 261 16.77 2.74 33.71
C VAL B 261 15.40 2.11 33.95
N THR B 262 14.39 2.95 34.17
CA THR B 262 13.02 2.49 34.35
C THR B 262 12.55 1.64 33.18
N LYS B 263 12.75 2.13 31.95
CA LYS B 263 12.35 1.37 30.79
C LYS B 263 13.14 0.06 30.74
N ALA B 264 14.43 0.10 31.05
CA ALA B 264 15.25 -1.12 31.06
C ALA B 264 14.67 -2.18 32.01
N LEU B 265 14.26 -1.74 33.19
CA LEU B 265 13.70 -2.64 34.18
C LEU B 265 12.39 -3.27 33.70
N THR B 266 11.51 -2.49 33.11
CA THR B 266 10.24 -3.02 32.61
C THR B 266 10.43 -3.94 31.39
N VAL B 267 11.31 -3.54 30.47
CA VAL B 267 11.55 -4.30 29.24
C VAL B 267 12.28 -5.64 29.47
N CYS B 268 13.28 -5.64 30.35
CA CYS B 268 14.18 -6.79 30.52
C CYS B 268 13.66 -7.83 31.51
N ASP B 269 12.71 -7.42 32.33
CA ASP B 269 12.07 -8.35 33.24
C ASP B 269 11.12 -9.14 32.37
N ASN B 270 10.20 -8.40 31.76
CA ASN B 270 9.41 -8.88 30.65
C ASN B 270 10.28 -9.52 29.55
N CYS B 279 12.52 -19.21 21.94
CA CYS B 279 11.65 -18.32 21.18
C CYS B 279 11.21 -17.13 22.02
N ASN B 280 11.31 -15.94 21.42
CA ASN B 280 10.69 -14.72 21.97
C ASN B 280 11.29 -14.17 23.26
N THR B 281 11.77 -15.07 24.11
CA THR B 281 12.27 -14.72 25.44
C THR B 281 13.72 -14.29 25.35
N MET B 282 14.11 -13.31 26.19
CA MET B 282 15.50 -12.86 26.22
C MET B 282 16.44 -13.95 26.75
N GLU B 283 17.29 -14.49 25.89
CA GLU B 283 18.27 -15.49 26.29
C GLU B 283 19.59 -14.80 26.67
N THR B 284 19.87 -13.65 26.06
CA THR B 284 21.10 -12.92 26.34
C THR B 284 20.84 -11.44 26.60
N LEU B 285 21.40 -10.92 27.70
CA LEU B 285 21.28 -9.49 28.01
C LEU B 285 22.60 -8.78 27.75
N LEU B 286 22.58 -7.76 26.90
CA LEU B 286 23.77 -6.96 26.62
C LEU B 286 23.66 -5.59 27.31
N VAL B 287 24.70 -5.19 28.03
CA VAL B 287 24.64 -3.94 28.76
C VAL B 287 25.83 -3.08 28.44
N ALA B 288 25.59 -1.83 28.06
CA ALA B 288 26.69 -0.90 27.83
C ALA B 288 27.52 -0.72 29.11
N ARG B 289 28.84 -0.67 28.94
CA ARG B 289 29.78 -0.51 30.03
C ARG B 289 29.36 0.64 30.94
N GLY B 290 28.94 1.74 30.32
CA GLY B 290 28.68 2.96 31.06
C GLY B 290 27.48 2.90 32.00
N ILE B 291 26.54 2.01 31.72
CA ILE B 291 25.31 1.95 32.51
C ILE B 291 25.18 0.66 33.34
N ALA B 292 26.15 -0.23 33.23
CA ALA B 292 26.05 -1.54 33.87
C ALA B 292 25.79 -1.54 35.41
N PRO B 293 26.46 -0.67 36.17
CA PRO B 293 26.13 -0.73 37.60
C PRO B 293 24.69 -0.31 37.89
N ALA B 294 24.22 0.77 37.26
CA ALA B 294 22.86 1.24 37.46
C ALA B 294 21.78 0.21 37.03
N VAL B 295 22.06 -0.54 35.97
CA VAL B 295 21.09 -1.49 35.44
C VAL B 295 21.24 -2.93 35.97
N LEU B 296 22.45 -3.48 35.95
CA LEU B 296 22.66 -4.87 36.37
C LEU B 296 22.33 -5.14 37.82
N SER B 297 22.56 -4.16 38.67
CA SER B 297 22.34 -4.35 40.10
C SER B 297 20.87 -4.62 40.43
N PRO B 298 19.94 -3.76 39.96
CA PRO B 298 18.55 -4.13 40.23
C PRO B 298 18.06 -5.27 39.32
N LEU B 299 18.57 -5.37 38.10
CA LEU B 299 18.19 -6.48 37.23
C LEU B 299 18.71 -7.83 37.73
N GLY B 300 19.97 -7.86 38.17
CA GLY B 300 20.55 -9.09 38.67
C GLY B 300 19.79 -9.60 39.89
N ARG B 301 19.42 -8.69 40.79
CA ARG B 301 18.68 -9.07 41.98
C ARG B 301 17.32 -9.61 41.55
N LEU B 302 16.67 -8.87 40.66
CA LEU B 302 15.36 -9.25 40.15
C LEU B 302 15.35 -10.66 39.57
N TYR B 303 16.40 -11.03 38.82
CA TYR B 303 16.45 -12.36 38.19
C TYR B 303 16.72 -13.46 39.20
N ARG B 304 17.56 -13.17 40.18
CA ARG B 304 17.87 -14.13 41.23
C ARG B 304 16.68 -14.35 42.18
N GLU B 305 15.86 -13.32 42.34
CA GLU B 305 14.60 -13.47 43.06
C GLU B 305 13.56 -14.18 42.20
N LYS B 306 13.99 -14.71 41.05
CA LYS B 306 13.14 -15.54 40.19
C LYS B 306 13.76 -16.91 39.98
N GLY B 307 14.96 -17.13 40.52
CA GLY B 307 15.63 -18.41 40.34
C GLY B 307 16.20 -18.62 38.94
N VAL B 308 16.60 -17.54 38.28
CA VAL B 308 17.24 -17.65 36.98
C VAL B 308 18.74 -17.73 37.18
N GLU B 309 19.36 -18.77 36.65
CA GLU B 309 20.82 -18.88 36.65
C GLU B 309 21.41 -17.75 35.80
N LEU B 310 22.43 -17.07 36.33
CA LEU B 310 23.06 -15.98 35.60
C LEU B 310 24.45 -16.40 35.13
N ARG B 311 24.59 -16.59 33.82
CA ARG B 311 25.89 -16.87 33.22
C ARG B 311 26.50 -15.57 32.70
N VAL B 312 27.62 -15.17 33.29
CA VAL B 312 28.16 -13.85 33.06
C VAL B 312 29.60 -13.84 32.52
N ASP B 313 29.95 -12.82 31.75
CA ASP B 313 31.34 -12.62 31.37
C ASP B 313 32.09 -12.01 32.56
N ALA B 314 33.41 -11.87 32.42
CA ALA B 314 34.24 -11.37 33.51
C ALA B 314 33.78 -10.01 34.03
N ASP B 315 33.42 -9.12 33.11
CA ASP B 315 33.05 -7.75 33.49
C ASP B 315 31.71 -7.67 34.21
N ALA B 316 30.74 -8.47 33.77
CA ALA B 316 29.44 -8.49 34.43
C ALA B 316 29.57 -9.12 35.80
N ARG B 317 30.48 -10.08 35.93
CA ARG B 317 30.71 -10.72 37.22
C ARG B 317 31.18 -9.69 38.24
N ALA B 318 32.15 -8.86 37.85
CA ALA B 318 32.68 -7.85 38.77
C ALA B 318 31.56 -6.87 39.16
N VAL B 319 30.79 -6.43 38.17
CA VAL B 319 29.66 -5.55 38.44
C VAL B 319 28.66 -6.18 39.43
N LEU B 320 28.32 -7.46 39.20
CA LEU B 320 27.32 -8.15 40.03
C LEU B 320 27.85 -8.55 41.42
N GLU B 321 29.08 -9.05 41.46
CA GLU B 321 29.76 -9.29 42.72
C GLU B 321 29.78 -7.99 43.52
N ALA B 322 30.13 -6.89 42.86
CA ALA B 322 30.15 -5.58 43.50
C ALA B 322 28.83 -5.26 44.20
N ALA B 323 27.73 -5.59 43.54
CA ALA B 323 26.39 -5.26 44.04
C ALA B 323 25.86 -6.30 45.01
N GLY B 324 26.63 -7.38 45.18
CA GLY B 324 26.24 -8.43 46.13
C GLY B 324 25.27 -9.45 45.53
N VAL B 325 25.13 -9.44 44.22
CA VAL B 325 24.20 -10.34 43.54
C VAL B 325 24.90 -11.66 43.23
N GLY B 326 24.30 -12.75 43.67
CA GLY B 326 24.88 -14.06 43.44
C GLY B 326 23.91 -15.21 43.72
N PRO B 327 24.34 -16.44 43.41
CA PRO B 327 25.66 -16.75 42.85
C PRO B 327 25.71 -16.56 41.34
N LEU B 328 26.90 -16.70 40.76
CA LEU B 328 27.09 -16.47 39.34
C LEU B 328 27.94 -17.59 38.71
N VAL B 329 27.57 -18.00 37.49
CA VAL B 329 28.37 -18.98 36.76
C VAL B 329 29.14 -18.25 35.68
N ASP B 330 30.39 -18.65 35.44
CA ASP B 330 31.16 -18.08 34.34
C ASP B 330 30.51 -18.45 33.00
N ALA B 331 30.38 -17.46 32.12
CA ALA B 331 29.86 -17.72 30.79
C ALA B 331 30.99 -18.26 29.92
N THR B 332 30.65 -19.21 29.05
CA THR B 332 31.57 -19.68 28.03
C THR B 332 31.14 -19.07 26.69
N ASP B 333 31.97 -19.16 25.66
CA ASP B 333 31.60 -18.57 24.39
C ASP B 333 30.44 -19.33 23.73
N GLU B 334 30.25 -20.59 24.13
CA GLU B 334 29.10 -21.36 23.67
C GLU B 334 27.79 -20.84 24.28
N ASP B 335 27.89 -20.17 25.43
CA ASP B 335 26.71 -19.54 26.06
C ASP B 335 26.05 -18.45 25.20
N TRP B 336 26.84 -17.78 24.36
CA TRP B 336 26.29 -16.75 23.49
C TRP B 336 25.45 -17.36 22.34
N ARG B 337 25.63 -18.65 22.09
CA ARG B 337 24.90 -19.36 21.02
C ARG B 337 23.87 -20.38 21.51
N THR B 338 23.69 -20.46 22.83
CA THR B 338 22.89 -21.53 23.43
C THR B 338 21.47 -21.11 23.85
N GLU B 339 20.49 -21.96 23.53
CA GLU B 339 19.10 -21.83 23.97
C GLU B 339 18.33 -20.63 23.38
N PRO B 343 15.70 -22.04 32.93
CA PRO B 343 15.70 -20.61 33.28
C PRO B 343 17.12 -20.09 33.41
N VAL B 344 17.77 -19.82 32.28
CA VAL B 344 19.14 -19.36 32.28
C VAL B 344 19.25 -18.05 31.50
N LEU B 345 20.03 -17.10 32.02
CA LEU B 345 20.25 -15.85 31.31
C LEU B 345 21.74 -15.58 31.15
N ALA B 346 22.16 -15.33 29.92
CA ALA B 346 23.56 -14.93 29.69
C ALA B 346 23.68 -13.40 29.77
N ILE B 347 24.71 -12.92 30.44
CA ILE B 347 24.94 -11.47 30.54
C ILE B 347 26.35 -11.09 30.08
N LYS B 348 26.43 -10.07 29.23
CA LYS B 348 27.70 -9.64 28.69
C LYS B 348 27.76 -8.13 28.71
N ILE B 349 28.92 -7.59 29.06
CA ILE B 349 29.12 -6.15 29.00
C ILE B 349 29.74 -5.81 27.65
N VAL B 350 29.23 -4.76 27.01
CA VAL B 350 29.80 -4.29 25.74
C VAL B 350 30.12 -2.81 25.86
N ASP B 351 30.96 -2.28 24.96
CA ASP B 351 31.34 -0.88 25.02
C ASP B 351 30.15 0.00 24.70
N GLY B 352 29.39 -0.40 23.69
CA GLY B 352 28.30 0.43 23.19
C GLY B 352 27.55 -0.21 22.05
N ILE B 353 26.85 0.61 21.28
CA ILE B 353 25.91 0.09 20.31
C ILE B 353 26.58 -0.68 19.17
N ASP B 354 27.78 -0.28 18.76
CA ASP B 354 28.45 -0.97 17.64
C ASP B 354 28.81 -2.39 18.05
N ALA B 355 29.43 -2.53 19.22
CA ALA B 355 29.73 -3.84 19.78
C ALA B 355 28.46 -4.68 19.92
N ALA B 356 27.37 -4.05 20.39
CA ALA B 356 26.11 -4.77 20.58
C ALA B 356 25.50 -5.27 19.27
N ILE B 357 25.52 -4.41 18.26
CA ILE B 357 24.95 -4.76 16.97
C ILE B 357 25.74 -5.90 16.35
N GLU B 358 27.07 -5.81 16.42
CA GLU B 358 27.92 -6.87 15.89
C GLU B 358 27.67 -8.21 16.59
N HIS B 359 27.54 -8.18 17.91
CA HIS B 359 27.31 -9.39 18.68
C HIS B 359 25.96 -10.04 18.33
N ILE B 360 24.93 -9.21 18.22
CA ILE B 360 23.61 -9.71 17.88
C ILE B 360 23.65 -10.36 16.50
N ASN B 361 24.23 -9.65 15.52
CA ASN B 361 24.30 -10.16 14.16
C ASN B 361 25.17 -11.40 14.03
N GLU B 362 26.16 -11.50 14.90
CA GLU B 362 27.08 -12.64 14.87
C GLU B 362 26.50 -13.88 15.55
N TYR B 363 26.04 -13.71 16.79
CA TYR B 363 25.67 -14.84 17.64
C TYR B 363 24.17 -15.11 17.71
N GLY B 364 23.35 -14.13 17.36
CA GLY B 364 21.91 -14.25 17.52
C GLY B 364 21.27 -15.18 16.50
N SER B 365 19.97 -15.43 16.68
CA SER B 365 19.20 -16.31 15.82
CA SER B 365 19.28 -16.32 15.76
C SER B 365 18.47 -15.53 14.73
N HIS B 366 18.59 -14.21 14.79
CA HIS B 366 17.93 -13.29 13.84
C HIS B 366 16.41 -13.40 13.97
N HIS B 367 15.99 -13.70 15.19
CA HIS B 367 14.59 -13.90 15.52
C HIS B 367 14.02 -12.58 16.07
N THR B 368 14.37 -12.23 17.30
CA THR B 368 13.84 -10.99 17.90
C THR B 368 14.91 -10.36 18.78
N ASP B 369 15.15 -9.07 18.57
CA ASP B 369 16.19 -8.38 19.31
C ASP B 369 15.79 -6.94 19.60
N ALA B 370 16.14 -6.45 20.78
CA ALA B 370 15.66 -5.15 21.24
C ALA B 370 16.79 -4.26 21.75
N ILE B 371 16.64 -2.96 21.55
CA ILE B 371 17.50 -1.98 22.21
C ILE B 371 16.70 -1.18 23.24
N VAL B 372 17.31 -0.90 24.40
CA VAL B 372 16.76 0.09 25.30
C VAL B 372 17.65 1.32 25.27
N THR B 373 17.10 2.42 24.73
CA THR B 373 17.86 3.67 24.62
C THR B 373 16.92 4.86 24.49
N GLU B 374 17.35 6.00 25.01
CA GLU B 374 16.61 7.25 24.84
C GLU B 374 17.15 8.09 23.66
N ASP B 375 18.26 7.63 23.08
CA ASP B 375 18.92 8.39 22.02
C ASP B 375 18.27 8.04 20.68
N HIS B 376 17.74 9.04 19.99
CA HIS B 376 16.98 8.82 18.75
C HIS B 376 17.81 8.11 17.68
N ASP B 377 18.99 8.66 17.39
CA ASP B 377 19.81 8.11 16.32
C ASP B 377 20.25 6.68 16.59
N ARG B 378 20.61 6.39 17.82
CA ARG B 378 20.93 5.01 18.22
C ARG B 378 19.74 4.06 18.03
N ALA B 379 18.56 4.52 18.42
CA ALA B 379 17.33 3.73 18.24
C ALA B 379 17.11 3.38 16.77
N MET B 380 17.21 4.37 15.89
CA MET B 380 16.98 4.14 14.46
C MET B 380 18.08 3.31 13.81
N ARG B 381 19.33 3.50 14.24
CA ARG B 381 20.44 2.68 13.74
C ARG B 381 20.17 1.21 14.04
N PHE B 382 19.79 0.94 15.29
CA PHE B 382 19.55 -0.41 15.75
C PHE B 382 18.45 -1.08 14.92
N LEU B 383 17.34 -0.38 14.74
CA LEU B 383 16.24 -0.91 13.91
C LEU B 383 16.73 -1.26 12.52
N ARG B 384 17.66 -0.46 12.02
CA ARG B 384 18.13 -0.61 10.65
C ARG B 384 19.17 -1.71 10.51
N GLU B 385 20.12 -1.74 11.44
CA GLU B 385 21.33 -2.54 11.25
C GLU B 385 21.28 -3.94 11.86
N VAL B 386 20.36 -4.14 12.79
CA VAL B 386 20.19 -5.44 13.43
C VAL B 386 19.37 -6.31 12.49
N ASP B 387 19.98 -7.35 11.96
CA ASP B 387 19.38 -8.13 10.88
C ASP B 387 18.49 -9.28 11.41
N SER B 388 17.54 -8.94 12.27
CA SER B 388 16.65 -9.93 12.84
C SER B 388 15.25 -9.78 12.28
N ALA B 389 14.43 -10.81 12.45
CA ALA B 389 13.06 -10.83 11.90
C ALA B 389 12.15 -9.76 12.51
N SER B 390 12.38 -9.49 13.79
CA SER B 390 11.70 -8.40 14.49
C SER B 390 12.72 -7.62 15.31
N VAL B 391 12.74 -6.30 15.13
CA VAL B 391 13.65 -5.44 15.86
C VAL B 391 12.85 -4.41 16.65
N MET B 392 13.19 -4.27 17.94
CA MET B 392 12.40 -3.46 18.85
C MET B 392 13.19 -2.34 19.49
N VAL B 393 12.50 -1.21 19.69
CA VAL B 393 13.06 -0.10 20.44
C VAL B 393 12.22 0.08 21.68
N ASN B 394 12.83 -0.11 22.85
CA ASN B 394 12.14 0.10 24.12
C ASN B 394 10.85 -0.72 24.27
N ALA B 395 10.92 -1.98 23.89
CA ALA B 395 9.81 -2.89 24.10
C ALA B 395 10.34 -4.30 24.27
N SER B 396 9.64 -5.06 25.11
CA SER B 396 9.99 -6.45 25.39
C SER B 396 9.94 -7.30 24.12
N THR B 397 10.95 -8.14 23.96
CA THR B 397 11.03 -9.09 22.85
C THR B 397 9.81 -10.04 22.82
N ARG B 398 9.11 -10.14 23.93
CA ARG B 398 7.95 -11.03 24.02
C ARG B 398 6.75 -10.50 23.22
N PHE B 399 6.89 -9.31 22.64
CA PHE B 399 5.84 -8.77 21.79
C PHE B 399 5.94 -9.30 20.35
N ALA B 400 7.07 -9.92 20.00
CA ALA B 400 7.24 -10.44 18.64
C ALA B 400 6.38 -11.68 18.48
N ASP B 401 5.18 -11.49 17.98
CA ASP B 401 4.19 -12.52 18.06
C ASP B 401 3.05 -12.13 17.13
N GLY B 402 2.48 -13.12 16.45
CA GLY B 402 1.50 -12.88 15.41
C GLY B 402 0.29 -12.09 15.86
N PHE B 403 -0.20 -12.38 17.05
CA PHE B 403 -1.36 -11.69 17.58
C PHE B 403 -1.02 -10.29 18.08
N GLU B 404 0.10 -10.16 18.77
CA GLU B 404 0.55 -8.86 19.27
C GLU B 404 0.84 -7.92 18.11
N PHE B 405 1.23 -8.48 16.97
CA PHE B 405 1.52 -7.69 15.78
C PHE B 405 0.30 -7.36 14.91
N GLY B 406 -0.86 -7.88 15.26
CA GLY B 406 -2.06 -7.58 14.49
C GLY B 406 -2.34 -8.50 13.31
N LEU B 407 -1.61 -9.60 13.20
CA LEU B 407 -1.82 -10.55 12.09
C LEU B 407 -3.09 -11.37 12.33
N GLY B 408 -3.54 -11.43 13.59
CA GLY B 408 -4.76 -12.14 13.92
C GLY B 408 -4.61 -13.65 13.87
N ALA B 409 -3.38 -14.12 13.61
CA ALA B 409 -3.08 -15.53 13.46
C ALA B 409 -1.59 -15.75 13.50
N GLU B 410 -1.17 -17.00 13.59
CA GLU B 410 0.24 -17.31 13.55
C GLU B 410 0.48 -18.74 13.08
N ILE B 411 0.90 -18.91 11.82
CA ILE B 411 1.23 -20.26 11.34
C ILE B 411 2.60 -20.68 11.87
N GLY B 412 3.43 -19.68 12.16
CA GLY B 412 4.75 -19.93 12.74
C GLY B 412 5.53 -18.64 12.79
N ILE B 413 6.70 -18.68 13.41
CA ILE B 413 7.59 -17.52 13.42
C ILE B 413 8.83 -17.83 12.58
N SER B 414 9.09 -16.99 11.60
CA SER B 414 10.19 -17.26 10.68
C SER B 414 11.38 -16.37 10.95
N ASN B 415 12.56 -16.96 10.94
CA ASN B 415 13.79 -16.17 11.01
C ASN B 415 14.53 -16.17 9.66
N ASP B 416 13.87 -16.64 8.62
CA ASP B 416 14.45 -16.61 7.27
C ASP B 416 14.27 -15.23 6.65
N LYS B 417 15.05 -14.94 5.61
CA LYS B 417 14.94 -13.64 4.97
C LYS B 417 13.93 -13.62 3.83
N LEU B 418 13.83 -14.73 3.11
CA LEU B 418 12.99 -14.77 1.92
C LEU B 418 11.54 -15.10 2.23
N HIS B 419 10.64 -14.46 1.48
CA HIS B 419 9.21 -14.76 1.47
C HIS B 419 8.42 -14.31 2.69
N ALA B 420 8.74 -14.86 3.86
CA ALA B 420 8.05 -14.49 5.09
C ALA B 420 9.05 -14.44 6.24
N ARG B 421 9.00 -13.37 7.03
CA ARG B 421 9.99 -13.18 8.09
C ARG B 421 9.28 -12.66 9.34
N GLY B 422 9.62 -13.20 10.50
CA GLY B 422 8.94 -12.82 11.73
C GLY B 422 7.72 -13.69 11.90
N PRO B 423 6.77 -13.26 12.75
CA PRO B 423 5.52 -14.02 12.89
C PRO B 423 4.80 -14.06 11.54
N VAL B 424 4.25 -15.21 11.20
CA VAL B 424 3.65 -15.40 9.89
C VAL B 424 2.15 -15.65 9.99
N GLY B 425 1.38 -14.84 9.29
CA GLY B 425 -0.07 -14.98 9.26
C GLY B 425 -0.54 -15.56 7.94
N LEU B 426 -1.80 -15.30 7.59
CA LEU B 426 -2.39 -15.86 6.36
C LEU B 426 -1.56 -15.61 5.11
N GLU B 427 -1.02 -14.40 4.98
CA GLU B 427 -0.32 -14.02 3.75
C GLU B 427 0.91 -14.85 3.51
N GLY B 428 1.48 -15.39 4.59
CA GLY B 428 2.64 -16.27 4.44
C GLY B 428 2.32 -17.50 3.61
N LEU B 429 1.02 -17.81 3.48
CA LEU B 429 0.60 -19.01 2.77
C LEU B 429 0.01 -18.63 1.41
N THR B 430 0.34 -17.42 0.95
CA THR B 430 -0.11 -16.94 -0.34
C THR B 430 1.07 -16.47 -1.20
N SER B 431 0.81 -16.26 -2.49
CA SER B 431 1.82 -15.76 -3.43
C SER B 431 1.25 -14.56 -4.16
N LEU B 432 2.12 -13.66 -4.63
CA LEU B 432 1.66 -12.59 -5.52
C LEU B 432 2.09 -12.92 -6.95
N LYS B 433 1.16 -12.84 -7.91
CA LYS B 433 1.54 -13.00 -9.32
C LYS B 433 1.10 -11.74 -10.03
N TYR B 434 1.67 -11.49 -11.21
CA TYR B 434 1.28 -10.34 -12.00
C TYR B 434 0.07 -10.69 -12.82
N VAL B 435 -0.84 -9.75 -12.94
CA VAL B 435 -1.99 -9.90 -13.81
C VAL B 435 -2.03 -8.68 -14.72
N VAL B 436 -2.43 -8.89 -15.97
CA VAL B 436 -2.42 -7.78 -16.93
C VAL B 436 -3.77 -7.63 -17.59
N LEU B 437 -4.31 -6.42 -17.55
CA LEU B 437 -5.55 -6.12 -18.25
C LEU B 437 -5.19 -5.36 -19.53
N GLY B 438 -5.21 -6.06 -20.64
CA GLY B 438 -4.83 -5.46 -21.91
C GLY B 438 -6.02 -5.18 -22.80
N HIS B 439 -5.72 -4.61 -23.97
CA HIS B 439 -6.74 -4.16 -24.91
C HIS B 439 -6.37 -4.62 -26.31
N GLY B 440 -5.63 -5.72 -26.41
CA GLY B 440 -5.20 -6.24 -27.69
C GLY B 440 -3.78 -5.82 -28.06
N GLU B 441 -3.05 -5.27 -27.08
CA GLU B 441 -1.69 -4.80 -27.35
C GLU B 441 -0.78 -5.95 -27.74
N GLY B 442 -0.01 -5.77 -28.81
CA GLY B 442 1.08 -6.68 -29.15
C GLY B 442 2.39 -5.97 -28.87
N ARG B 443 3.48 -6.73 -28.81
CA ARG B 443 4.80 -6.11 -28.62
C ARG B 443 5.76 -6.54 -29.73
N ASP C 23 -22.44 38.69 -20.98
CA ASP C 23 -21.30 38.92 -21.87
C ASP C 23 -19.99 38.37 -21.27
N ILE C 24 -19.58 38.87 -20.11
CA ILE C 24 -18.42 38.30 -19.41
C ILE C 24 -18.87 37.13 -18.53
N ASP C 25 -20.12 37.17 -18.08
CA ASP C 25 -20.73 36.03 -17.41
C ASP C 25 -20.97 34.93 -18.43
N GLN C 26 -21.50 35.31 -19.59
CA GLN C 26 -21.75 34.38 -20.68
C GLN C 26 -20.44 33.73 -21.13
N TYR C 27 -19.38 34.52 -21.21
CA TYR C 27 -18.06 34.00 -21.56
C TYR C 27 -17.58 32.97 -20.56
N MET C 28 -17.57 33.33 -19.28
CA MET C 28 -17.06 32.41 -18.25
C MET C 28 -17.91 31.15 -18.15
N THR C 29 -19.23 31.29 -18.30
CA THR C 29 -20.12 30.14 -18.37
C THR C 29 -19.75 29.22 -19.55
N ASP C 30 -19.60 29.81 -20.73
CA ASP C 30 -19.19 29.07 -21.91
C ASP C 30 -17.88 28.32 -21.67
N VAL C 31 -16.89 29.01 -21.10
CA VAL C 31 -15.62 28.39 -20.75
C VAL C 31 -15.84 27.20 -19.80
N GLY C 32 -16.72 27.39 -18.81
CA GLY C 32 -17.08 26.33 -17.88
C GLY C 32 -17.64 25.10 -18.57
N ARG C 33 -18.66 25.31 -19.39
CA ARG C 33 -19.30 24.21 -20.13
C ARG C 33 -18.30 23.52 -21.03
N ARG C 34 -17.45 24.30 -21.69
CA ARG C 34 -16.44 23.74 -22.57
C ARG C 34 -15.41 22.89 -21.81
N ALA C 35 -14.99 23.37 -20.63
CA ALA C 35 -14.06 22.61 -19.80
C ALA C 35 -14.67 21.27 -19.40
N ARG C 36 -15.92 21.30 -18.95
CA ARG C 36 -16.59 20.11 -18.47
C ARG C 36 -16.69 19.08 -19.60
N ARG C 37 -17.07 19.55 -20.78
CA ARG C 37 -17.16 18.68 -21.94
C ARG C 37 -15.81 18.10 -22.35
N ALA C 38 -14.79 18.93 -22.37
CA ALA C 38 -13.44 18.47 -22.70
C ALA C 38 -12.89 17.46 -21.68
N SER C 39 -13.27 17.61 -20.41
CA SER C 39 -12.77 16.74 -19.34
C SER C 39 -13.03 15.24 -19.57
N ARG C 40 -14.12 14.91 -20.25
CA ARG C 40 -14.46 13.50 -20.50
C ARG C 40 -13.43 12.86 -21.41
N SER C 41 -12.94 13.62 -22.39
CA SER C 41 -11.94 13.15 -23.34
C SER C 41 -10.57 12.98 -22.71
N ILE C 42 -10.15 13.99 -21.94
CA ILE C 42 -8.82 13.95 -21.34
C ILE C 42 -8.76 12.90 -20.21
N ALA C 43 -9.87 12.70 -19.52
CA ALA C 43 -9.93 11.64 -18.49
C ALA C 43 -9.85 10.24 -19.11
N ARG C 44 -10.23 10.15 -20.37
CA ARG C 44 -10.26 8.89 -21.12
C ARG C 44 -8.92 8.68 -21.80
N ALA C 45 -8.13 9.75 -21.89
CA ALA C 45 -6.92 9.73 -22.71
C ALA C 45 -5.87 8.75 -22.19
N SER C 46 -5.17 8.10 -23.11
CA SER C 46 -4.15 7.12 -22.72
C SER C 46 -2.91 7.82 -22.20
N THR C 47 -2.08 7.08 -21.47
CA THR C 47 -0.80 7.60 -21.04
C THR C 47 0.01 8.16 -22.22
N ALA C 48 0.09 7.38 -23.30
CA ALA C 48 0.89 7.77 -24.46
C ALA C 48 0.40 9.08 -25.06
N ALA C 49 -0.92 9.23 -25.11
CA ALA C 49 -1.52 10.38 -25.77
C ALA C 49 -1.29 11.65 -24.97
N LYS C 50 -1.34 11.54 -23.65
CA LYS C 50 -1.08 12.68 -22.78
C LYS C 50 0.40 13.08 -22.82
N ASN C 51 1.27 12.08 -22.76
CA ASN C 51 2.70 12.33 -22.83
C ASN C 51 3.08 12.92 -24.18
N ALA C 52 2.41 12.44 -25.24
CA ALA C 52 2.68 12.94 -26.58
C ALA C 52 2.29 14.40 -26.68
N ALA C 53 1.19 14.75 -26.03
CA ALA C 53 0.71 16.14 -26.01
C ALA C 53 1.74 17.06 -25.36
N LEU C 54 2.29 16.60 -24.24
CA LEU C 54 3.33 17.34 -23.53
C LEU C 54 4.58 17.53 -24.38
N GLU C 55 5.02 16.48 -25.05
CA GLU C 55 6.20 16.55 -25.89
C GLU C 55 5.95 17.49 -27.06
N ALA C 56 4.74 17.47 -27.61
CA ALA C 56 4.42 18.33 -28.75
C ALA C 56 4.43 19.82 -28.36
N VAL C 57 3.91 20.13 -27.17
CA VAL C 57 3.98 21.50 -26.68
C VAL C 57 5.43 21.92 -26.49
N ALA C 58 6.26 21.00 -25.98
CA ALA C 58 7.69 21.29 -25.83
C ALA C 58 8.35 21.66 -27.16
N ARG C 59 8.13 20.84 -28.19
CA ARG C 59 8.70 21.13 -29.51
C ARG C 59 8.11 22.42 -30.08
N ALA C 60 6.82 22.63 -29.84
CA ALA C 60 6.13 23.81 -30.34
C ALA C 60 6.60 25.09 -29.65
N ILE C 61 7.20 24.96 -28.46
CA ILE C 61 7.84 26.11 -27.82
C ILE C 61 9.25 26.32 -28.40
N GLU C 62 9.94 25.22 -28.71
CA GLU C 62 11.22 25.30 -29.40
C GLU C 62 11.06 25.79 -30.83
N ARG C 63 11.92 26.74 -31.23
CA ARG C 63 11.91 27.32 -32.58
C ARG C 63 10.58 28.02 -32.98
N ASP C 64 9.61 28.03 -32.07
CA ASP C 64 8.47 28.92 -32.22
C ASP C 64 8.47 29.88 -31.05
N ALA C 65 9.65 30.02 -30.46
CA ALA C 65 9.88 30.88 -29.30
C ALA C 65 9.81 32.36 -29.68
N GLY C 66 10.01 32.66 -30.96
CA GLY C 66 10.00 34.03 -31.44
C GLY C 66 8.68 34.77 -31.25
N ALA C 67 7.58 34.09 -31.52
CA ALA C 67 6.26 34.70 -31.31
C ALA C 67 6.05 34.87 -29.82
N LEU C 68 6.49 33.87 -29.07
CA LEU C 68 6.42 33.88 -27.62
C LEU C 68 7.18 35.07 -27.06
N LYS C 69 8.41 35.23 -27.51
CA LYS C 69 9.26 36.30 -27.04
C LYS C 69 8.75 37.66 -27.48
N ALA C 70 8.16 37.71 -28.67
CA ALA C 70 7.68 38.99 -29.18
C ALA C 70 6.51 39.44 -28.30
N ALA C 71 5.59 38.53 -28.05
CA ALA C 71 4.46 38.81 -27.17
C ALA C 71 4.92 39.22 -25.77
N ASN C 72 5.82 38.42 -25.18
CA ASN C 72 6.42 38.75 -23.89
C ASN C 72 7.08 40.12 -23.86
N ALA C 73 7.79 40.47 -24.94
CA ALA C 73 8.39 41.80 -25.05
C ALA C 73 7.34 42.90 -24.91
N ARG C 74 6.16 42.66 -25.49
CA ARG C 74 5.07 43.62 -25.41
C ARG C 74 4.53 43.73 -23.98
N ASP C 75 4.40 42.59 -23.30
CA ASP C 75 3.99 42.57 -21.90
C ASP C 75 5.02 43.31 -21.04
N VAL C 76 6.29 42.99 -21.22
CA VAL C 76 7.36 43.62 -20.47
C VAL C 76 7.40 45.13 -20.69
N ALA C 77 7.08 45.58 -21.89
CA ALA C 77 7.10 47.01 -22.20
C ALA C 77 5.92 47.75 -21.60
N ARG C 78 4.72 47.17 -21.71
CA ARG C 78 3.53 47.75 -21.10
C ARG C 78 3.69 47.83 -19.57
N ALA C 79 4.46 46.88 -19.02
CA ALA C 79 4.75 46.84 -17.60
C ALA C 79 5.71 47.96 -17.13
N LYS C 80 6.86 48.08 -17.78
CA LYS C 80 7.84 49.11 -17.44
C LYS C 80 7.18 50.49 -17.45
N ASP C 81 6.43 50.77 -18.52
CA ASP C 81 5.63 51.99 -18.58
C ASP C 81 4.49 51.95 -17.56
N LYS C 82 4.86 51.66 -16.31
CA LYS C 82 3.97 51.51 -15.17
C LYS C 82 4.84 51.15 -13.97
N GLY C 83 5.82 50.29 -14.21
CA GLY C 83 6.91 50.06 -13.26
C GLY C 83 6.98 48.77 -12.46
N LEU C 84 8.17 48.53 -11.88
CA LEU C 84 8.48 47.47 -10.89
C LEU C 84 9.17 46.22 -11.47
N PHE C 88 9.89 42.25 -10.51
CA PHE C 88 8.61 41.93 -11.12
C PHE C 88 8.78 41.71 -12.63
N VAL C 89 9.49 42.63 -13.28
CA VAL C 89 9.74 42.51 -14.71
C VAL C 89 10.59 41.28 -15.03
N ASP C 90 11.59 41.01 -14.20
CA ASP C 90 12.42 39.81 -14.36
C ASP C 90 11.59 38.53 -14.16
N ARG C 91 10.63 38.57 -13.24
CA ARG C 91 9.71 37.45 -13.05
C ARG C 91 8.82 37.27 -14.28
N LEU C 92 8.41 38.40 -14.87
CA LEU C 92 7.52 38.42 -16.03
C LEU C 92 8.22 38.01 -17.34
N THR C 93 9.53 38.25 -17.38
CA THR C 93 10.33 38.07 -18.60
C THR C 93 10.63 36.62 -18.94
N LEU C 94 10.28 36.22 -20.17
CA LEU C 94 10.66 34.91 -20.69
C LEU C 94 12.00 34.97 -21.42
N SER C 95 13.09 34.85 -20.66
CA SER C 95 14.42 34.75 -21.25
C SER C 95 14.62 33.37 -21.88
N ASP C 96 15.68 33.23 -22.67
CA ASP C 96 16.06 31.94 -23.23
C ASP C 96 16.10 30.89 -22.11
N LYS C 97 16.58 31.31 -20.95
CA LYS C 97 16.68 30.47 -19.77
C LYS C 97 15.33 30.05 -19.25
N ALA C 98 14.38 30.97 -19.24
CA ALA C 98 13.03 30.66 -18.77
C ALA C 98 12.35 29.66 -19.71
N LEU C 99 12.54 29.84 -21.01
CA LEU C 99 11.93 28.90 -21.96
C LEU C 99 12.56 27.51 -21.83
N LYS C 100 13.87 27.48 -21.59
CA LYS C 100 14.60 26.23 -21.49
C LYS C 100 14.08 25.46 -20.28
N THR C 101 13.89 26.18 -19.18
CA THR C 101 13.35 25.60 -17.97
C THR C 101 11.95 25.07 -18.22
N MET C 102 11.14 25.89 -18.87
CA MET C 102 9.75 25.57 -19.16
C MET C 102 9.64 24.30 -20.02
N VAL C 103 10.47 24.20 -21.05
CA VAL C 103 10.52 23.02 -21.92
C VAL C 103 10.99 21.77 -21.18
N GLU C 104 12.03 21.91 -20.36
CA GLU C 104 12.50 20.81 -19.54
C GLU C 104 11.44 20.31 -18.58
N GLY C 105 10.64 21.22 -18.05
CA GLY C 105 9.58 20.86 -17.12
C GLY C 105 8.51 19.99 -17.76
N LEU C 106 8.06 20.41 -18.94
CA LEU C 106 7.11 19.64 -19.74
C LEU C 106 7.59 18.20 -19.91
N ARG C 107 8.86 18.04 -20.28
CA ARG C 107 9.42 16.71 -20.49
C ARG C 107 9.49 15.96 -19.18
N GLN C 108 9.89 16.63 -18.10
CA GLN C 108 9.90 15.99 -16.80
C GLN C 108 8.49 15.51 -16.43
N VAL C 109 7.48 16.32 -16.69
CA VAL C 109 6.10 15.89 -16.40
C VAL C 109 5.70 14.67 -17.24
N ALA C 110 6.19 14.63 -18.48
CA ALA C 110 5.95 13.49 -19.34
C ALA C 110 6.56 12.21 -18.76
N THR C 111 7.67 12.35 -18.03
CA THR C 111 8.34 11.16 -17.49
C THR C 111 7.66 10.61 -16.25
N LEU C 112 6.82 11.43 -15.61
CA LEU C 112 6.12 11.02 -14.40
C LEU C 112 5.13 9.89 -14.70
N PRO C 113 5.00 8.93 -13.78
CA PRO C 113 4.02 7.84 -13.95
C PRO C 113 2.58 8.36 -14.02
N ASP C 114 1.75 7.76 -14.88
CA ASP C 114 0.37 8.18 -15.04
C ASP C 114 -0.46 7.60 -13.88
N PRO C 115 -1.06 8.48 -13.05
CA PRO C 115 -1.81 7.94 -11.90
C PRO C 115 -3.25 7.59 -12.27
N ILE C 116 -3.69 7.99 -13.46
CA ILE C 116 -5.10 7.85 -13.79
C ILE C 116 -5.50 6.42 -14.11
N GLY C 117 -6.62 5.96 -13.53
CA GLY C 117 -7.18 4.69 -13.91
C GLY C 117 -6.65 3.54 -13.07
N GLU C 118 -5.73 3.86 -12.17
CA GLU C 118 -5.15 2.86 -11.30
C GLU C 118 -6.20 2.29 -10.33
N MET C 119 -6.25 0.97 -10.24
CA MET C 119 -7.20 0.31 -9.35
C MET C 119 -6.38 -0.32 -8.25
N SER C 120 -6.89 -0.21 -7.03
CA SER C 120 -6.16 -0.67 -5.86
C SER C 120 -7.07 -1.38 -4.86
N ASN C 121 -6.49 -2.30 -4.10
CA ASN C 121 -7.21 -2.94 -2.99
C ASN C 121 -8.53 -3.58 -3.40
N LEU C 122 -8.52 -4.24 -4.55
CA LEU C 122 -9.69 -4.93 -5.04
C LEU C 122 -9.87 -6.24 -4.30
N LYS C 123 -10.67 -6.21 -3.24
CA LYS C 123 -10.81 -7.34 -2.32
C LYS C 123 -12.18 -7.98 -2.39
N TYR C 124 -12.21 -9.30 -2.29
CA TYR C 124 -13.48 -10.03 -2.16
C TYR C 124 -14.12 -9.79 -0.79
N ARG C 125 -15.45 -9.67 -0.79
CA ARG C 125 -16.24 -9.54 0.44
C ARG C 125 -17.03 -10.82 0.63
N PRO C 126 -17.49 -11.11 1.86
CA PRO C 126 -18.30 -12.30 2.10
C PRO C 126 -19.52 -12.40 1.18
N SER C 127 -20.10 -11.25 0.82
CA SER C 127 -21.28 -11.23 -0.06
C SER C 127 -20.97 -11.76 -1.44
N GLY C 128 -19.68 -11.79 -1.79
CA GLY C 128 -19.26 -12.31 -3.08
C GLY C 128 -18.72 -11.23 -4.02
N ILE C 129 -19.06 -9.98 -3.74
CA ILE C 129 -18.58 -8.92 -4.63
C ILE C 129 -17.09 -8.67 -4.39
N GLN C 130 -16.43 -8.02 -5.35
CA GLN C 130 -15.04 -7.61 -5.16
C GLN C 130 -15.01 -6.10 -5.24
N VAL C 131 -14.55 -5.46 -4.16
CA VAL C 131 -14.63 -4.01 -3.99
C VAL C 131 -13.25 -3.40 -3.82
N GLY C 132 -12.96 -2.36 -4.59
CA GLY C 132 -11.72 -1.62 -4.45
C GLY C 132 -11.92 -0.17 -4.89
N GLN C 133 -10.81 0.50 -5.20
CA GLN C 133 -10.89 1.91 -5.60
C GLN C 133 -10.17 2.19 -6.89
N MET C 134 -10.64 3.20 -7.61
CA MET C 134 -9.96 3.63 -8.82
C MET C 134 -9.59 5.10 -8.66
N ARG C 135 -8.36 5.45 -9.06
CA ARG C 135 -7.94 6.86 -9.05
C ARG C 135 -8.34 7.51 -10.38
N VAL C 136 -9.09 8.61 -10.30
CA VAL C 136 -9.59 9.27 -11.50
C VAL C 136 -9.32 10.76 -11.42
N PRO C 137 -9.41 11.48 -12.56
CA PRO C 137 -9.14 12.92 -12.48
C PRO C 137 -10.27 13.61 -11.71
N LEU C 138 -10.00 14.81 -11.20
CA LEU C 138 -11.07 15.58 -10.57
C LEU C 138 -12.07 16.03 -11.63
N GLY C 139 -11.58 16.29 -12.84
CA GLY C 139 -12.40 16.75 -13.94
C GLY C 139 -11.91 18.08 -14.51
N VAL C 140 -12.26 19.17 -13.82
CA VAL C 140 -11.85 20.51 -14.24
C VAL C 140 -11.11 21.21 -13.12
N ILE C 141 -9.88 21.67 -13.40
CA ILE C 141 -9.10 22.45 -12.44
C ILE C 141 -9.02 23.91 -12.86
N GLY C 142 -9.27 24.83 -11.93
CA GLY C 142 -9.10 26.24 -12.19
C GLY C 142 -7.80 26.70 -11.58
N ILE C 143 -6.94 27.31 -12.40
CA ILE C 143 -5.66 27.81 -11.93
C ILE C 143 -5.61 29.33 -11.96
N ILE C 144 -5.33 29.95 -10.82
CA ILE C 144 -5.25 31.40 -10.72
C ILE C 144 -3.87 31.82 -10.20
N TYR C 145 -3.16 32.62 -10.98
CA TYR C 145 -1.76 32.90 -10.70
C TYR C 145 -1.38 34.32 -11.03
N GLU C 146 -0.14 34.67 -10.74
CA GLU C 146 0.35 36.03 -10.96
C GLU C 146 0.88 36.20 -12.38
N SER C 147 2.01 36.90 -12.52
CA SER C 147 2.53 37.22 -13.84
C SER C 147 3.86 36.56 -14.15
N ARG C 148 4.02 35.32 -13.73
CA ARG C 148 5.12 34.50 -14.23
C ARG C 148 4.53 33.56 -15.28
N PRO C 149 4.75 33.88 -16.57
CA PRO C 149 4.18 33.15 -17.70
C PRO C 149 4.51 31.66 -17.64
N ASN C 150 5.65 31.32 -17.06
CA ASN C 150 6.04 29.91 -16.88
C ASN C 150 4.93 29.06 -16.24
N VAL C 151 4.26 29.62 -15.24
CA VAL C 151 3.15 28.94 -14.54
C VAL C 151 2.08 28.41 -15.49
N THR C 152 1.80 29.17 -16.55
CA THR C 152 0.82 28.74 -17.56
C THR C 152 1.09 27.30 -18.06
N ILE C 153 2.30 27.07 -18.52
CA ILE C 153 2.71 25.75 -18.97
C ILE C 153 2.84 24.75 -17.81
N ASP C 154 3.47 25.16 -16.71
CA ASP C 154 3.72 24.24 -15.60
C ASP C 154 2.43 23.66 -15.01
N ALA C 155 1.45 24.53 -14.73
CA ALA C 155 0.19 24.10 -14.12
C ALA C 155 -0.61 23.26 -15.09
N ALA C 156 -0.67 23.70 -16.34
CA ALA C 156 -1.40 22.98 -17.38
C ALA C 156 -0.80 21.60 -17.64
N ALA C 157 0.53 21.50 -17.64
CA ALA C 157 1.17 20.20 -17.82
C ALA C 157 0.70 19.22 -16.73
N LEU C 158 0.73 19.66 -15.46
CA LEU C 158 0.32 18.81 -14.36
C LEU C 158 -1.14 18.40 -14.45
N CYS C 159 -2.02 19.37 -14.68
CA CYS C 159 -3.45 19.10 -14.80
C CYS C 159 -3.75 18.13 -15.92
N LEU C 160 -3.12 18.37 -17.05
CA LEU C 160 -3.28 17.50 -18.21
C LEU C 160 -2.75 16.10 -17.93
N LYS C 161 -1.57 16.00 -17.34
CA LYS C 161 -0.98 14.67 -17.08
C LYS C 161 -1.89 13.87 -16.15
N SER C 162 -2.51 14.58 -15.20
CA SER C 162 -3.44 13.95 -14.27
C SER C 162 -4.86 13.88 -14.85
N GLY C 163 -4.97 14.02 -16.18
CA GLY C 163 -6.19 13.72 -16.92
C GLY C 163 -7.33 14.70 -16.73
N ASN C 164 -7.01 15.93 -16.31
CA ASN C 164 -8.02 16.98 -16.11
C ASN C 164 -8.09 18.00 -17.23
N ALA C 165 -9.25 18.62 -17.39
CA ALA C 165 -9.33 19.86 -18.16
C ALA C 165 -8.87 21.01 -17.25
N THR C 166 -8.31 22.05 -17.84
CA THR C 166 -7.85 23.20 -17.05
C THR C 166 -8.43 24.52 -17.54
N ILE C 167 -8.72 25.41 -16.61
CA ILE C 167 -9.00 26.80 -16.93
C ILE C 167 -7.95 27.64 -16.22
N LEU C 168 -7.21 28.45 -16.97
CA LEU C 168 -6.13 29.26 -16.37
C LEU C 168 -6.41 30.76 -16.46
N ARG C 169 -6.34 31.44 -15.31
CA ARG C 169 -6.42 32.89 -15.29
C ARG C 169 -5.09 33.42 -14.72
N GLY C 170 -4.24 33.92 -15.61
CA GLY C 170 -2.95 34.46 -15.21
C GLY C 170 -3.03 35.93 -14.88
N GLY C 171 -1.93 36.49 -14.41
CA GLY C 171 -1.86 37.92 -14.12
C GLY C 171 -2.09 38.73 -15.37
N SER C 172 -2.73 39.89 -15.23
CA SER C 172 -3.12 40.70 -16.39
C SER C 172 -1.92 41.29 -17.11
N GLU C 173 -0.80 41.40 -16.39
CA GLU C 173 0.43 41.96 -16.96
C GLU C 173 1.14 40.93 -17.83
N ALA C 174 0.70 39.67 -17.74
CA ALA C 174 1.29 38.60 -18.53
C ALA C 174 0.32 38.10 -19.62
N LEU C 175 -0.76 38.86 -19.86
CA LEU C 175 -1.85 38.38 -20.72
C LEU C 175 -1.43 37.97 -22.14
N GLU C 176 -0.59 38.76 -22.79
CA GLU C 176 -0.18 38.44 -24.16
C GLU C 176 0.75 37.21 -24.22
N SER C 177 1.69 37.15 -23.29
CA SER C 177 2.54 35.96 -23.14
C SER C 177 1.70 34.71 -22.91
N ASN C 178 0.75 34.81 -21.99
CA ASN C 178 -0.11 33.66 -21.67
C ASN C 178 -1.02 33.24 -22.81
N THR C 179 -1.55 34.22 -23.55
CA THR C 179 -2.31 33.94 -24.76
C THR C 179 -1.42 33.25 -25.79
N ALA C 180 -0.18 33.70 -25.91
CA ALA C 180 0.75 33.08 -26.87
C ALA C 180 1.09 31.65 -26.44
N LEU C 181 1.26 31.44 -25.14
CA LEU C 181 1.50 30.08 -24.65
C LEU C 181 0.29 29.17 -24.91
N ALA C 182 -0.91 29.72 -24.75
CA ALA C 182 -2.14 28.94 -24.92
C ALA C 182 -2.22 28.36 -26.33
N LYS C 183 -1.79 29.15 -27.31
CA LYS C 183 -1.80 28.71 -28.70
C LYS C 183 -0.88 27.52 -28.90
N LEU C 184 0.29 27.54 -28.26
CA LEU C 184 1.21 26.41 -28.41
C LEU C 184 0.66 25.16 -27.72
N ILE C 185 -0.01 25.35 -26.60
CA ILE C 185 -0.65 24.24 -25.90
C ILE C 185 -1.73 23.64 -26.80
N GLY C 186 -2.52 24.50 -27.44
CA GLY C 186 -3.56 24.06 -28.35
C GLY C 186 -3.01 23.24 -29.50
N GLU C 187 -1.84 23.60 -30.00
CA GLU C 187 -1.21 22.86 -31.10
C GLU C 187 -0.72 21.49 -30.64
N GLY C 188 -0.12 21.45 -29.45
CA GLY C 188 0.32 20.18 -28.88
C GLY C 188 -0.85 19.23 -28.67
N LEU C 189 -1.94 19.76 -28.11
CA LEU C 189 -3.16 18.99 -27.91
C LEU C 189 -3.65 18.39 -29.24
N ALA C 190 -3.78 19.22 -30.27
CA ALA C 190 -4.24 18.76 -31.57
C ALA C 190 -3.33 17.68 -32.16
N GLU C 191 -2.02 17.82 -31.95
CA GLU C 191 -1.07 16.81 -32.45
C GLU C 191 -1.27 15.46 -31.78
N ALA C 192 -1.79 15.46 -30.55
CA ALA C 192 -1.97 14.22 -29.82
C ALA C 192 -3.42 13.76 -29.88
N GLY C 193 -4.23 14.48 -30.65
CA GLY C 193 -5.63 14.08 -30.86
C GLY C 193 -6.56 14.39 -29.70
N LEU C 194 -6.13 15.31 -28.83
CA LEU C 194 -6.95 15.76 -27.70
C LEU C 194 -7.64 17.07 -28.07
N PRO C 195 -8.84 17.31 -27.49
CA PRO C 195 -9.55 18.54 -27.84
C PRO C 195 -8.92 19.83 -27.33
N GLN C 196 -9.04 20.88 -28.13
CA GLN C 196 -8.52 22.20 -27.81
C GLN C 196 -8.89 22.66 -26.42
N ASP C 197 -10.15 22.40 -26.04
CA ASP C 197 -10.67 22.88 -24.76
C ASP C 197 -10.15 22.12 -23.55
N THR C 198 -9.28 21.14 -23.76
CA THR C 198 -8.60 20.51 -22.63
C THR C 198 -7.90 21.57 -21.79
N VAL C 199 -7.33 22.57 -22.47
CA VAL C 199 -6.76 23.72 -21.79
C VAL C 199 -7.37 25.01 -22.30
N GLN C 200 -7.89 25.82 -21.37
CA GLN C 200 -8.36 27.16 -21.70
C GLN C 200 -7.69 28.23 -20.83
N VAL C 201 -7.12 29.23 -21.48
CA VAL C 201 -6.58 30.39 -20.78
C VAL C 201 -7.57 31.53 -20.91
N VAL C 202 -7.93 32.16 -19.79
CA VAL C 202 -8.88 33.28 -19.79
C VAL C 202 -8.27 34.40 -20.63
N GLU C 203 -9.01 34.86 -21.63
CA GLU C 203 -8.47 35.79 -22.62
C GLU C 203 -8.67 37.24 -22.23
N THR C 204 -9.48 37.49 -21.20
CA THR C 204 -9.71 38.84 -20.70
C THR C 204 -8.93 39.10 -19.41
N ALA C 205 -8.52 40.35 -19.23
CA ALA C 205 -7.82 40.80 -18.03
C ALA C 205 -8.80 41.23 -16.94
N ASP C 206 -10.08 41.38 -17.31
CA ASP C 206 -11.12 41.77 -16.37
C ASP C 206 -11.18 40.83 -15.16
N ARG C 207 -10.92 41.40 -13.99
CA ARG C 207 -10.83 40.66 -12.75
C ARG C 207 -12.16 40.01 -12.33
N ALA C 208 -13.27 40.55 -12.82
CA ALA C 208 -14.59 39.92 -12.59
C ALA C 208 -14.64 38.48 -13.07
N ALA C 209 -13.73 38.11 -13.98
CA ALA C 209 -13.60 36.72 -14.40
C ALA C 209 -13.19 35.80 -13.24
N VAL C 210 -12.36 36.33 -12.35
CA VAL C 210 -11.92 35.60 -11.17
C VAL C 210 -13.08 35.27 -10.22
N GLY C 211 -13.95 36.24 -9.98
CA GLY C 211 -15.12 36.03 -9.14
C GLY C 211 -16.01 34.95 -9.72
N ARG C 212 -16.14 34.93 -11.04
CA ARG C 212 -16.93 33.94 -11.76
C ARG C 212 -16.35 32.54 -11.61
N LEU C 213 -15.05 32.44 -11.86
CA LEU C 213 -14.38 31.14 -11.86
C LEU C 213 -14.47 30.43 -10.51
N ILE C 214 -14.29 31.18 -9.42
CA ILE C 214 -14.28 30.60 -8.09
C ILE C 214 -15.67 30.32 -7.53
N THR C 215 -16.70 30.73 -8.27
CA THR C 215 -18.08 30.49 -7.86
C THR C 215 -18.80 29.53 -8.82
N MET C 216 -18.07 29.01 -9.80
CA MET C 216 -18.65 28.17 -10.84
C MET C 216 -18.64 26.69 -10.45
N THR C 217 -19.47 26.34 -9.47
CA THR C 217 -19.42 25.00 -8.89
C THR C 217 -19.89 23.88 -9.81
N GLU C 218 -20.74 24.19 -10.78
CA GLU C 218 -21.24 23.16 -11.70
C GLU C 218 -20.12 22.64 -12.59
N TYR C 219 -19.17 23.52 -12.89
CA TYR C 219 -18.21 23.24 -13.95
C TYR C 219 -16.76 23.10 -13.48
N VAL C 220 -16.46 23.56 -12.27
CA VAL C 220 -15.07 23.58 -11.82
C VAL C 220 -14.98 22.82 -10.51
N ASP C 221 -14.01 21.94 -10.38
CA ASP C 221 -13.98 21.05 -9.21
C ASP C 221 -13.05 21.52 -8.10
N VAL C 222 -11.98 22.22 -8.47
CA VAL C 222 -11.08 22.77 -7.47
C VAL C 222 -10.29 23.96 -8.04
N ILE C 223 -9.98 24.93 -7.19
CA ILE C 223 -9.13 26.06 -7.58
C ILE C 223 -7.75 25.90 -6.96
N VAL C 224 -6.71 26.15 -7.75
CA VAL C 224 -5.34 26.16 -7.26
C VAL C 224 -4.80 27.57 -7.41
N PRO C 225 -4.92 28.39 -6.35
CA PRO C 225 -4.47 29.79 -6.43
C PRO C 225 -3.05 29.95 -5.91
N ARG C 226 -2.23 30.70 -6.62
CA ARG C 226 -0.92 31.05 -6.12
C ARG C 226 -0.66 32.55 -6.27
N GLY C 227 -0.03 33.12 -5.26
CA GLY C 227 0.21 34.56 -5.18
C GLY C 227 0.28 34.99 -3.73
N GLY C 228 0.37 36.30 -3.50
CA GLY C 228 0.52 36.82 -2.15
C GLY C 228 -0.71 36.68 -1.28
N LYS C 229 -0.56 36.98 0.00
CA LYS C 229 -1.63 36.83 0.99
C LYS C 229 -2.92 37.59 0.65
N SER C 230 -2.78 38.82 0.16
CA SER C 230 -3.94 39.66 -0.17
C SER C 230 -4.82 39.04 -1.25
N LEU C 231 -4.20 38.49 -2.29
CA LEU C 231 -4.93 37.75 -3.31
C LEU C 231 -5.63 36.53 -2.70
N ILE C 232 -4.82 35.68 -2.09
CA ILE C 232 -5.31 34.46 -1.44
C ILE C 232 -6.44 34.72 -0.46
N GLU C 233 -6.34 35.80 0.32
CA GLU C 233 -7.38 36.16 1.28
C GLU C 233 -8.72 36.56 0.63
N ARG C 234 -8.67 37.43 -0.38
CA ARG C 234 -9.88 37.82 -1.11
C ARG C 234 -10.54 36.62 -1.79
N LEU C 235 -9.71 35.73 -2.34
CA LEU C 235 -10.21 34.51 -2.97
C LEU C 235 -10.91 33.62 -1.96
N ILE C 236 -10.30 33.47 -0.79
CA ILE C 236 -10.80 32.61 0.28
C ILE C 236 -12.26 32.88 0.69
N ASN C 237 -12.61 34.15 0.91
CA ASN C 237 -13.97 34.46 1.38
C ASN C 237 -14.99 34.71 0.27
N GLU C 238 -14.56 34.61 -0.98
CA GLU C 238 -15.48 34.77 -2.11
C GLU C 238 -15.74 33.42 -2.80
N ALA C 239 -14.81 32.48 -2.68
CA ALA C 239 -14.87 31.23 -3.42
C ALA C 239 -15.95 30.30 -2.86
N ARG C 240 -16.64 29.62 -3.77
CA ARG C 240 -17.55 28.54 -3.39
C ARG C 240 -17.01 27.22 -3.95
N VAL C 241 -16.12 27.31 -4.94
CA VAL C 241 -15.40 26.12 -5.43
C VAL C 241 -14.26 25.84 -4.44
N PRO C 242 -14.05 24.56 -4.08
CA PRO C 242 -13.01 24.30 -3.08
C PRO C 242 -11.63 24.65 -3.61
N MET C 243 -10.69 24.93 -2.71
CA MET C 243 -9.36 25.36 -3.13
C MET C 243 -8.27 24.52 -2.47
N ILE C 244 -7.22 24.24 -3.25
CA ILE C 244 -5.99 23.69 -2.71
C ILE C 244 -5.02 24.88 -2.62
N LYS C 245 -4.69 25.31 -1.41
CA LYS C 245 -3.97 26.56 -1.24
C LYS C 245 -3.13 26.58 0.02
N HIS C 246 -2.22 27.56 0.09
CA HIS C 246 -1.44 27.84 1.29
C HIS C 246 -1.67 29.28 1.76
N LEU C 247 -2.34 29.42 2.89
CA LEU C 247 -2.46 30.73 3.55
C LEU C 247 -1.20 30.93 4.41
N ASP C 248 -0.33 31.84 3.97
CA ASP C 248 1.02 31.95 4.55
C ASP C 248 1.05 32.35 6.02
N GLY C 249 2.25 32.27 6.62
CA GLY C 249 2.45 32.56 8.01
C GLY C 249 3.74 31.97 8.54
N ILE C 250 3.84 31.86 9.86
CA ILE C 250 5.08 31.43 10.48
C ILE C 250 5.36 29.94 10.27
N CYS C 251 6.60 29.64 9.87
CA CYS C 251 7.17 28.30 10.01
C CYS C 251 8.15 28.39 11.19
N HIS C 252 8.22 27.31 11.98
CA HIS C 252 9.14 27.31 13.12
C HIS C 252 10.21 26.22 13.05
N VAL C 253 11.35 26.51 13.64
CA VAL C 253 12.25 25.48 14.10
C VAL C 253 12.38 25.62 15.61
N TYR C 254 12.07 24.56 16.34
CA TYR C 254 12.26 24.49 17.77
C TYR C 254 13.55 23.74 18.08
N VAL C 255 14.49 24.41 18.72
CA VAL C 255 15.72 23.77 19.16
C VAL C 255 15.57 23.33 20.61
N ASP C 256 15.44 22.02 20.81
CA ASP C 256 15.19 21.44 22.14
C ASP C 256 16.43 21.51 23.04
N ASP C 257 16.27 21.41 24.36
CA ASP C 257 17.45 21.39 25.23
C ASP C 257 18.30 20.11 25.08
N ARG C 258 17.74 19.08 24.46
CA ARG C 258 18.56 17.91 24.11
C ARG C 258 18.97 17.89 22.62
N ALA C 259 18.96 19.06 21.99
CA ALA C 259 19.44 19.21 20.62
C ALA C 259 20.95 18.99 20.52
N SER C 260 21.39 18.55 19.35
CA SER C 260 22.81 18.57 19.04
C SER C 260 23.08 19.98 18.51
N VAL C 261 24.04 20.69 19.12
CA VAL C 261 24.36 22.04 18.67
C VAL C 261 24.78 21.99 17.21
N THR C 262 25.56 20.97 16.84
CA THR C 262 26.01 20.79 15.46
C THR C 262 24.84 20.66 14.48
N LYS C 263 23.87 19.82 14.81
CA LYS C 263 22.68 19.68 13.96
C LYS C 263 21.86 20.97 13.91
N ALA C 264 21.79 21.66 15.04
CA ALA C 264 21.04 22.93 15.09
C ALA C 264 21.60 23.93 14.10
N LEU C 265 22.92 24.05 14.07
CA LEU C 265 23.60 24.94 13.14
C LEU C 265 23.38 24.56 11.68
N THR C 266 23.44 23.27 11.34
CA THR C 266 23.23 22.85 9.96
C THR C 266 21.75 22.90 9.55
N VAL C 267 20.87 22.56 10.48
CA VAL C 267 19.42 22.59 10.23
C VAL C 267 18.91 24.03 10.13
N CYS C 268 19.25 24.85 11.13
CA CYS C 268 18.70 26.20 11.23
C CYS C 268 19.43 27.21 10.34
N ASP C 269 20.06 26.73 9.27
CA ASP C 269 20.74 27.61 8.32
C ASP C 269 20.02 27.65 6.98
N CYS C 279 8.19 30.12 1.20
CA CYS C 279 7.05 29.69 2.02
C CYS C 279 7.49 28.81 3.19
N ASN C 280 8.51 27.98 2.96
CA ASN C 280 8.97 27.02 3.95
C ASN C 280 10.25 27.41 4.67
N THR C 281 10.56 28.70 4.71
CA THR C 281 11.74 29.24 5.38
C THR C 281 11.47 29.42 6.87
N MET C 282 12.46 29.15 7.73
CA MET C 282 12.24 29.40 9.16
C MET C 282 11.98 30.88 9.42
N GLU C 283 10.77 31.20 9.86
CA GLU C 283 10.43 32.58 10.18
C GLU C 283 10.73 32.82 11.64
N THR C 284 10.35 31.85 12.47
CA THR C 284 10.56 31.96 13.91
C THR C 284 11.48 30.86 14.45
N LEU C 285 12.45 31.26 15.27
CA LEU C 285 13.27 30.29 15.97
C LEU C 285 12.83 30.20 17.43
N LEU C 286 12.34 29.04 17.84
CA LEU C 286 12.06 28.79 19.26
C LEU C 286 13.21 28.01 19.87
N VAL C 287 13.76 28.52 20.98
CA VAL C 287 14.90 27.86 21.62
C VAL C 287 14.57 27.52 23.07
N ALA C 288 14.81 26.27 23.45
CA ALA C 288 14.63 25.86 24.85
C ALA C 288 15.61 26.64 25.76
N ARG C 289 15.09 27.11 26.88
CA ARG C 289 15.83 27.89 27.87
C ARG C 289 17.19 27.30 28.21
N GLY C 290 17.21 26.01 28.53
CA GLY C 290 18.43 25.32 28.96
C GLY C 290 19.58 25.36 27.96
N ILE C 291 19.26 25.42 26.67
CA ILE C 291 20.30 25.37 25.66
C ILE C 291 20.56 26.71 24.96
N ALA C 292 19.79 27.75 25.32
CA ALA C 292 19.90 29.05 24.64
C ALA C 292 21.32 29.65 24.53
N PRO C 293 22.09 29.71 25.63
CA PRO C 293 23.42 30.31 25.49
C PRO C 293 24.26 29.56 24.45
N ALA C 294 24.27 28.23 24.56
CA ALA C 294 25.13 27.39 23.73
C ALA C 294 24.70 27.43 22.28
N VAL C 295 23.41 27.65 22.04
CA VAL C 295 22.87 27.61 20.68
C VAL C 295 22.71 28.98 20.02
N LEU C 296 22.19 29.95 20.78
CA LEU C 296 21.91 31.27 20.20
C LEU C 296 23.18 32.01 19.86
N SER C 297 24.24 31.74 20.59
CA SER C 297 25.50 32.41 20.31
C SER C 297 25.96 32.11 18.88
N PRO C 298 26.21 30.83 18.54
CA PRO C 298 26.63 30.63 17.14
C PRO C 298 25.50 30.88 16.11
N LEU C 299 24.26 30.60 16.46
CA LEU C 299 23.16 30.79 15.49
C LEU C 299 22.92 32.26 15.14
N GLY C 300 22.97 33.12 16.14
CA GLY C 300 22.84 34.55 15.97
C GLY C 300 23.91 35.10 15.04
N ARG C 301 25.15 34.64 15.21
CA ARG C 301 26.25 35.07 14.33
C ARG C 301 26.04 34.59 12.91
N LEU C 302 25.60 33.33 12.76
CA LEU C 302 25.29 32.76 11.44
C LEU C 302 24.33 33.66 10.66
N TYR C 303 23.32 34.16 11.36
CA TYR C 303 22.29 34.96 10.72
C TYR C 303 22.70 36.41 10.53
N ARG C 304 23.39 36.97 11.52
CA ARG C 304 23.83 38.37 11.46
C ARG C 304 24.93 38.54 10.41
N GLU C 305 25.51 37.42 9.98
CA GLU C 305 26.54 37.42 8.95
C GLU C 305 25.93 37.20 7.57
N LYS C 306 24.63 37.46 7.47
CA LYS C 306 23.91 37.36 6.21
C LYS C 306 22.97 38.54 6.09
N GLY C 307 23.07 39.47 7.05
CA GLY C 307 22.25 40.66 7.04
C GLY C 307 20.82 40.39 7.45
N VAL C 308 20.59 39.20 8.01
CA VAL C 308 19.28 38.82 8.49
C VAL C 308 19.02 39.56 9.80
N GLU C 309 17.88 40.25 9.88
CA GLU C 309 17.53 40.99 11.09
C GLU C 309 17.03 40.05 12.20
N LEU C 310 17.41 40.35 13.43
CA LEU C 310 16.97 39.54 14.56
C LEU C 310 15.91 40.25 15.42
N ARG C 311 14.66 39.80 15.28
CA ARG C 311 13.61 40.24 16.19
C ARG C 311 13.58 39.27 17.37
N VAL C 312 13.72 39.81 18.57
CA VAL C 312 13.94 38.97 19.75
C VAL C 312 13.00 39.33 20.89
N ASP C 313 12.60 38.33 21.65
CA ASP C 313 11.91 38.55 22.92
C ASP C 313 12.97 38.92 23.97
N ALA C 314 12.55 39.25 25.18
CA ALA C 314 13.46 39.76 26.20
C ALA C 314 14.57 38.78 26.60
N ASP C 315 14.21 37.50 26.76
CA ASP C 315 15.18 36.50 27.16
C ASP C 315 16.23 36.27 26.09
N ALA C 316 15.79 36.20 24.83
CA ALA C 316 16.73 36.04 23.73
C ALA C 316 17.63 37.26 23.62
N ARG C 317 17.07 38.45 23.82
CA ARG C 317 17.86 39.67 23.78
C ARG C 317 19.00 39.59 24.80
N ALA C 318 18.67 39.13 26.00
CA ALA C 318 19.68 39.03 27.04
C ALA C 318 20.77 38.04 26.66
N VAL C 319 20.39 36.85 26.21
CA VAL C 319 21.35 35.83 25.81
C VAL C 319 22.23 36.32 24.65
N LEU C 320 21.61 36.97 23.67
CA LEU C 320 22.36 37.45 22.51
C LEU C 320 23.30 38.63 22.82
N GLU C 321 22.87 39.56 23.67
CA GLU C 321 23.72 40.67 24.09
C GLU C 321 24.96 40.16 24.85
N ALA C 322 24.75 39.13 25.66
CA ALA C 322 25.83 38.53 26.45
C ALA C 322 26.78 37.76 25.55
N ALA C 323 26.25 37.28 24.41
CA ALA C 323 27.06 36.61 23.40
C ALA C 323 27.75 37.61 22.46
N GLY C 324 27.51 38.90 22.66
CA GLY C 324 28.07 39.92 21.79
C GLY C 324 27.42 39.95 20.41
N VAL C 325 26.21 39.41 20.29
CA VAL C 325 25.52 39.40 19.01
C VAL C 325 24.45 40.49 18.87
N GLY C 326 24.68 41.42 17.93
CA GLY C 326 23.73 42.49 17.66
C GLY C 326 23.90 43.03 16.25
N PRO C 327 23.11 44.05 15.87
CA PRO C 327 22.07 44.71 16.67
C PRO C 327 20.79 43.89 16.78
N LEU C 328 19.95 44.21 17.76
CA LEU C 328 18.72 43.45 18.00
C LEU C 328 17.48 44.34 18.04
N VAL C 329 16.36 43.81 17.57
CA VAL C 329 15.10 44.55 17.52
C VAL C 329 14.04 43.86 18.39
N ASP C 330 13.33 44.64 19.20
CA ASP C 330 12.33 44.08 20.11
C ASP C 330 11.03 43.63 19.42
N ALA C 331 10.50 42.51 19.87
CA ALA C 331 9.19 42.00 19.44
C ALA C 331 8.79 40.81 20.31
N PRO C 343 14.28 40.08 4.92
CA PRO C 343 15.09 38.99 5.47
C PRO C 343 15.21 39.07 6.99
N VAL C 344 14.18 38.60 7.70
CA VAL C 344 14.09 38.77 9.15
C VAL C 344 13.88 37.43 9.87
N LEU C 345 14.43 37.31 11.08
CA LEU C 345 14.17 36.13 11.91
C LEU C 345 13.65 36.51 13.30
N ALA C 346 12.51 35.94 13.67
CA ALA C 346 11.97 36.12 15.00
C ALA C 346 12.55 35.03 15.89
N ILE C 347 12.93 35.38 17.11
CA ILE C 347 13.53 34.42 18.04
C ILE C 347 12.87 34.51 19.41
N LYS C 348 12.50 33.36 19.96
CA LYS C 348 11.81 33.31 21.24
C LYS C 348 12.36 32.19 22.13
N ILE C 349 12.56 32.50 23.42
CA ILE C 349 12.96 31.47 24.38
C ILE C 349 11.69 30.80 24.92
N VAL C 350 11.67 29.46 24.92
CA VAL C 350 10.57 28.73 25.52
C VAL C 350 11.14 27.76 26.55
N ASP C 351 10.30 27.39 27.52
CA ASP C 351 10.73 26.52 28.62
C ASP C 351 11.20 25.16 28.16
N GLY C 352 10.55 24.61 27.14
CA GLY C 352 10.82 23.27 26.70
C GLY C 352 9.84 22.81 25.65
N ILE C 353 9.76 21.50 25.45
CA ILE C 353 9.01 20.97 24.32
C ILE C 353 7.49 21.19 24.40
N ASP C 354 6.92 21.09 25.60
CA ASP C 354 5.48 21.27 25.77
C ASP C 354 5.07 22.67 25.31
N ALA C 355 5.84 23.67 25.73
CA ALA C 355 5.56 25.05 25.36
C ALA C 355 5.78 25.29 23.86
N ALA C 356 6.79 24.65 23.27
CA ALA C 356 7.07 24.76 21.85
C ALA C 356 5.90 24.28 21.01
N ILE C 357 5.39 23.11 21.35
CA ILE C 357 4.30 22.49 20.59
C ILE C 357 3.06 23.37 20.67
N GLU C 358 2.77 23.87 21.87
CA GLU C 358 1.65 24.79 22.08
C GLU C 358 1.80 26.07 21.27
N HIS C 359 2.98 26.68 21.33
CA HIS C 359 3.25 27.89 20.57
C HIS C 359 3.00 27.65 19.08
N ILE C 360 3.62 26.61 18.53
CA ILE C 360 3.53 26.32 17.11
C ILE C 360 2.09 26.05 16.66
N ASN C 361 1.37 25.23 17.41
CA ASN C 361 -0.03 24.93 17.10
C ASN C 361 -0.93 26.14 17.23
N GLU C 362 -0.56 27.08 18.08
CA GLU C 362 -1.38 28.28 18.29
C GLU C 362 -1.07 29.40 17.31
N TYR C 363 0.21 29.64 17.08
CA TYR C 363 0.66 30.82 16.35
C TYR C 363 1.09 30.52 14.93
N GLY C 364 1.51 29.28 14.65
CA GLY C 364 2.04 28.94 13.33
C GLY C 364 0.98 28.82 12.24
N SER C 365 1.43 28.71 10.98
CA SER C 365 0.50 28.55 9.86
C SER C 365 0.20 27.10 9.52
N HIS C 366 0.78 26.14 10.27
CA HIS C 366 0.53 24.70 10.07
C HIS C 366 1.02 24.24 8.71
N HIS C 367 2.11 24.87 8.29
CA HIS C 367 2.72 24.66 6.99
C HIS C 367 3.91 23.72 7.19
N THR C 368 4.96 24.23 7.84
CA THR C 368 6.14 23.43 8.09
C THR C 368 6.81 23.82 9.40
N ASP C 369 7.14 22.81 10.18
CA ASP C 369 7.71 23.03 11.51
C ASP C 369 8.63 21.90 11.88
N ALA C 370 9.71 22.21 12.60
CA ALA C 370 10.73 21.21 12.84
C ALA C 370 11.24 21.25 14.27
N ILE C 371 11.73 20.10 14.74
CA ILE C 371 12.40 20.06 16.03
C ILE C 371 13.84 19.60 15.85
N VAL C 372 14.75 20.20 16.63
CA VAL C 372 16.10 19.67 16.77
C VAL C 372 16.23 19.05 18.15
N THR C 373 16.39 17.73 18.19
CA THR C 373 16.58 17.03 19.44
C THR C 373 17.20 15.68 19.21
N GLU C 374 17.92 15.19 20.22
CA GLU C 374 18.56 13.88 20.13
C GLU C 374 17.74 12.88 20.92
N ASP C 375 16.71 13.38 21.59
CA ASP C 375 15.87 12.56 22.45
C ASP C 375 14.74 11.89 21.66
N HIS C 376 14.72 10.56 21.70
CA HIS C 376 13.84 9.79 20.84
C HIS C 376 12.36 10.10 21.06
N ASP C 377 11.92 10.01 22.31
CA ASP C 377 10.51 10.21 22.64
C ASP C 377 10.06 11.62 22.26
N ARG C 378 10.92 12.60 22.51
CA ARG C 378 10.56 13.97 22.15
C ARG C 378 10.46 14.16 20.64
N ALA C 379 11.37 13.56 19.89
CA ALA C 379 11.27 13.61 18.42
C ALA C 379 9.93 13.04 17.94
N MET C 380 9.56 11.87 18.45
CA MET C 380 8.33 11.20 18.01
C MET C 380 7.08 11.99 18.43
N ARG C 381 7.08 12.50 19.66
CA ARG C 381 6.03 13.38 20.17
C ARG C 381 5.83 14.62 19.30
N PHE C 382 6.93 15.22 18.89
CA PHE C 382 6.84 16.42 18.09
C PHE C 382 6.14 16.08 16.76
N LEU C 383 6.58 15.00 16.13
CA LEU C 383 5.97 14.52 14.89
C LEU C 383 4.48 14.28 15.05
N ARG C 384 4.08 13.66 16.14
CA ARG C 384 2.67 13.35 16.34
C ARG C 384 1.83 14.58 16.66
N GLU C 385 2.27 15.41 17.60
CA GLU C 385 1.43 16.46 18.15
C GLU C 385 1.45 17.81 17.42
N VAL C 386 2.52 18.11 16.68
CA VAL C 386 2.58 19.35 15.91
C VAL C 386 1.67 19.26 14.69
N ASP C 387 0.62 20.08 14.69
CA ASP C 387 -0.44 19.88 13.70
C ASP C 387 -0.13 20.62 12.41
N SER C 388 1.07 20.39 11.86
CA SER C 388 1.48 21.02 10.61
C SER C 388 1.48 20.05 9.43
N ALA C 389 1.41 20.61 8.22
CA ALA C 389 1.33 19.81 7.00
C ALA C 389 2.59 18.96 6.77
N SER C 390 3.74 19.48 7.18
CA SER C 390 5.01 18.75 7.18
C SER C 390 5.62 19.00 8.55
N VAL C 391 6.04 17.92 9.23
CA VAL C 391 6.72 18.05 10.52
C VAL C 391 8.05 17.31 10.41
N MET C 392 9.11 17.93 10.92
CA MET C 392 10.45 17.39 10.74
C MET C 392 11.22 17.17 12.05
N VAL C 393 12.05 16.13 12.07
CA VAL C 393 12.99 15.90 13.16
C VAL C 393 14.37 16.08 12.57
N ASN C 394 15.17 16.99 13.13
CA ASN C 394 16.55 17.20 12.68
C ASN C 394 16.70 17.38 11.16
N ALA C 395 15.84 18.19 10.55
CA ALA C 395 16.01 18.53 9.13
C ALA C 395 15.41 19.90 8.85
N SER C 396 16.03 20.63 7.92
CA SER C 396 15.62 21.98 7.58
C SER C 396 14.19 22.04 7.06
N THR C 397 13.45 23.07 7.47
CA THR C 397 12.06 23.24 7.02
C THR C 397 12.02 23.42 5.50
N ARG C 398 13.16 23.80 4.92
CA ARG C 398 13.27 24.01 3.48
C ARG C 398 13.11 22.73 2.65
N PHE C 399 13.16 21.56 3.31
CA PHE C 399 12.94 20.31 2.58
C PHE C 399 11.46 20.08 2.25
N ALA C 400 10.57 20.87 2.87
CA ALA C 400 9.12 20.71 2.61
C ALA C 400 8.80 21.17 1.21
N ASP C 401 9.01 20.28 0.25
CA ASP C 401 9.00 20.65 -1.15
C ASP C 401 8.60 19.42 -1.95
N GLY C 402 7.81 19.60 -2.99
CA GLY C 402 7.38 18.49 -3.83
C GLY C 402 8.50 17.61 -4.40
N PHE C 403 9.59 18.24 -4.83
CA PHE C 403 10.72 17.49 -5.36
C PHE C 403 11.58 16.86 -4.27
N GLU C 404 11.84 17.60 -3.20
CA GLU C 404 12.55 17.05 -2.06
C GLU C 404 11.80 15.86 -1.46
N PHE C 405 10.47 15.93 -1.46
CA PHE C 405 9.65 14.84 -0.91
C PHE C 405 9.44 13.66 -1.87
N GLY C 406 9.99 13.75 -3.07
CA GLY C 406 9.89 12.65 -4.02
C GLY C 406 8.61 12.59 -4.85
N LEU C 407 7.89 13.71 -4.96
CA LEU C 407 6.63 13.73 -5.71
C LEU C 407 6.87 14.05 -7.18
N GLY C 408 8.07 14.52 -7.51
CA GLY C 408 8.43 14.78 -8.90
C GLY C 408 7.68 15.96 -9.50
N ALA C 409 6.90 16.63 -8.66
CA ALA C 409 6.07 17.73 -9.12
C ALA C 409 5.64 18.51 -7.91
N GLU C 410 5.19 19.73 -8.15
CA GLU C 410 4.57 20.51 -7.10
C GLU C 410 3.59 21.48 -7.75
N ILE C 411 2.30 21.13 -7.76
CA ILE C 411 1.27 22.03 -8.28
C ILE C 411 1.06 23.18 -7.27
N GLY C 412 1.32 22.89 -6.01
CA GLY C 412 1.23 23.89 -4.97
C GLY C 412 1.50 23.32 -3.61
N ILE C 413 1.35 24.16 -2.59
CA ILE C 413 1.48 23.71 -1.22
C ILE C 413 0.16 23.93 -0.47
N SER C 414 -0.22 22.97 0.37
CA SER C 414 -1.45 23.09 1.15
C SER C 414 -1.17 23.04 2.64
N ASN C 415 -1.69 24.01 3.38
CA ASN C 415 -1.74 23.89 4.83
C ASN C 415 -3.14 23.50 5.31
N ASP C 416 -3.99 23.04 4.38
CA ASP C 416 -5.32 22.54 4.72
C ASP C 416 -5.23 21.11 5.27
N LYS C 417 -6.28 20.67 5.93
CA LYS C 417 -6.31 19.31 6.49
C LYS C 417 -6.94 18.26 5.57
N LEU C 418 -7.97 18.65 4.82
CA LEU C 418 -8.65 17.69 3.95
C LEU C 418 -8.00 17.56 2.57
N HIS C 419 -8.15 16.36 2.00
CA HIS C 419 -7.78 16.07 0.62
C HIS C 419 -6.29 16.06 0.30
N ALA C 420 -5.63 17.21 0.39
CA ALA C 420 -4.21 17.29 0.07
C ALA C 420 -3.55 18.26 1.04
N ARG C 421 -2.40 17.84 1.54
CA ARG C 421 -1.80 18.53 2.67
C ARG C 421 -0.29 18.45 2.53
N GLY C 422 0.37 19.59 2.65
CA GLY C 422 1.80 19.63 2.42
C GLY C 422 2.01 19.94 0.95
N PRO C 423 3.21 19.67 0.44
CA PRO C 423 3.37 19.89 -1.01
C PRO C 423 2.46 18.95 -1.79
N VAL C 424 1.85 19.46 -2.86
CA VAL C 424 0.86 18.69 -3.60
C VAL C 424 1.37 18.37 -5.02
N GLY C 425 1.36 17.08 -5.35
CA GLY C 425 1.77 16.61 -6.66
C GLY C 425 0.57 16.23 -7.52
N LEU C 426 0.80 15.33 -8.48
CA LEU C 426 -0.26 14.88 -9.38
C LEU C 426 -1.48 14.36 -8.62
N GLU C 427 -1.25 13.54 -7.59
CA GLU C 427 -2.36 12.90 -6.89
C GLU C 427 -3.35 13.88 -6.32
N GLY C 428 -2.88 15.09 -6.03
CA GLY C 428 -3.74 16.12 -5.47
C GLY C 428 -4.76 16.61 -6.47
N LEU C 429 -4.52 16.30 -7.74
CA LEU C 429 -5.46 16.69 -8.79
C LEU C 429 -6.34 15.50 -9.19
N THR C 430 -6.41 14.51 -8.30
CA THR C 430 -7.20 13.30 -8.55
C THR C 430 -8.12 12.97 -7.39
N SER C 431 -9.00 11.99 -7.66
CA SER C 431 -9.97 11.50 -6.69
C SER C 431 -9.95 9.97 -6.63
N LEU C 432 -10.35 9.43 -5.49
CA LEU C 432 -10.53 7.98 -5.38
C LEU C 432 -12.02 7.67 -5.32
N LYS C 433 -12.50 6.84 -6.25
CA LYS C 433 -13.88 6.37 -6.16
C LYS C 433 -13.89 4.86 -5.97
N TYR C 434 -15.01 4.33 -5.50
CA TYR C 434 -15.15 2.89 -5.35
C TYR C 434 -15.56 2.21 -6.67
N VAL C 435 -14.97 1.05 -6.93
CA VAL C 435 -15.38 0.22 -8.06
C VAL C 435 -15.65 -1.19 -7.55
N VAL C 436 -16.70 -1.80 -8.10
CA VAL C 436 -17.12 -3.12 -7.67
C VAL C 436 -17.18 -4.05 -8.85
N LEU C 437 -16.42 -5.15 -8.75
CA LEU C 437 -16.48 -6.22 -9.76
C LEU C 437 -17.42 -7.29 -9.24
N GLY C 438 -18.64 -7.34 -9.79
CA GLY C 438 -19.66 -8.24 -9.28
C GLY C 438 -19.87 -9.43 -10.21
N HIS C 439 -20.76 -10.32 -9.82
CA HIS C 439 -21.02 -11.53 -10.58
C HIS C 439 -22.52 -11.74 -10.72
N GLY C 440 -23.28 -10.65 -10.56
CA GLY C 440 -24.73 -10.71 -10.61
C GLY C 440 -25.39 -10.63 -9.25
N GLU C 441 -24.63 -10.30 -8.21
CA GLU C 441 -25.20 -10.31 -6.85
C GLU C 441 -26.26 -9.25 -6.64
N GLY C 442 -27.33 -9.64 -5.97
CA GLY C 442 -28.34 -8.72 -5.48
C GLY C 442 -28.25 -8.69 -3.97
N ARG C 443 -28.72 -7.61 -3.35
CA ARG C 443 -28.67 -7.51 -1.89
C ARG C 443 -30.08 -7.55 -1.29
N ILE D 24 -24.95 35.60 21.74
CA ILE D 24 -25.02 34.26 21.17
C ILE D 24 -23.85 33.97 20.21
N ASP D 25 -23.23 35.02 19.68
CA ASP D 25 -22.09 34.85 18.78
C ASP D 25 -20.79 34.68 19.57
N GLN D 26 -20.88 34.87 20.88
CA GLN D 26 -19.74 34.65 21.76
C GLN D 26 -19.82 33.25 22.36
N TYR D 27 -21.04 32.73 22.47
CA TYR D 27 -21.26 31.36 22.93
C TYR D 27 -20.69 30.33 21.95
N MET D 28 -21.07 30.46 20.69
CA MET D 28 -20.57 29.56 19.65
C MET D 28 -19.04 29.68 19.50
N THR D 29 -18.55 30.92 19.52
CA THR D 29 -17.11 31.17 19.52
C THR D 29 -16.44 30.46 20.68
N ASP D 30 -17.08 30.50 21.85
CA ASP D 30 -16.56 29.83 23.03
C ASP D 30 -16.55 28.32 22.82
N VAL D 31 -17.67 27.78 22.35
CA VAL D 31 -17.74 26.36 21.98
C VAL D 31 -16.60 25.99 21.00
N GLY D 32 -16.34 26.85 20.03
CA GLY D 32 -15.29 26.58 19.06
C GLY D 32 -13.92 26.51 19.72
N ARG D 33 -13.65 27.48 20.58
CA ARG D 33 -12.37 27.56 21.27
C ARG D 33 -12.13 26.32 22.14
N ARG D 34 -13.16 25.94 22.88
CA ARG D 34 -13.07 24.78 23.75
C ARG D 34 -12.88 23.49 22.96
N ALA D 35 -13.50 23.42 21.77
CA ALA D 35 -13.33 22.26 20.92
C ALA D 35 -11.90 22.14 20.47
N ARG D 36 -11.31 23.26 20.06
CA ARG D 36 -9.96 23.26 19.52
C ARG D 36 -8.98 22.79 20.60
N ARG D 37 -9.14 23.34 21.80
CA ARG D 37 -8.34 22.95 22.96
C ARG D 37 -8.58 21.49 23.40
N ALA D 38 -9.83 21.05 23.42
CA ALA D 38 -10.12 19.65 23.75
C ALA D 38 -9.50 18.71 22.70
N SER D 39 -9.51 19.14 21.43
CA SER D 39 -8.99 18.35 20.33
C SER D 39 -7.53 17.89 20.51
N ARG D 40 -6.75 18.66 21.27
CA ARG D 40 -5.35 18.30 21.53
C ARG D 40 -5.26 17.08 22.44
N SER D 41 -6.16 17.01 23.42
CA SER D 41 -6.19 15.89 24.36
C SER D 41 -6.64 14.60 23.70
N ILE D 42 -7.74 14.64 22.96
CA ILE D 42 -8.26 13.41 22.34
C ILE D 42 -7.33 12.93 21.22
N ALA D 43 -6.63 13.87 20.59
CA ALA D 43 -5.62 13.53 19.59
C ALA D 43 -4.50 12.68 20.22
N ARG D 44 -4.10 13.05 21.43
CA ARG D 44 -3.08 12.35 22.23
C ARG D 44 -3.52 11.00 22.80
N ALA D 45 -4.83 10.84 22.98
CA ALA D 45 -5.34 9.69 23.73
C ALA D 45 -4.97 8.36 23.08
N SER D 46 -4.56 7.39 23.89
CA SER D 46 -4.15 6.09 23.37
C SER D 46 -5.37 5.29 22.91
N THR D 47 -5.11 4.33 22.05
CA THR D 47 -6.11 3.36 21.62
C THR D 47 -6.94 2.84 22.81
N ALA D 48 -6.27 2.44 23.89
CA ALA D 48 -6.96 1.79 25.01
C ALA D 48 -7.92 2.75 25.71
N ALA D 49 -7.52 4.00 25.83
CA ALA D 49 -8.34 5.01 26.49
C ALA D 49 -9.61 5.34 25.66
N LYS D 50 -9.43 5.45 24.36
CA LYS D 50 -10.57 5.71 23.47
C LYS D 50 -11.59 4.56 23.49
N ASN D 51 -11.09 3.33 23.35
CA ASN D 51 -11.95 2.17 23.42
C ASN D 51 -12.62 2.04 24.78
N ALA D 52 -11.91 2.41 25.84
CA ALA D 52 -12.47 2.36 27.19
C ALA D 52 -13.62 3.36 27.34
N ALA D 53 -13.46 4.53 26.75
CA ALA D 53 -14.52 5.53 26.73
C ALA D 53 -15.77 4.95 26.06
N LEU D 54 -15.57 4.40 24.86
CA LEU D 54 -16.66 3.83 24.09
C LEU D 54 -17.39 2.71 24.84
N GLU D 55 -16.63 1.76 25.40
CA GLU D 55 -17.24 0.66 26.14
C GLU D 55 -18.01 1.16 27.35
N ALA D 56 -17.54 2.26 27.93
CA ALA D 56 -18.20 2.86 29.09
C ALA D 56 -19.53 3.48 28.71
N VAL D 57 -19.56 4.19 27.58
CA VAL D 57 -20.81 4.73 27.05
C VAL D 57 -21.79 3.59 26.73
N ALA D 58 -21.26 2.47 26.23
CA ALA D 58 -22.06 1.30 25.91
C ALA D 58 -22.76 0.72 27.14
N ARG D 59 -22.00 0.44 28.20
CA ARG D 59 -22.53 -0.11 29.45
C ARG D 59 -23.55 0.81 30.08
N ALA D 60 -23.27 2.11 30.01
CA ALA D 60 -24.15 3.12 30.58
C ALA D 60 -25.53 3.06 29.94
N ILE D 61 -25.54 2.82 28.63
CA ILE D 61 -26.79 2.73 27.88
C ILE D 61 -27.56 1.46 28.26
N GLU D 62 -26.85 0.34 28.40
CA GLU D 62 -27.44 -0.92 28.88
C GLU D 62 -28.05 -0.74 30.27
N ARG D 63 -27.47 0.17 31.05
CA ARG D 63 -27.91 0.45 32.40
C ARG D 63 -29.15 1.34 32.42
N ASP D 64 -29.12 2.42 31.64
CA ASP D 64 -30.20 3.39 31.65
C ASP D 64 -31.22 3.12 30.55
N ALA D 65 -31.28 1.87 30.11
CA ALA D 65 -32.16 1.49 29.01
C ALA D 65 -33.58 2.01 29.25
N GLY D 66 -34.08 1.83 30.48
CA GLY D 66 -35.40 2.30 30.85
C GLY D 66 -35.54 3.82 30.85
N ALA D 67 -34.69 4.50 31.61
CA ALA D 67 -34.68 5.97 31.64
C ALA D 67 -34.57 6.56 30.23
N LEU D 68 -33.74 5.94 29.40
CA LEU D 68 -33.63 6.33 28.00
C LEU D 68 -34.92 6.05 27.24
N LYS D 69 -35.44 4.82 27.38
CA LYS D 69 -36.71 4.46 26.77
C LYS D 69 -37.80 5.41 27.24
N ALA D 70 -37.76 5.74 28.53
CA ALA D 70 -38.72 6.67 29.14
C ALA D 70 -38.61 8.08 28.56
N ALA D 71 -37.41 8.66 28.60
CA ALA D 71 -37.16 9.99 28.06
C ALA D 71 -37.56 10.12 26.58
N ASN D 72 -37.14 9.15 25.76
CA ASN D 72 -37.50 9.11 24.34
C ASN D 72 -39.01 9.11 24.12
N ALA D 73 -39.74 8.43 25.02
CA ALA D 73 -41.20 8.37 24.90
C ALA D 73 -41.83 9.74 25.08
N ARG D 74 -41.30 10.51 26.02
CA ARG D 74 -41.71 11.89 26.23
C ARG D 74 -41.51 12.71 24.95
N ASP D 75 -40.38 12.46 24.29
CA ASP D 75 -40.04 13.12 23.01
C ASP D 75 -40.95 12.64 21.88
N VAL D 76 -41.18 11.34 21.80
CA VAL D 76 -42.01 10.76 20.75
C VAL D 76 -43.48 11.17 20.89
N ALA D 77 -43.91 11.46 22.12
CA ALA D 77 -45.30 11.85 22.40
C ALA D 77 -45.59 13.29 21.96
N ARG D 78 -44.65 14.20 22.23
CA ARG D 78 -44.78 15.58 21.80
C ARG D 78 -44.60 15.66 20.28
N ALA D 79 -43.96 14.64 19.72
CA ALA D 79 -43.78 14.53 18.28
C ALA D 79 -45.11 14.24 17.57
N LYS D 80 -45.79 13.17 18.00
CA LYS D 80 -47.10 12.83 17.48
C LYS D 80 -48.05 14.00 17.67
N ASP D 81 -47.93 14.66 18.81
CA ASP D 81 -48.78 15.80 19.15
C ASP D 81 -48.62 17.01 18.22
N LYS D 82 -48.15 16.76 17.00
CA LYS D 82 -48.03 17.80 15.97
C LYS D 82 -47.75 17.18 14.60
N PHE D 88 -40.05 9.59 9.82
CA PHE D 88 -39.54 10.76 10.55
C PHE D 88 -39.72 10.60 12.06
N VAL D 89 -40.97 10.55 12.52
CA VAL D 89 -41.26 10.23 13.92
C VAL D 89 -40.80 8.80 14.20
N ASP D 90 -40.74 7.98 13.14
CA ASP D 90 -40.15 6.65 13.21
C ASP D 90 -38.67 6.73 13.55
N ARG D 91 -37.93 7.51 12.77
CA ARG D 91 -36.50 7.70 12.98
C ARG D 91 -36.17 8.40 14.30
N LEU D 92 -37.20 8.83 15.03
CA LEU D 92 -37.03 9.50 16.32
C LEU D 92 -37.15 8.50 17.48
N THR D 93 -37.71 7.33 17.18
CA THR D 93 -38.06 6.35 18.20
C THR D 93 -36.91 5.38 18.57
N LEU D 94 -36.61 5.31 19.86
CA LEU D 94 -35.57 4.40 20.36
C LEU D 94 -36.21 3.17 20.98
N SER D 95 -36.58 2.23 20.13
CA SER D 95 -37.03 0.91 20.58
C SER D 95 -35.94 0.19 21.33
N ASP D 96 -36.29 -0.94 21.93
CA ASP D 96 -35.30 -1.82 22.53
C ASP D 96 -34.30 -2.24 21.44
N LYS D 97 -34.79 -2.34 20.20
CA LYS D 97 -33.96 -2.72 19.06
C LYS D 97 -33.01 -1.61 18.62
N ALA D 98 -33.42 -0.36 18.78
CA ALA D 98 -32.57 0.76 18.41
C ALA D 98 -31.42 0.92 19.42
N LEU D 99 -31.73 0.87 20.71
CA LEU D 99 -30.71 0.93 21.78
C LEU D 99 -29.66 -0.17 21.62
N LYS D 100 -30.16 -1.40 21.47
CA LYS D 100 -29.33 -2.56 21.15
C LYS D 100 -28.38 -2.26 19.99
N THR D 101 -28.93 -1.68 18.92
CA THR D 101 -28.14 -1.27 17.75
C THR D 101 -27.07 -0.21 18.10
N MET D 102 -27.44 0.79 18.89
CA MET D 102 -26.49 1.84 19.28
C MET D 102 -25.34 1.25 20.10
N VAL D 103 -25.69 0.36 21.02
CA VAL D 103 -24.72 -0.29 21.88
C VAL D 103 -23.81 -1.20 21.07
N GLU D 104 -24.40 -2.06 20.25
CA GLU D 104 -23.61 -2.91 19.35
C GLU D 104 -22.72 -2.08 18.43
N GLY D 105 -23.20 -0.90 18.03
CA GLY D 105 -22.41 0.01 17.21
C GLY D 105 -21.21 0.59 17.95
N LEU D 106 -21.39 0.87 19.24
CA LEU D 106 -20.31 1.41 20.06
C LEU D 106 -19.18 0.38 20.16
N ARG D 107 -19.57 -0.88 20.37
CA ARG D 107 -18.61 -1.95 20.52
C ARG D 107 -17.91 -2.28 19.19
N GLN D 108 -18.59 -2.03 18.08
CA GLN D 108 -17.97 -2.21 16.76
C GLN D 108 -16.86 -1.22 16.54
N VAL D 109 -17.15 0.04 16.84
CA VAL D 109 -16.17 1.11 16.65
C VAL D 109 -14.96 0.87 17.55
N ALA D 110 -15.23 0.37 18.74
CA ALA D 110 -14.16 -0.02 19.68
C ALA D 110 -13.32 -1.14 19.07
N THR D 111 -13.99 -2.05 18.37
CA THR D 111 -13.30 -3.17 17.73
C THR D 111 -12.46 -2.72 16.53
N LEU D 112 -12.86 -1.61 15.89
CA LEU D 112 -12.14 -1.11 14.72
C LEU D 112 -10.69 -0.77 15.05
N PRO D 113 -9.80 -0.88 14.05
CA PRO D 113 -8.40 -0.46 14.24
C PRO D 113 -8.29 1.02 14.54
N ASP D 114 -7.37 1.40 15.41
CA ASP D 114 -7.18 2.80 15.71
C ASP D 114 -6.31 3.35 14.60
N PRO D 115 -6.87 4.29 13.81
CA PRO D 115 -6.12 4.75 12.64
C PRO D 115 -5.12 5.84 12.97
N ILE D 116 -5.17 6.39 14.18
CA ILE D 116 -4.38 7.56 14.51
C ILE D 116 -2.92 7.25 14.82
N GLY D 117 -2.01 8.09 14.32
CA GLY D 117 -0.60 7.91 14.64
C GLY D 117 0.13 7.04 13.64
N GLU D 118 -0.61 6.36 12.76
CA GLU D 118 0.00 5.47 11.77
C GLU D 118 0.95 6.17 10.80
N MET D 119 2.13 5.59 10.64
CA MET D 119 3.12 6.12 9.70
C MET D 119 3.27 5.19 8.50
N SER D 120 3.46 5.78 7.33
CA SER D 120 3.45 5.02 6.10
C SER D 120 4.47 5.56 5.14
N ASN D 121 5.04 4.67 4.31
CA ASN D 121 5.87 5.08 3.19
C ASN D 121 7.00 6.01 3.59
N LEU D 122 7.72 5.64 4.65
CA LEU D 122 8.83 6.42 5.12
C LEU D 122 10.06 6.03 4.29
N LYS D 123 10.33 6.78 3.24
CA LYS D 123 11.37 6.42 2.26
C LYS D 123 12.54 7.37 2.37
N TYR D 124 13.75 6.85 2.15
CA TYR D 124 14.91 7.72 2.09
C TYR D 124 14.97 8.48 0.77
N ARG D 125 15.45 9.72 0.84
CA ARG D 125 15.67 10.56 -0.34
C ARG D 125 17.16 10.67 -0.59
N PRO D 126 17.56 11.05 -1.82
CA PRO D 126 19.00 11.20 -2.07
C PRO D 126 19.63 12.20 -1.10
N SER D 127 18.87 13.21 -0.70
CA SER D 127 19.38 14.26 0.19
C SER D 127 19.77 13.71 1.57
N GLY D 128 19.25 12.53 1.91
CA GLY D 128 19.55 11.91 3.19
C GLY D 128 18.34 11.82 4.12
N ILE D 129 17.38 12.73 3.97
CA ILE D 129 16.21 12.69 4.83
C ILE D 129 15.37 11.45 4.54
N GLN D 130 14.54 11.07 5.51
CA GLN D 130 13.55 10.02 5.30
C GLN D 130 12.15 10.64 5.42
N VAL D 131 11.34 10.50 4.37
CA VAL D 131 10.04 11.19 4.28
C VAL D 131 8.87 10.22 4.15
N GLY D 132 7.85 10.41 5.00
CA GLY D 132 6.62 9.64 4.88
C GLY D 132 5.44 10.47 5.34
N GLN D 133 4.31 9.82 5.58
CA GLN D 133 3.14 10.52 6.10
C GLN D 133 2.66 9.90 7.41
N MET D 134 1.98 10.71 8.20
CA MET D 134 1.33 10.21 9.40
C MET D 134 -0.16 10.49 9.30
N ARG D 135 -0.98 9.53 9.71
CA ARG D 135 -2.42 9.75 9.79
C ARG D 135 -2.79 10.29 11.20
N VAL D 136 -3.45 11.44 11.19
CA VAL D 136 -3.77 12.19 12.41
C VAL D 136 -5.24 12.60 12.33
N PRO D 137 -5.85 13.02 13.46
CA PRO D 137 -7.26 13.41 13.34
C PRO D 137 -7.37 14.76 12.63
N LEU D 138 -8.55 15.05 12.08
CA LEU D 138 -8.85 16.39 11.58
C LEU D 138 -8.77 17.40 12.71
N GLY D 139 -9.36 17.06 13.85
CA GLY D 139 -9.38 17.95 15.00
C GLY D 139 -10.76 18.17 15.59
N VAL D 140 -11.63 18.85 14.83
CA VAL D 140 -12.95 19.20 15.32
C VAL D 140 -13.99 18.90 14.26
N ILE D 141 -14.97 18.06 14.61
CA ILE D 141 -16.03 17.67 13.68
C ILE D 141 -17.37 18.21 14.19
N GLY D 142 -18.09 18.94 13.35
CA GLY D 142 -19.41 19.42 13.70
C GLY D 142 -20.48 18.51 13.12
N ILE D 143 -21.38 18.03 13.99
CA ILE D 143 -22.45 17.16 13.56
C ILE D 143 -23.80 17.86 13.69
N ILE D 144 -24.46 18.07 12.57
CA ILE D 144 -25.75 18.74 12.56
C ILE D 144 -26.80 17.74 12.11
N TYR D 145 -27.74 17.43 13.00
CA TYR D 145 -28.72 16.39 12.72
C TYR D 145 -30.16 16.74 13.13
N GLU D 146 -31.11 16.17 12.39
CA GLU D 146 -32.52 16.35 12.63
C GLU D 146 -33.06 14.98 13.03
N SER D 147 -33.96 14.96 14.02
CA SER D 147 -34.46 13.70 14.59
C SER D 147 -33.27 12.80 14.91
N ARG D 148 -33.37 11.52 14.56
CA ARG D 148 -32.25 10.58 14.63
C ARG D 148 -31.40 10.69 15.90
N PRO D 149 -32.03 10.64 17.09
CA PRO D 149 -31.22 10.92 18.29
C PRO D 149 -30.08 9.92 18.51
N ASN D 150 -30.12 8.83 17.78
CA ASN D 150 -29.04 7.85 17.77
C ASN D 150 -27.74 8.46 17.21
N VAL D 151 -27.89 9.45 16.34
CA VAL D 151 -26.74 10.18 15.77
C VAL D 151 -25.86 10.70 16.90
N THR D 152 -26.49 11.14 17.99
CA THR D 152 -25.76 11.61 19.17
C THR D 152 -24.65 10.63 19.57
N ILE D 153 -24.99 9.35 19.60
CA ILE D 153 -24.02 8.31 19.95
C ILE D 153 -23.17 7.86 18.75
N ASP D 154 -23.83 7.47 17.66
CA ASP D 154 -23.16 6.95 16.47
C ASP D 154 -22.13 7.90 15.85
N ALA D 155 -22.48 9.18 15.75
CA ALA D 155 -21.55 10.17 15.20
C ALA D 155 -20.38 10.40 16.15
N ALA D 156 -20.68 10.71 17.39
CA ALA D 156 -19.65 11.02 18.38
C ALA D 156 -18.66 9.85 18.56
N ALA D 157 -19.19 8.63 18.59
CA ALA D 157 -18.35 7.44 18.67
C ALA D 157 -17.27 7.41 17.58
N LEU D 158 -17.68 7.66 16.33
CA LEU D 158 -16.74 7.64 15.20
C LEU D 158 -15.72 8.75 15.31
N CYS D 159 -16.18 9.97 15.58
CA CYS D 159 -15.28 11.11 15.76
C CYS D 159 -14.27 10.84 16.87
N LEU D 160 -14.77 10.38 18.01
CA LEU D 160 -13.92 10.09 19.16
C LEU D 160 -12.83 9.05 18.86
N LYS D 161 -13.24 7.92 18.29
CA LYS D 161 -12.30 6.86 17.94
C LYS D 161 -11.23 7.35 16.99
N SER D 162 -11.63 8.22 16.06
CA SER D 162 -10.66 8.83 15.13
C SER D 162 -9.94 10.04 15.74
N GLY D 163 -10.01 10.18 17.06
CA GLY D 163 -9.21 11.19 17.76
C GLY D 163 -9.63 12.65 17.68
N ASN D 164 -10.88 12.89 17.27
CA ASN D 164 -11.40 14.26 17.13
C ASN D 164 -12.25 14.75 18.31
N ALA D 165 -12.31 16.07 18.48
CA ALA D 165 -13.32 16.67 19.33
C ALA D 165 -14.58 16.75 18.48
N THR D 166 -15.74 16.74 19.12
CA THR D 166 -17.01 16.72 18.39
C THR D 166 -17.93 17.82 18.88
N ILE D 167 -18.52 18.57 17.96
CA ILE D 167 -19.58 19.50 18.34
C ILE D 167 -20.91 18.96 17.83
N LEU D 168 -21.83 18.68 18.75
CA LEU D 168 -23.15 18.13 18.41
C LEU D 168 -24.21 19.21 18.37
N ARG D 169 -25.03 19.17 17.31
CA ARG D 169 -26.15 20.07 17.18
C ARG D 169 -27.35 19.28 16.68
N GLY D 170 -28.22 18.90 17.61
CA GLY D 170 -29.40 18.14 17.27
C GLY D 170 -30.57 19.07 17.01
N GLY D 171 -31.74 18.49 16.79
CA GLY D 171 -32.93 19.29 16.57
C GLY D 171 -33.78 19.39 17.82
N SER D 172 -34.64 20.41 17.86
CA SER D 172 -35.52 20.61 19.00
C SER D 172 -36.39 19.39 19.28
N GLU D 173 -36.84 18.72 18.23
CA GLU D 173 -37.78 17.60 18.35
C GLU D 173 -37.19 16.34 19.00
N ALA D 174 -36.02 16.47 19.64
CA ALA D 174 -35.39 15.33 20.31
C ALA D 174 -34.53 15.77 21.50
N LEU D 175 -34.84 16.95 22.05
CA LEU D 175 -34.06 17.55 23.14
C LEU D 175 -33.69 16.55 24.24
N GLU D 176 -34.72 15.98 24.87
CA GLU D 176 -34.55 15.09 26.02
C GLU D 176 -33.77 13.81 25.71
N SER D 177 -34.00 13.24 24.53
CA SER D 177 -33.26 12.05 24.11
C SER D 177 -31.78 12.38 23.91
N ASN D 178 -31.50 13.44 23.16
CA ASN D 178 -30.13 13.88 22.87
C ASN D 178 -29.39 14.31 24.14
N THR D 179 -30.07 15.07 24.99
CA THR D 179 -29.51 15.53 26.25
C THR D 179 -29.10 14.34 27.11
N ALA D 180 -30.02 13.38 27.24
CA ALA D 180 -29.77 12.16 28.01
C ALA D 180 -28.61 11.34 27.46
N LEU D 181 -28.55 11.20 26.13
CA LEU D 181 -27.44 10.48 25.50
C LEU D 181 -26.13 11.24 25.66
N ALA D 182 -26.18 12.57 25.50
CA ALA D 182 -24.95 13.37 25.56
C ALA D 182 -24.34 13.31 26.95
N LYS D 183 -25.18 13.14 27.98
CA LYS D 183 -24.68 13.01 29.34
C LYS D 183 -23.97 11.66 29.54
N LEU D 184 -24.47 10.61 28.88
CA LEU D 184 -23.83 9.28 28.97
C LEU D 184 -22.47 9.28 28.26
N ILE D 185 -22.37 10.02 27.17
CA ILE D 185 -21.09 10.26 26.52
C ILE D 185 -20.10 10.87 27.53
N GLY D 186 -20.54 11.88 28.26
CA GLY D 186 -19.68 12.57 29.22
C GLY D 186 -19.21 11.63 30.30
N GLU D 187 -20.11 10.73 30.69
CA GLU D 187 -19.81 9.72 31.69
C GLU D 187 -18.71 8.79 31.19
N GLY D 188 -18.76 8.45 29.90
CA GLY D 188 -17.74 7.62 29.32
C GLY D 188 -16.43 8.36 29.22
N LEU D 189 -16.52 9.63 28.83
CA LEU D 189 -15.34 10.48 28.76
C LEU D 189 -14.67 10.59 30.13
N ALA D 190 -15.48 10.75 31.18
CA ALA D 190 -14.97 10.86 32.54
C ALA D 190 -14.27 9.57 32.95
N GLU D 191 -14.87 8.44 32.60
CA GLU D 191 -14.32 7.13 32.92
C GLU D 191 -12.93 6.91 32.31
N ALA D 192 -12.71 7.47 31.12
CA ALA D 192 -11.44 7.29 30.40
C ALA D 192 -10.38 8.34 30.73
N GLY D 193 -10.77 9.37 31.47
CA GLY D 193 -9.83 10.42 31.84
C GLY D 193 -9.81 11.60 30.88
N LEU D 194 -10.78 11.61 29.95
CA LEU D 194 -10.81 12.60 28.88
C LEU D 194 -11.61 13.85 29.27
N PRO D 195 -11.27 15.01 28.66
CA PRO D 195 -11.99 16.27 28.95
C PRO D 195 -13.43 16.21 28.48
N GLN D 196 -14.34 16.82 29.23
CA GLN D 196 -15.75 16.81 28.90
C GLN D 196 -15.95 17.44 27.54
N ASP D 197 -15.17 18.47 27.25
CA ASP D 197 -15.24 19.19 26.00
C ASP D 197 -14.83 18.37 24.77
N THR D 198 -14.43 17.11 24.98
CA THR D 198 -14.15 16.21 23.85
C THR D 198 -15.44 16.07 23.03
N VAL D 199 -16.59 16.17 23.72
CA VAL D 199 -17.88 16.22 23.05
C VAL D 199 -18.71 17.36 23.64
N GLN D 200 -19.01 18.36 22.81
CA GLN D 200 -19.87 19.48 23.22
C GLN D 200 -21.22 19.41 22.53
N VAL D 201 -22.27 19.69 23.29
CA VAL D 201 -23.60 19.86 22.69
C VAL D 201 -23.91 21.33 22.64
N VAL D 202 -24.23 21.84 21.46
CA VAL D 202 -24.74 23.19 21.32
C VAL D 202 -26.09 23.19 22.04
N GLU D 203 -26.12 23.81 23.23
CA GLU D 203 -27.24 23.64 24.15
C GLU D 203 -28.48 24.46 23.83
N THR D 204 -28.27 25.57 23.13
CA THR D 204 -29.38 26.45 22.78
C THR D 204 -30.35 25.80 21.79
N ALA D 205 -31.41 26.53 21.48
CA ALA D 205 -32.30 26.17 20.38
C ALA D 205 -32.34 27.36 19.42
N ASP D 206 -31.60 28.41 19.75
CA ASP D 206 -31.46 29.60 18.90
C ASP D 206 -31.13 29.24 17.47
N ARG D 207 -31.77 29.95 16.54
CA ARG D 207 -31.62 29.69 15.11
C ARG D 207 -30.19 29.92 14.62
N ALA D 208 -29.63 31.08 14.95
CA ALA D 208 -28.35 31.51 14.37
C ALA D 208 -27.13 30.66 14.78
N ALA D 209 -27.36 29.65 15.61
CA ALA D 209 -26.27 28.77 16.05
C ALA D 209 -25.66 28.02 14.87
N VAL D 210 -26.52 27.46 14.02
CA VAL D 210 -26.07 26.74 12.83
C VAL D 210 -25.34 27.68 11.87
N GLY D 211 -25.87 28.89 11.71
CA GLY D 211 -25.25 29.90 10.87
C GLY D 211 -23.84 30.19 11.30
N ARG D 212 -23.63 30.33 12.60
CA ARG D 212 -22.29 30.55 13.14
C ARG D 212 -21.44 29.30 12.99
N LEU D 213 -22.03 28.14 13.28
CA LEU D 213 -21.28 26.89 13.31
C LEU D 213 -20.70 26.50 11.94
N ILE D 214 -21.50 26.65 10.89
CA ILE D 214 -21.07 26.28 9.56
C ILE D 214 -20.14 27.33 8.94
N THR D 215 -19.94 28.44 9.67
CA THR D 215 -19.01 29.49 9.25
C THR D 215 -17.80 29.64 10.19
N MET D 216 -17.75 28.81 11.23
CA MET D 216 -16.68 28.87 12.21
C MET D 216 -15.43 28.13 11.72
N THR D 217 -14.79 28.70 10.70
CA THR D 217 -13.71 28.03 9.99
C THR D 217 -12.40 27.93 10.77
N GLU D 218 -12.21 28.81 11.73
CA GLU D 218 -11.03 28.72 12.59
C GLU D 218 -11.08 27.47 13.44
N TYR D 219 -12.27 27.15 13.95
CA TYR D 219 -12.41 26.15 15.00
C TYR D 219 -12.99 24.79 14.56
N VAL D 220 -13.63 24.75 13.40
CA VAL D 220 -14.26 23.50 12.93
C VAL D 220 -13.70 23.11 11.57
N ASP D 221 -13.33 21.84 11.43
CA ASP D 221 -12.63 21.37 10.23
C ASP D 221 -13.55 20.72 9.21
N VAL D 222 -14.61 20.07 9.68
CA VAL D 222 -15.61 19.50 8.76
C VAL D 222 -16.96 19.33 9.46
N ILE D 223 -18.03 19.43 8.67
CA ILE D 223 -19.38 19.25 9.16
C ILE D 223 -19.96 17.96 8.59
N VAL D 224 -20.64 17.16 9.41
CA VAL D 224 -21.38 16.00 8.89
C VAL D 224 -22.87 16.18 9.10
N PRO D 225 -23.60 16.57 8.03
CA PRO D 225 -25.06 16.71 8.12
C PRO D 225 -25.74 15.35 8.12
N ARG D 226 -26.79 15.22 8.92
CA ARG D 226 -27.60 14.01 8.93
C ARG D 226 -29.05 14.45 9.01
N GLY D 227 -29.52 15.10 7.95
CA GLY D 227 -30.88 15.59 7.88
C GLY D 227 -31.53 15.27 6.55
N GLY D 228 -32.53 16.07 6.18
CA GLY D 228 -33.18 15.92 4.89
C GLY D 228 -32.52 16.83 3.87
N LYS D 229 -32.95 16.75 2.61
CA LYS D 229 -32.40 17.60 1.56
C LYS D 229 -32.64 19.09 1.83
N SER D 230 -33.76 19.40 2.48
CA SER D 230 -34.09 20.76 2.88
C SER D 230 -32.95 21.41 3.68
N LEU D 231 -32.52 20.77 4.75
CA LEU D 231 -31.40 21.29 5.55
C LEU D 231 -30.09 21.24 4.76
N ILE D 232 -29.90 20.16 4.01
CA ILE D 232 -28.66 19.96 3.27
C ILE D 232 -28.50 21.01 2.18
N GLU D 233 -29.60 21.54 1.67
CA GLU D 233 -29.53 22.60 0.66
C GLU D 233 -29.13 23.94 1.28
N ARG D 234 -29.65 24.20 2.47
CA ARG D 234 -29.25 25.40 3.23
C ARG D 234 -27.74 25.42 3.45
N LEU D 235 -27.22 24.38 4.08
CA LEU D 235 -25.80 24.28 4.37
C LEU D 235 -24.94 24.40 3.11
N ILE D 236 -25.32 23.68 2.06
CA ILE D 236 -24.63 23.75 0.78
C ILE D 236 -24.45 25.20 0.30
N ASN D 237 -25.51 26.00 0.40
CA ASN D 237 -25.44 27.39 -0.04
C ASN D 237 -24.69 28.28 0.95
N GLU D 238 -24.81 27.96 2.24
CA GLU D 238 -24.36 28.86 3.30
C GLU D 238 -23.02 28.49 3.96
N ALA D 239 -22.80 27.19 4.18
CA ALA D 239 -21.61 26.75 4.91
C ALA D 239 -20.30 27.18 4.25
N ARG D 240 -19.34 27.58 5.09
CA ARG D 240 -18.00 27.88 4.63
C ARG D 240 -17.04 26.80 5.14
N VAL D 241 -17.47 26.05 6.15
CA VAL D 241 -16.74 24.88 6.63
C VAL D 241 -17.01 23.73 5.66
N PRO D 242 -15.98 22.98 5.27
CA PRO D 242 -16.17 21.81 4.40
C PRO D 242 -17.17 20.80 4.99
N MET D 243 -17.87 20.09 4.11
CA MET D 243 -18.85 19.11 4.55
C MET D 243 -18.61 17.74 3.94
N ILE D 244 -18.99 16.72 4.68
CA ILE D 244 -19.04 15.37 4.15
C ILE D 244 -20.52 15.02 4.07
N LYS D 245 -21.03 14.89 2.85
CA LYS D 245 -22.46 14.74 2.62
C LYS D 245 -22.77 14.31 1.19
N HIS D 246 -24.02 13.92 0.98
CA HIS D 246 -24.53 13.71 -0.36
C HIS D 246 -25.93 14.31 -0.46
N LEU D 247 -26.12 15.20 -1.44
CA LEU D 247 -27.47 15.62 -1.78
C LEU D 247 -28.15 14.37 -2.32
N ASP D 248 -29.28 13.98 -1.72
CA ASP D 248 -29.95 12.69 -1.98
C ASP D 248 -29.83 12.18 -3.41
N GLY D 249 -29.68 10.87 -3.55
CA GLY D 249 -29.16 10.28 -4.75
C GLY D 249 -30.07 9.73 -5.81
N ILE D 250 -29.89 10.22 -7.04
CA ILE D 250 -30.42 9.53 -8.21
C ILE D 250 -29.37 8.56 -8.76
N CYS D 251 -29.65 7.27 -8.58
CA CYS D 251 -28.75 6.19 -8.93
C CYS D 251 -29.31 5.41 -10.13
N HIS D 252 -28.44 4.93 -11.01
CA HIS D 252 -28.89 4.19 -12.19
C HIS D 252 -28.38 2.75 -12.23
N VAL D 253 -29.16 1.87 -12.85
CA VAL D 253 -28.61 0.64 -13.38
C VAL D 253 -28.78 0.68 -14.90
N TYR D 254 -27.68 0.52 -15.62
CA TYR D 254 -27.72 0.44 -17.06
C TYR D 254 -27.64 -1.02 -17.46
N VAL D 255 -28.67 -1.50 -18.13
CA VAL D 255 -28.64 -2.85 -18.68
C VAL D 255 -28.18 -2.76 -20.12
N ASP D 256 -26.95 -3.19 -20.36
CA ASP D 256 -26.32 -3.17 -21.69
C ASP D 256 -26.93 -4.24 -22.61
N ASP D 257 -26.75 -4.11 -23.93
CA ASP D 257 -27.31 -5.13 -24.82
C ASP D 257 -26.55 -6.47 -24.80
N ARG D 258 -25.38 -6.47 -24.18
CA ARG D 258 -24.66 -7.73 -23.97
C ARG D 258 -24.78 -8.19 -22.50
N ALA D 259 -25.82 -7.72 -21.83
CA ALA D 259 -26.16 -8.19 -20.47
C ALA D 259 -26.61 -9.64 -20.48
N SER D 260 -26.33 -10.34 -19.38
CA SER D 260 -27.01 -11.59 -19.09
C SER D 260 -28.37 -11.23 -18.50
N VAL D 261 -29.45 -11.71 -19.09
CA VAL D 261 -30.79 -11.42 -18.57
C VAL D 261 -30.91 -11.91 -17.12
N THR D 262 -30.32 -13.06 -16.83
CA THR D 262 -30.30 -13.63 -15.48
C THR D 262 -29.63 -12.71 -14.46
N LYS D 263 -28.52 -12.11 -14.82
CA LYS D 263 -27.86 -11.19 -13.92
C LYS D 263 -28.69 -9.92 -13.78
N ALA D 264 -29.28 -9.48 -14.87
CA ALA D 264 -30.05 -8.25 -14.88
C ALA D 264 -31.24 -8.35 -13.93
N LEU D 265 -31.89 -9.51 -13.91
CA LEU D 265 -33.03 -9.75 -13.01
C LEU D 265 -32.61 -9.73 -11.54
N THR D 266 -31.49 -10.38 -11.22
CA THR D 266 -31.00 -10.40 -9.84
C THR D 266 -30.49 -9.03 -9.39
N VAL D 267 -29.71 -8.37 -10.24
CA VAL D 267 -29.13 -7.08 -9.91
C VAL D 267 -30.21 -6.02 -9.77
N CYS D 268 -31.10 -5.92 -10.76
CA CYS D 268 -32.10 -4.86 -10.78
C CYS D 268 -33.23 -5.12 -9.80
N ASP D 269 -33.27 -6.30 -9.20
CA ASP D 269 -34.22 -6.57 -8.13
C ASP D 269 -33.68 -6.07 -6.80
N CYS D 279 -30.84 5.69 0.05
CA CYS D 279 -30.11 6.67 -0.76
C CYS D 279 -29.40 6.01 -1.95
N ASN D 280 -29.12 4.71 -1.84
CA ASN D 280 -28.42 3.97 -2.87
C ASN D 280 -29.33 3.04 -3.67
N THR D 281 -30.63 3.19 -3.48
CA THR D 281 -31.61 2.38 -4.22
C THR D 281 -31.73 2.95 -5.63
N MET D 282 -31.75 2.08 -6.63
CA MET D 282 -31.95 2.52 -8.00
C MET D 282 -33.25 3.31 -8.18
N GLU D 283 -33.15 4.46 -8.82
CA GLU D 283 -34.33 5.27 -9.09
C GLU D 283 -34.61 5.23 -10.59
N THR D 284 -33.57 4.97 -11.39
CA THR D 284 -33.71 4.95 -12.83
C THR D 284 -33.08 3.72 -13.45
N LEU D 285 -33.84 3.03 -14.30
CA LEU D 285 -33.31 1.90 -15.05
C LEU D 285 -33.09 2.35 -16.48
N LEU D 286 -31.86 2.22 -16.97
CA LEU D 286 -31.53 2.54 -18.36
C LEU D 286 -31.32 1.22 -19.09
N VAL D 287 -32.05 1.03 -20.18
CA VAL D 287 -31.96 -0.23 -20.91
C VAL D 287 -31.58 0.01 -22.37
N ALA D 288 -30.56 -0.72 -22.84
CA ALA D 288 -30.13 -0.62 -24.24
C ALA D 288 -31.24 -1.10 -25.16
N ARG D 289 -31.46 -0.37 -26.25
CA ARG D 289 -32.54 -0.65 -27.18
C ARG D 289 -32.56 -2.10 -27.63
N GLY D 290 -31.38 -2.67 -27.90
CA GLY D 290 -31.30 -3.98 -28.50
C GLY D 290 -31.76 -5.13 -27.62
N ILE D 291 -31.79 -4.90 -26.31
CA ILE D 291 -32.17 -5.97 -25.39
C ILE D 291 -33.43 -5.66 -24.58
N ALA D 292 -34.01 -4.49 -24.79
CA ALA D 292 -35.18 -4.10 -24.02
C ALA D 292 -36.33 -5.15 -23.99
N PRO D 293 -36.69 -5.74 -25.15
CA PRO D 293 -37.83 -6.68 -25.04
C PRO D 293 -37.49 -7.88 -24.15
N ALA D 294 -36.30 -8.44 -24.32
CA ALA D 294 -35.87 -9.59 -23.52
C ALA D 294 -35.73 -9.29 -22.02
N VAL D 295 -35.36 -8.05 -21.69
CA VAL D 295 -35.10 -7.67 -20.29
C VAL D 295 -36.30 -7.02 -19.62
N LEU D 296 -36.97 -6.10 -20.33
CA LEU D 296 -38.06 -5.35 -19.74
C LEU D 296 -39.29 -6.21 -19.48
N SER D 297 -39.45 -7.27 -20.25
CA SER D 297 -40.61 -8.11 -20.04
C SER D 297 -40.56 -8.78 -18.66
N PRO D 298 -39.49 -9.53 -18.35
CA PRO D 298 -39.54 -10.08 -16.99
C PRO D 298 -39.24 -9.04 -15.89
N LEU D 299 -38.47 -8.01 -16.19
CA LEU D 299 -38.18 -6.98 -15.20
C LEU D 299 -39.40 -6.17 -14.81
N GLY D 300 -40.08 -5.60 -15.80
CA GLY D 300 -41.28 -4.83 -15.55
C GLY D 300 -42.34 -5.67 -14.85
N ARG D 301 -42.36 -6.96 -15.15
CA ARG D 301 -43.39 -7.85 -14.64
C ARG D 301 -43.09 -8.14 -13.17
N LEU D 302 -41.81 -8.37 -12.88
CA LEU D 302 -41.34 -8.58 -11.51
C LEU D 302 -41.55 -7.35 -10.62
N TYR D 303 -41.27 -6.17 -11.17
CA TYR D 303 -41.50 -4.91 -10.45
C TYR D 303 -42.96 -4.66 -10.19
N ARG D 304 -43.80 -4.96 -11.18
CA ARG D 304 -45.24 -4.76 -11.02
C ARG D 304 -45.80 -5.60 -9.89
N GLU D 305 -45.28 -6.82 -9.75
CA GLU D 305 -45.84 -7.75 -8.78
C GLU D 305 -45.51 -7.33 -7.35
N LYS D 306 -44.47 -6.51 -7.22
CA LYS D 306 -44.03 -6.01 -5.93
C LYS D 306 -44.66 -4.64 -5.62
N GLY D 307 -45.48 -4.14 -6.54
CA GLY D 307 -46.21 -2.90 -6.30
C GLY D 307 -45.49 -1.61 -6.70
N VAL D 308 -44.40 -1.74 -7.43
CA VAL D 308 -43.62 -0.58 -7.87
C VAL D 308 -44.26 0.14 -9.08
N GLU D 309 -44.45 1.45 -8.98
CA GLU D 309 -44.93 2.26 -10.10
C GLU D 309 -43.83 2.44 -11.15
N LEU D 310 -44.19 2.28 -12.42
CA LEU D 310 -43.24 2.41 -13.52
C LEU D 310 -43.48 3.68 -14.33
N ARG D 311 -42.51 4.59 -14.28
CA ARG D 311 -42.52 5.76 -15.15
C ARG D 311 -41.60 5.49 -16.33
N VAL D 312 -42.16 5.54 -17.54
CA VAL D 312 -41.44 5.08 -18.71
C VAL D 312 -41.38 6.19 -19.76
N ASP D 313 -40.30 6.20 -20.55
CA ASP D 313 -40.26 7.05 -21.74
C ASP D 313 -41.11 6.38 -22.81
N ALA D 314 -41.27 7.03 -23.96
CA ALA D 314 -42.14 6.49 -25.01
C ALA D 314 -41.71 5.09 -25.47
N ASP D 315 -40.41 4.87 -25.64
CA ASP D 315 -39.91 3.60 -26.16
C ASP D 315 -40.18 2.48 -25.17
N ALA D 316 -39.88 2.73 -23.90
CA ALA D 316 -40.09 1.72 -22.87
C ALA D 316 -41.59 1.39 -22.74
N ARG D 317 -42.44 2.39 -22.94
CA ARG D 317 -43.87 2.15 -22.85
C ARG D 317 -44.28 1.16 -23.92
N ALA D 318 -43.77 1.34 -25.13
CA ALA D 318 -44.11 0.47 -26.25
C ALA D 318 -43.62 -0.94 -25.95
N VAL D 319 -42.39 -1.08 -25.49
CA VAL D 319 -41.87 -2.38 -25.14
C VAL D 319 -42.73 -3.05 -24.07
N LEU D 320 -43.05 -2.32 -23.01
CA LEU D 320 -43.82 -2.90 -21.92
C LEU D 320 -45.25 -3.22 -22.31
N GLU D 321 -45.87 -2.35 -23.09
CA GLU D 321 -47.22 -2.61 -23.55
C GLU D 321 -47.26 -3.88 -24.40
N ALA D 322 -46.28 -4.03 -25.30
CA ALA D 322 -46.23 -5.20 -26.17
C ALA D 322 -45.97 -6.47 -25.36
N ALA D 323 -45.38 -6.31 -24.18
CA ALA D 323 -45.16 -7.44 -23.29
C ALA D 323 -46.34 -7.68 -22.34
N GLY D 324 -47.35 -6.81 -22.41
CA GLY D 324 -48.51 -6.94 -21.54
C GLY D 324 -48.27 -6.52 -20.09
N VAL D 325 -47.26 -5.69 -19.86
CA VAL D 325 -46.93 -5.21 -18.52
C VAL D 325 -47.44 -3.79 -18.31
N GLY D 326 -48.25 -3.62 -17.26
CA GLY D 326 -48.81 -2.33 -16.91
C GLY D 326 -49.45 -2.38 -15.53
N PRO D 327 -50.08 -1.28 -15.11
CA PRO D 327 -50.20 -0.05 -15.88
C PRO D 327 -48.89 0.75 -15.84
N LEU D 328 -48.79 1.79 -16.66
CA LEU D 328 -47.56 2.55 -16.82
C LEU D 328 -47.86 4.04 -16.78
N VAL D 329 -46.95 4.82 -16.19
CA VAL D 329 -47.11 6.27 -16.14
C VAL D 329 -46.09 6.94 -17.05
N ASP D 330 -46.51 7.98 -17.77
CA ASP D 330 -45.63 8.71 -18.66
C ASP D 330 -44.53 9.44 -17.88
N ALA D 331 -43.29 9.26 -18.31
CA ALA D 331 -42.16 9.95 -17.70
C ALA D 331 -42.00 11.35 -18.28
N THR D 332 -41.78 12.33 -17.41
CA THR D 332 -41.42 13.68 -17.81
C THR D 332 -39.89 13.83 -17.79
N ASP D 333 -39.40 14.99 -18.22
CA ASP D 333 -37.97 15.27 -18.19
C ASP D 333 -37.47 15.43 -16.76
N GLU D 334 -38.39 15.74 -15.84
CA GLU D 334 -38.08 15.87 -14.43
C GLU D 334 -37.81 14.51 -13.76
N ASP D 335 -38.43 13.46 -14.31
CA ASP D 335 -38.25 12.10 -13.78
C ASP D 335 -36.80 11.59 -13.89
N TRP D 336 -36.00 12.21 -14.75
CA TRP D 336 -34.58 11.86 -14.88
C TRP D 336 -33.76 12.58 -13.81
N PRO D 343 -40.76 3.46 -4.05
CA PRO D 343 -41.86 2.61 -4.52
C PRO D 343 -42.13 2.91 -6.00
N VAL D 344 -41.22 3.62 -6.64
CA VAL D 344 -41.39 4.05 -8.02
C VAL D 344 -40.08 3.92 -8.79
N LEU D 345 -40.15 3.55 -10.06
CA LEU D 345 -38.96 3.35 -10.88
C LEU D 345 -39.10 4.05 -12.22
N ALA D 346 -38.11 4.84 -12.59
CA ALA D 346 -38.09 5.48 -13.89
C ALA D 346 -37.39 4.53 -14.88
N ILE D 347 -37.92 4.43 -16.09
CA ILE D 347 -37.33 3.55 -17.08
C ILE D 347 -37.13 4.29 -18.39
N LYS D 348 -35.92 4.19 -18.93
CA LYS D 348 -35.59 4.88 -20.16
C LYS D 348 -34.83 3.94 -21.09
N ILE D 349 -35.16 3.99 -22.37
CA ILE D 349 -34.40 3.25 -23.36
C ILE D 349 -33.29 4.14 -23.93
N VAL D 350 -32.08 3.58 -24.01
CA VAL D 350 -30.95 4.27 -24.63
C VAL D 350 -30.37 3.40 -25.76
N ASP D 351 -29.66 4.02 -26.69
CA ASP D 351 -29.06 3.31 -27.81
C ASP D 351 -28.00 2.29 -27.38
N GLY D 352 -27.27 2.60 -26.32
CA GLY D 352 -26.15 1.78 -25.89
C GLY D 352 -25.27 2.45 -24.84
N ILE D 353 -24.05 1.95 -24.69
CA ILE D 353 -23.20 2.32 -23.56
C ILE D 353 -22.76 3.77 -23.58
N ASP D 354 -22.49 4.31 -24.76
CA ASP D 354 -22.09 5.71 -24.87
C ASP D 354 -23.18 6.63 -24.33
N ALA D 355 -24.41 6.44 -24.80
CA ALA D 355 -25.54 7.24 -24.34
C ALA D 355 -25.83 7.00 -22.84
N ALA D 356 -25.65 5.77 -22.37
CA ALA D 356 -25.85 5.47 -20.95
C ALA D 356 -24.86 6.24 -20.05
N ILE D 357 -23.58 6.14 -20.36
CA ILE D 357 -22.57 6.85 -19.58
C ILE D 357 -22.86 8.34 -19.61
N GLU D 358 -23.20 8.87 -20.78
CA GLU D 358 -23.48 10.30 -20.91
C GLU D 358 -24.71 10.72 -20.10
N HIS D 359 -25.79 9.95 -20.18
CA HIS D 359 -26.99 10.23 -19.40
C HIS D 359 -26.67 10.20 -17.90
N ILE D 360 -25.95 9.18 -17.46
CA ILE D 360 -25.61 9.02 -16.04
C ILE D 360 -24.75 10.19 -15.53
N ASN D 361 -23.70 10.53 -16.25
CA ASN D 361 -22.83 11.62 -15.82
C ASN D 361 -23.53 12.97 -15.83
N GLU D 362 -24.54 13.11 -16.69
CA GLU D 362 -25.29 14.36 -16.84
C GLU D 362 -26.42 14.52 -15.84
N TYR D 363 -27.22 13.47 -15.68
CA TYR D 363 -28.45 13.56 -14.88
C TYR D 363 -28.32 12.96 -13.48
N GLY D 364 -27.39 12.03 -13.30
CA GLY D 364 -27.25 11.34 -12.03
C GLY D 364 -26.70 12.21 -10.91
N SER D 365 -26.67 11.68 -9.70
CA SER D 365 -26.15 12.42 -8.55
C SER D 365 -24.70 12.04 -8.24
N HIS D 366 -24.13 11.13 -9.05
CA HIS D 366 -22.74 10.68 -8.91
C HIS D 366 -22.52 9.95 -7.58
N HIS D 367 -23.58 9.27 -7.14
CA HIS D 367 -23.62 8.53 -5.90
C HIS D 367 -23.24 7.07 -6.18
N THR D 368 -24.15 6.33 -6.79
CA THR D 368 -23.92 4.93 -7.12
C THR D 368 -24.58 4.61 -8.47
N ASP D 369 -23.86 3.92 -9.34
CA ASP D 369 -24.38 3.57 -10.66
C ASP D 369 -23.73 2.27 -11.10
N ALA D 370 -24.49 1.43 -11.78
CA ALA D 370 -24.04 0.10 -12.12
C ALA D 370 -24.30 -0.23 -13.58
N ILE D 371 -23.47 -1.10 -14.15
CA ILE D 371 -23.73 -1.64 -15.48
C ILE D 371 -23.94 -3.14 -15.36
N VAL D 372 -24.90 -3.66 -16.11
CA VAL D 372 -25.03 -5.10 -16.27
C VAL D 372 -24.57 -5.44 -17.68
N THR D 373 -23.47 -6.17 -17.79
CA THR D 373 -22.94 -6.55 -19.10
C THR D 373 -21.98 -7.72 -18.99
N GLU D 374 -21.85 -8.47 -20.08
CA GLU D 374 -20.94 -9.62 -20.12
C GLU D 374 -19.69 -9.26 -20.91
N ASP D 375 -19.73 -8.11 -21.57
CA ASP D 375 -18.64 -7.62 -22.41
C ASP D 375 -17.54 -6.98 -21.54
N HIS D 376 -16.33 -7.53 -21.61
CA HIS D 376 -15.24 -7.11 -20.72
C HIS D 376 -14.88 -5.63 -20.89
N ASP D 377 -14.65 -5.19 -22.12
CA ASP D 377 -14.29 -3.80 -22.37
C ASP D 377 -15.35 -2.80 -21.93
N ARG D 378 -16.62 -3.14 -22.15
CA ARG D 378 -17.71 -2.25 -21.74
C ARG D 378 -17.80 -2.15 -20.22
N ALA D 379 -17.56 -3.27 -19.54
CA ALA D 379 -17.54 -3.28 -18.09
C ALA D 379 -16.47 -2.33 -17.56
N MET D 380 -15.25 -2.51 -18.04
CA MET D 380 -14.11 -1.71 -17.61
CA MET D 380 -14.15 -1.70 -17.54
C MET D 380 -14.27 -0.22 -17.94
N ARG D 381 -14.77 0.06 -19.14
CA ARG D 381 -15.08 1.43 -19.58
C ARG D 381 -16.02 2.12 -18.61
N PHE D 382 -17.13 1.45 -18.30
CA PHE D 382 -18.11 1.96 -17.35
C PHE D 382 -17.48 2.32 -15.99
N LEU D 383 -16.64 1.43 -15.47
CA LEU D 383 -15.99 1.68 -14.19
C LEU D 383 -15.16 2.95 -14.29
N ARG D 384 -14.45 3.10 -15.39
CA ARG D 384 -13.54 4.21 -15.53
C ARG D 384 -14.29 5.52 -15.81
N GLU D 385 -15.25 5.47 -16.72
CA GLU D 385 -15.86 6.70 -17.23
C GLU D 385 -17.05 7.25 -16.43
N VAL D 386 -17.76 6.39 -15.73
CA VAL D 386 -18.91 6.85 -14.95
C VAL D 386 -18.37 7.55 -13.72
N ASP D 387 -18.54 8.86 -13.65
CA ASP D 387 -17.89 9.66 -12.61
C ASP D 387 -18.73 9.66 -11.33
N SER D 388 -18.94 8.49 -10.75
CA SER D 388 -19.77 8.36 -9.56
C SER D 388 -18.94 7.88 -8.39
N ALA D 389 -19.41 8.15 -7.18
CA ALA D 389 -18.66 7.77 -5.97
C ALA D 389 -18.43 6.26 -5.86
N SER D 390 -19.41 5.46 -6.30
CA SER D 390 -19.23 4.01 -6.40
C SER D 390 -19.78 3.52 -7.73
N VAL D 391 -18.99 2.70 -8.43
CA VAL D 391 -19.38 2.26 -9.75
C VAL D 391 -19.30 0.74 -9.79
N MET D 392 -20.36 0.12 -10.32
CA MET D 392 -20.48 -1.32 -10.20
C MET D 392 -20.64 -2.04 -11.54
N VAL D 393 -20.04 -3.23 -11.61
CA VAL D 393 -20.23 -4.12 -12.73
C VAL D 393 -20.97 -5.35 -12.20
N ASN D 394 -22.15 -5.60 -12.74
CA ASN D 394 -22.93 -6.78 -12.38
C ASN D 394 -23.14 -6.95 -10.87
N ALA D 395 -23.49 -5.87 -10.18
CA ALA D 395 -23.84 -5.97 -8.77
C ALA D 395 -24.84 -4.90 -8.43
N SER D 396 -25.74 -5.24 -7.53
CA SER D 396 -26.76 -4.31 -7.08
C SER D 396 -26.16 -3.05 -6.47
N THR D 397 -26.76 -1.93 -6.86
CA THR D 397 -26.41 -0.62 -6.35
C THR D 397 -26.56 -0.52 -4.81
N ARG D 398 -27.34 -1.44 -4.24
CA ARG D 398 -27.54 -1.50 -2.79
C ARG D 398 -26.29 -1.86 -2.01
N PHE D 399 -25.27 -2.38 -2.69
CA PHE D 399 -24.03 -2.78 -2.02
C PHE D 399 -23.16 -1.58 -1.62
N ALA D 400 -23.47 -0.39 -2.12
CA ALA D 400 -22.66 0.79 -1.80
C ALA D 400 -23.01 1.33 -0.43
N ASP D 401 -22.42 0.71 0.58
CA ASP D 401 -22.49 1.21 1.94
C ASP D 401 -21.25 0.72 2.69
N GLY D 402 -20.96 1.34 3.83
CA GLY D 402 -19.67 1.17 4.49
C GLY D 402 -19.39 -0.24 4.96
N PHE D 403 -20.43 -0.91 5.44
CA PHE D 403 -20.31 -2.27 5.93
C PHE D 403 -20.11 -3.27 4.80
N GLU D 404 -20.95 -3.19 3.77
CA GLU D 404 -20.76 -3.98 2.56
C GLU D 404 -19.36 -3.80 1.96
N PHE D 405 -18.82 -2.58 2.05
CA PHE D 405 -17.52 -2.29 1.46
C PHE D 405 -16.37 -2.63 2.39
N GLY D 406 -16.69 -3.04 3.62
CA GLY D 406 -15.65 -3.47 4.53
C GLY D 406 -15.04 -2.38 5.40
N LEU D 407 -15.64 -1.20 5.41
CA LEU D 407 -15.15 -0.08 6.23
C LEU D 407 -15.55 -0.24 7.70
N GLY D 408 -16.46 -1.17 7.98
CA GLY D 408 -16.84 -1.48 9.36
C GLY D 408 -17.58 -0.36 10.07
N ALA D 409 -17.97 0.67 9.33
CA ALA D 409 -18.65 1.84 9.88
C ALA D 409 -19.08 2.70 8.72
N GLU D 410 -19.87 3.74 9.01
CA GLU D 410 -20.30 4.67 7.97
C GLU D 410 -20.75 5.97 8.59
N ILE D 411 -19.88 6.98 8.60
CA ILE D 411 -20.26 8.29 9.13
C ILE D 411 -21.27 8.95 8.19
N GLY D 412 -21.14 8.65 6.90
CA GLY D 412 -22.06 9.16 5.90
C GLY D 412 -21.62 8.67 4.54
N ILE D 413 -22.30 9.12 3.51
CA ILE D 413 -21.94 8.78 2.14
C ILE D 413 -21.71 10.04 1.33
N SER D 414 -20.53 10.14 0.72
CA SER D 414 -20.16 11.37 0.01
C SER D 414 -20.24 11.18 -1.49
N ASN D 415 -20.83 12.15 -2.16
CA ASN D 415 -20.80 12.15 -3.62
C ASN D 415 -19.87 13.24 -4.15
N ASP D 416 -19.04 13.80 -3.26
CA ASP D 416 -18.07 14.81 -3.67
C ASP D 416 -16.76 14.17 -4.14
N LYS D 417 -15.91 14.93 -4.80
CA LYS D 417 -14.70 14.36 -5.38
C LYS D 417 -13.51 14.39 -4.42
N LEU D 418 -13.38 15.50 -3.69
CA LEU D 418 -12.23 15.72 -2.81
C LEU D 418 -12.32 14.97 -1.48
N HIS D 419 -11.16 14.52 -0.99
CA HIS D 419 -11.01 14.00 0.37
C HIS D 419 -11.66 12.64 0.69
N ALA D 420 -12.99 12.60 0.66
CA ALA D 420 -13.72 11.35 0.93
C ALA D 420 -14.88 11.19 -0.04
N ARG D 421 -15.01 10.01 -0.61
CA ARG D 421 -15.97 9.82 -1.69
C ARG D 421 -16.55 8.41 -1.59
N GLY D 422 -17.87 8.30 -1.74
CA GLY D 422 -18.56 7.04 -1.49
C GLY D 422 -18.86 6.91 0.00
N PRO D 423 -19.12 5.67 0.47
CA PRO D 423 -19.31 5.45 1.91
C PRO D 423 -18.05 5.89 2.64
N VAL D 424 -18.20 6.62 3.73
CA VAL D 424 -17.06 7.15 4.47
C VAL D 424 -16.94 6.47 5.84
N GLY D 425 -15.75 5.92 6.13
CA GLY D 425 -15.52 5.32 7.44
C GLY D 425 -14.69 6.22 8.33
N LEU D 426 -13.97 5.61 9.26
CA LEU D 426 -13.11 6.36 10.18
C LEU D 426 -12.13 7.27 9.45
N GLU D 427 -11.47 6.76 8.42
CA GLU D 427 -10.44 7.50 7.72
C GLU D 427 -10.88 8.86 7.21
N GLY D 428 -12.18 8.98 6.90
CA GLY D 428 -12.71 10.24 6.41
C GLY D 428 -12.65 11.33 7.45
N LEU D 429 -12.43 10.94 8.71
CA LEU D 429 -12.39 11.90 9.80
C LEU D 429 -10.94 12.11 10.25
N THR D 430 -10.01 11.77 9.36
CA THR D 430 -8.57 11.90 9.60
C THR D 430 -7.89 12.58 8.41
N SER D 431 -6.63 12.97 8.61
CA SER D 431 -5.84 13.67 7.62
C SER D 431 -4.45 13.03 7.55
N LEU D 432 -3.79 13.14 6.39
CA LEU D 432 -2.40 12.70 6.24
C LEU D 432 -1.48 13.90 6.19
N LYS D 433 -0.53 13.99 7.10
CA LYS D 433 0.51 15.03 7.06
C LYS D 433 1.85 14.39 6.74
N TYR D 434 2.81 15.19 6.26
CA TYR D 434 4.15 14.67 6.02
C TYR D 434 5.00 14.67 7.28
N VAL D 435 5.75 13.59 7.51
CA VAL D 435 6.67 13.55 8.64
C VAL D 435 8.07 13.22 8.12
N VAL D 436 9.08 13.89 8.70
CA VAL D 436 10.43 13.73 8.17
C VAL D 436 11.39 13.27 9.28
N LEU D 437 11.97 12.09 9.11
CA LEU D 437 13.02 11.62 9.98
C LEU D 437 14.37 12.09 9.42
N GLY D 438 14.92 13.15 10.00
CA GLY D 438 16.16 13.71 9.48
C GLY D 438 17.35 13.36 10.35
N HIS D 439 18.54 13.76 9.88
CA HIS D 439 19.78 13.47 10.58
C HIS D 439 20.63 14.71 10.67
N GLY D 440 19.99 15.86 10.54
CA GLY D 440 20.69 17.13 10.67
C GLY D 440 20.90 17.79 9.32
N GLU D 441 20.24 17.29 8.29
CA GLU D 441 20.44 17.85 6.95
C GLU D 441 19.98 19.28 6.88
N GLY D 442 20.77 20.10 6.19
CA GLY D 442 20.39 21.47 5.94
C GLY D 442 20.02 21.66 4.49
N ARG D 443 19.30 22.74 4.22
CA ARG D 443 19.04 23.19 2.86
C ARG D 443 18.68 24.68 2.95
#